data_8CV1
#
_entry.id   8CV1
#
_cell.length_a   1.00
_cell.length_b   1.00
_cell.length_c   1.00
_cell.angle_alpha   90.00
_cell.angle_beta   90.00
_cell.angle_gamma   90.00
#
_symmetry.space_group_name_H-M   'P 1'
#
loop_
_entity.id
_entity.type
_entity.pdbx_description
1 polymer 'Polyketide synthase PKS13'
2 non-polymer 'UNKNOWN LIGAND'
3 water water
#
_entity_poly.entity_id   1
_entity_poly.type   'polypeptide(L)'
_entity_poly.pdbx_seq_one_letter_code
;MTVNEMREWLRNWVANATGQSADAIDESTPMVELGLSSRDAVAMASDIEDLTGVTLTATVAFRHPTIESLATVIIEGEPE
PEPYDEDEDWSRTRDVEDIAIVGVATRFPGDLNTPDEMWEALLEGKDCVTDLPEDRWTEFLDEPRIAERVKKARTRGGYL
TDIKGFDSEFFALSKMEADNIDPQQRMALELTWEALEHARIPASSLRGESVGVYIGSSTNDYSFLAMSDPSIAHPYAITG
TASSIIANRVSYFYDFRGPSVAVDTACSSSLVATHQGVQALRAGEADVAIVGGVNALVTPLVTVGFDEVGGVLAPDGRIK
SFSSDADGYARSEGGGMLVLKRISDARRDGDQILAVIAGSAVNHDGRSNGLLAPNPDAQAEVLRKAYKDAGINPRDVDYI
EAHGTGTILGDPIEADALGRIVGKGRPADKPALLGAVKSNLGHLESAAGAASLAKMTLALANDKLPPSINYAGPNPYIDF
EKERLKVNDTVSDWPRYSGKAIAGVSGFGFGGANAHVVMREVLAGDLVEPEPEPEPEAKPEKSEADAVYVGGVRMDEYGE
FIDEDEPAEGGDAYPSYDEDSYELPGITEAAQRLLEQAREELEAKEAEEPTKQLVPLAVSAFLTSRKRQAAAELADWIDS
PEGRASSLESIGRSLSRRNHGRSRAVVLAHDHDEAIKGLRALAEGKQHPSVLSADGPVTNGPVWVLAGFGAQHRKMGKSL
YLRNEVFAEWINKVDALIQDERGYSILELILDDNVDYTDATCEYPIEVVQLVIFAIQIALGELLRHHGAKPAAVVGQSLG
EAAASYFAGGLSLADATRTICSRSHLMGEGEAMLFGEYIRLMALVEYSADEIKTVFSDYPDLEVCVYAAPTQTVIGGPPD
QVDAIIARAESEGKFARKFQTKGASHTQQMDPLLGELAAELQGIEPKPLTTGYFSTVHEGTFIRPGSAPIHDVDYWKKGL
RHSVYFTQGIRNAVDNGHTTFLELAPNPVALMQVGLTTASAGLHDAQLIATLARKQDEVESMISAMAQLYVHGHDLDFRT
LFPRRSKGLAGALDFANIPPTRFKRKEHWLPAHFTGDSSAVMPGNHVATPDGRHVWEFVPRGKTDLAALVKAAAAQVLPD
AKLAAFEQRAVPADNARLVTTLTRHPGGATVQVHARVEESFTLVYDAIVARANGAGVTALPVAVGAGVAVSGDVAGEGAG
ASVIEDDEPDAEILQDNLTAGAGMGADFQKWDPNSGETIGQRLGTIVGAAMGYEPEDLPWEVPLIELGLDSLMAVRIKNR
VEYDFDLPPIQLTAVRDANLYNVEELIRYAIEHRDEVEQIAESQKGKTAEEIAAEQSELLGGASTVAELEAKLAEAGHPL
AAKDSEDSENSEDNAAGAAAAAEASAVEGLEIPPPPTDPTGPGGAPIPPPPSDPSGPAQAASATDAPAGTVNKATAAAAA
AKVLTQEAVTEALGADVPPRDAAERVTFATWAIVTGKSPGGIFNELPTVSEETAKKMAERLSERAEGTITVEDVLGAKTI
EGLATIVREQLEEGVVDGFVRTLRPPKEGSNAVPLFVFHPAGGSTVVYEPLMKRLPADVPVYGLERVEGSIEERAAEYVP
KLLEMHKGPFVLAGWSLGGALAYACAIGLKQSGADVRFVGLIDTVLPGEPIDQSKEGMRARWDRYARFAERTFNVEIPAI
PYEELEKLDDEGQVKYVLEIVKESGVQIPGGIIEHQRTSYLDNRALDTVDIKPYDGHVTLYMADRYHDDAIVFEPAYATR
KPDGGWGSFVSDLEVVHIGGEHIQAIDEPYIAKVGAHMSEALNRIEAQASKEDGAK
;
_entity_poly.pdbx_strand_id   A,B
#
loop_
_chem_comp.id
_chem_comp.type
_chem_comp.name
_chem_comp.formula
UNL non-polymer 'UNKNOWN LIGAND' ?
#
# COMPACT_ATOMS: atom_id res chain seq x y z
N MET A 1 -52.12 19.87 1.41
CA MET A 1 -51.00 20.07 2.32
C MET A 1 -49.74 19.48 1.70
N THR A 2 -49.01 20.31 0.96
CA THR A 2 -47.80 19.85 0.29
C THR A 2 -46.63 19.77 1.29
N VAL A 3 -45.42 19.61 0.75
CA VAL A 3 -44.25 19.39 1.60
C VAL A 3 -44.04 20.54 2.58
N ASN A 4 -44.13 21.78 2.09
CA ASN A 4 -43.86 22.87 3.02
C ASN A 4 -45.02 23.09 3.97
N GLU A 5 -46.25 22.89 3.50
CA GLU A 5 -47.41 22.92 4.39
C GLU A 5 -47.28 21.90 5.50
N MET A 6 -46.65 20.77 5.22
CA MET A 6 -46.28 19.82 6.25
C MET A 6 -44.96 20.17 6.92
N ARG A 7 -44.19 21.08 6.32
CA ARG A 7 -42.84 21.39 6.79
C ARG A 7 -42.85 22.40 7.94
N GLU A 8 -43.94 23.12 8.13
CA GLU A 8 -43.95 24.11 9.20
C GLU A 8 -44.54 23.53 10.47
N TRP A 9 -45.57 22.69 10.37
CA TRP A 9 -46.09 22.09 11.60
C TRP A 9 -45.03 21.23 12.25
N LEU A 10 -44.27 20.48 11.46
CA LEU A 10 -43.07 19.83 11.98
C LEU A 10 -42.18 20.83 12.67
N ARG A 11 -41.88 21.93 11.98
CA ARG A 11 -41.20 23.04 12.63
C ARG A 11 -42.05 23.62 13.74
N ASN A 12 -43.38 23.59 13.59
CA ASN A 12 -44.25 24.05 14.66
C ASN A 12 -44.23 23.07 15.83
N TRP A 13 -44.60 21.81 15.57
CA TRP A 13 -44.69 20.86 16.67
C TRP A 13 -43.35 20.67 17.35
N VAL A 14 -42.26 20.51 16.59
CA VAL A 14 -40.96 20.40 17.21
C VAL A 14 -40.69 21.61 18.09
N ALA A 15 -41.13 22.79 17.65
CA ALA A 15 -41.20 23.93 18.54
C ALA A 15 -42.19 23.71 19.68
N ASN A 16 -43.33 23.09 19.37
CA ASN A 16 -44.30 22.78 20.41
C ASN A 16 -43.70 21.85 21.45
N ALA A 17 -42.86 20.91 21.01
CA ALA A 17 -42.16 20.01 21.90
C ALA A 17 -40.84 20.57 22.43
N THR A 18 -40.42 21.74 21.97
CA THR A 18 -39.15 22.32 22.43
C THR A 18 -39.20 23.80 22.76
N GLY A 19 -40.35 24.46 22.60
CA GLY A 19 -40.48 25.86 22.96
C GLY A 19 -39.57 26.82 22.21
N GLN A 20 -39.49 26.65 20.91
CA GLN A 20 -38.72 27.51 20.02
C GLN A 20 -39.67 28.18 19.04
N SER A 21 -39.17 29.14 18.28
CA SER A 21 -40.08 29.90 17.42
C SER A 21 -40.60 29.02 16.28
N ALA A 22 -41.42 29.64 15.44
CA ALA A 22 -42.04 28.90 14.34
C ALA A 22 -41.00 28.38 13.36
N ASP A 23 -40.02 29.20 13.00
CA ASP A 23 -39.01 28.84 12.00
C ASP A 23 -37.60 28.75 12.56
N ALA A 24 -37.41 28.87 13.88
CA ALA A 24 -36.07 28.73 14.44
C ALA A 24 -35.47 27.35 14.16
N ILE A 25 -36.30 26.33 14.01
CA ILE A 25 -35.81 24.99 13.77
C ILE A 25 -35.02 24.94 12.46
N ASP A 26 -34.07 24.02 12.41
CA ASP A 26 -33.24 23.80 11.24
C ASP A 26 -33.56 22.44 10.63
N GLU A 27 -33.64 22.39 9.31
CA GLU A 27 -33.97 21.16 8.59
C GLU A 27 -32.74 20.36 8.16
N SER A 28 -31.55 20.78 8.56
CA SER A 28 -30.30 20.12 8.20
C SER A 28 -29.63 19.54 9.43
N THR A 29 -30.41 18.89 10.28
CA THR A 29 -29.93 18.28 11.51
C THR A 29 -30.96 17.32 12.08
N PRO A 30 -30.53 16.22 12.71
CA PRO A 30 -31.50 15.27 13.26
C PRO A 30 -32.35 15.91 14.35
N MET A 31 -33.64 15.59 14.30
CA MET A 31 -34.57 16.17 15.26
C MET A 31 -34.24 15.77 16.70
N VAL A 32 -33.74 14.55 16.89
CA VAL A 32 -33.35 14.11 18.22
C VAL A 32 -32.26 15.01 18.79
N GLU A 33 -31.36 15.48 17.93
CA GLU A 33 -30.29 16.37 18.36
C GLU A 33 -30.78 17.72 18.83
N LEU A 34 -32.03 18.09 18.55
CA LEU A 34 -32.60 19.35 19.00
C LEU A 34 -33.24 19.25 20.38
N GLY A 35 -32.78 18.33 21.21
CA GLY A 35 -33.43 18.10 22.49
C GLY A 35 -34.68 17.28 22.40
N LEU A 36 -34.89 16.57 21.30
CA LEU A 36 -36.07 15.76 21.10
C LEU A 36 -35.78 14.31 21.48
N SER A 37 -36.73 13.70 22.18
CA SER A 37 -36.57 12.34 22.66
C SER A 37 -37.47 11.42 21.84
N SER A 38 -37.20 10.11 21.96
CA SER A 38 -38.01 9.14 21.24
C SER A 38 -39.38 8.95 21.86
N ARG A 39 -39.57 9.43 23.10
CA ARG A 39 -40.88 9.29 23.74
C ARG A 39 -41.96 10.03 22.96
N ASP A 40 -41.65 11.23 22.48
CA ASP A 40 -42.60 11.96 21.67
C ASP A 40 -42.75 11.37 20.27
N ALA A 41 -41.79 10.53 19.83
CA ALA A 41 -41.89 9.91 18.52
C ALA A 41 -43.16 9.08 18.41
N VAL A 42 -43.39 8.17 19.36
CA VAL A 42 -44.62 7.42 19.37
C VAL A 42 -45.81 8.36 19.54
N ALA A 43 -45.63 9.46 20.27
CA ALA A 43 -46.67 10.47 20.33
C ALA A 43 -46.86 11.13 18.98
N MET A 44 -45.78 11.26 18.21
CA MET A 44 -45.89 11.80 16.86
C MET A 44 -46.43 10.78 15.88
N ALA A 45 -46.32 9.49 16.22
CA ALA A 45 -46.75 8.43 15.31
C ALA A 45 -48.21 8.65 14.93
N SER A 46 -49.08 8.86 15.92
CA SER A 46 -50.47 9.15 15.61
C SER A 46 -50.62 10.51 14.93
N ASP A 47 -49.89 11.52 15.41
CA ASP A 47 -50.05 12.88 14.91
C ASP A 47 -49.97 12.93 13.38
N ILE A 48 -48.97 12.29 12.81
CA ILE A 48 -48.87 12.24 11.35
C ILE A 48 -50.06 11.47 10.75
N GLU A 49 -50.48 10.38 11.40
CA GLU A 49 -51.62 9.63 10.88
C GLU A 49 -52.91 10.45 10.94
N ASP A 50 -53.22 11.02 12.09
CA ASP A 50 -54.44 11.82 12.18
C ASP A 50 -54.37 13.03 11.28
N LEU A 51 -53.22 13.70 11.25
CA LEU A 51 -53.06 14.85 10.37
C LEU A 51 -53.02 14.43 8.90
N THR A 52 -52.21 13.42 8.57
CA THR A 52 -52.13 12.95 7.20
C THR A 52 -52.61 11.51 7.02
N GLY A 53 -52.04 10.54 7.73
CA GLY A 53 -52.41 9.16 7.55
C GLY A 53 -51.23 8.24 7.36
N VAL A 54 -50.15 8.73 6.76
CA VAL A 54 -48.94 7.93 6.59
C VAL A 54 -48.33 7.65 7.95
N THR A 55 -47.89 6.42 8.15
CA THR A 55 -47.31 5.96 9.41
C THR A 55 -45.80 5.88 9.30
N LEU A 56 -45.08 6.43 10.29
CA LEU A 56 -43.63 6.40 10.28
C LEU A 56 -43.13 5.13 10.96
N THR A 57 -42.26 4.40 10.28
CA THR A 57 -41.64 3.25 10.90
C THR A 57 -40.31 3.70 11.53
N ALA A 58 -39.75 2.83 12.36
CA ALA A 58 -38.49 3.17 13.01
C ALA A 58 -37.39 3.40 12.00
N THR A 59 -37.27 2.52 11.00
CA THR A 59 -36.21 2.64 10.01
C THR A 59 -36.36 3.91 9.17
N VAL A 60 -37.58 4.23 8.73
CA VAL A 60 -37.77 5.44 7.93
C VAL A 60 -37.59 6.67 8.81
N ALA A 61 -38.07 6.62 10.05
CA ALA A 61 -37.91 7.75 10.97
C ALA A 61 -36.52 7.80 11.56
N PHE A 62 -35.59 7.03 11.02
CA PHE A 62 -34.20 7.01 11.40
C PHE A 62 -33.27 7.38 10.27
N ARG A 63 -33.53 6.88 9.07
CA ARG A 63 -32.73 7.24 7.92
C ARG A 63 -33.02 8.66 7.45
N HIS A 64 -34.07 9.28 7.99
CA HIS A 64 -34.44 10.66 7.67
C HIS A 64 -34.60 11.42 8.98
N PRO A 65 -33.50 11.66 9.69
CA PRO A 65 -33.61 12.36 10.98
C PRO A 65 -33.79 13.86 10.86
N THR A 66 -33.64 14.45 9.67
CA THR A 66 -33.77 15.88 9.50
C THR A 66 -35.25 16.26 9.35
N ILE A 67 -35.52 17.56 9.42
CA ILE A 67 -36.88 18.03 9.25
C ILE A 67 -37.27 18.05 7.78
N GLU A 68 -36.42 18.60 6.93
CA GLU A 68 -36.73 18.68 5.51
C GLU A 68 -36.91 17.29 4.91
N SER A 69 -36.04 16.34 5.26
CA SER A 69 -36.24 14.98 4.79
C SER A 69 -37.48 14.38 5.42
N LEU A 70 -37.73 14.69 6.69
CA LEU A 70 -38.93 14.16 7.32
C LEU A 70 -40.18 14.73 6.66
N ALA A 71 -40.18 16.03 6.38
CA ALA A 71 -41.35 16.63 5.76
C ALA A 71 -41.64 16.01 4.39
N THR A 72 -40.60 15.78 3.59
CA THR A 72 -40.85 15.20 2.26
C THR A 72 -41.22 13.72 2.36
N VAL A 73 -40.58 12.96 3.25
CA VAL A 73 -40.85 11.53 3.33
C VAL A 73 -42.30 11.28 3.76
N ILE A 74 -42.91 12.21 4.47
CA ILE A 74 -44.31 12.00 4.83
C ILE A 74 -45.20 12.34 3.65
N ILE A 75 -44.97 13.50 3.04
CA ILE A 75 -45.76 13.91 1.89
C ILE A 75 -45.56 12.94 0.73
N GLU A 76 -44.32 12.84 0.25
CA GLU A 76 -44.03 11.96 -0.87
C GLU A 76 -43.87 10.51 -0.44
N GLY A 77 -42.88 10.24 0.38
CA GLY A 77 -42.70 8.93 0.96
C GLY A 77 -41.67 8.09 0.23
N GLU A 78 -40.44 8.10 0.76
CA GLU A 78 -39.28 7.35 0.29
C GLU A 78 -39.34 7.20 -1.23
N PRO A 79 -39.47 8.29 -2.00
CA PRO A 79 -39.60 8.12 -3.45
C PRO A 79 -38.27 8.07 -4.18
N GLU A 80 -37.17 7.80 -3.46
CA GLU A 80 -35.89 7.90 -4.15
C GLU A 80 -35.19 6.54 -4.23
N PRO A 81 -35.74 5.56 -4.98
CA PRO A 81 -34.97 4.33 -5.23
C PRO A 81 -34.08 4.57 -6.44
N GLU A 82 -32.78 4.60 -6.20
CA GLU A 82 -31.88 4.92 -7.28
C GLU A 82 -31.79 3.72 -8.23
N PRO A 83 -31.69 3.94 -9.53
CA PRO A 83 -31.61 2.82 -10.46
C PRO A 83 -30.29 2.08 -10.32
N TYR A 84 -30.31 0.83 -10.74
CA TYR A 84 -29.17 -0.06 -10.70
C TYR A 84 -28.62 -0.27 -12.10
N ASP A 85 -27.33 -0.02 -12.29
CA ASP A 85 -26.73 -0.28 -13.59
C ASP A 85 -26.50 -1.77 -13.66
N GLU A 86 -27.36 -2.48 -14.36
CA GLU A 86 -27.27 -3.92 -14.36
C GLU A 86 -26.09 -4.41 -15.18
N ASP A 87 -25.43 -3.53 -15.96
CA ASP A 87 -24.39 -3.96 -16.90
C ASP A 87 -23.00 -3.43 -16.55
N GLU A 88 -22.77 -3.00 -15.32
CA GLU A 88 -21.46 -2.42 -15.02
C GLU A 88 -20.38 -3.49 -15.15
N ASP A 89 -19.21 -3.07 -15.64
CA ASP A 89 -18.05 -3.94 -15.81
C ASP A 89 -17.22 -3.96 -14.54
N TRP A 90 -17.16 -5.13 -13.90
CA TRP A 90 -16.38 -5.31 -12.69
C TRP A 90 -15.14 -6.14 -12.92
N SER A 91 -14.47 -5.97 -14.06
CA SER A 91 -13.26 -6.71 -14.33
C SER A 91 -12.03 -5.91 -13.93
N ARG A 92 -10.91 -6.62 -13.80
CA ARG A 92 -9.67 -6.00 -13.38
C ARG A 92 -9.09 -5.13 -14.49
N THR A 93 -8.67 -3.92 -14.13
CA THR A 93 -8.01 -3.05 -15.09
C THR A 93 -6.50 -3.23 -15.13
N ARG A 94 -5.90 -3.76 -14.06
CA ARG A 94 -4.47 -4.01 -14.00
C ARG A 94 -4.22 -5.51 -14.02
N ASP A 95 -3.18 -5.93 -14.71
CA ASP A 95 -2.82 -7.34 -14.75
C ASP A 95 -2.06 -7.70 -13.49
N VAL A 96 -2.78 -8.23 -12.50
CA VAL A 96 -2.21 -8.58 -11.21
C VAL A 96 -2.58 -10.01 -10.91
N GLU A 97 -1.91 -10.58 -9.91
CA GLU A 97 -2.05 -11.97 -9.56
C GLU A 97 -2.77 -12.15 -8.23
N ASP A 98 -3.53 -13.23 -8.11
CA ASP A 98 -4.21 -13.54 -6.88
C ASP A 98 -3.24 -14.03 -5.81
N ILE A 99 -3.62 -13.86 -4.56
CA ILE A 99 -2.78 -14.16 -3.42
C ILE A 99 -3.35 -15.38 -2.70
N ALA A 100 -2.48 -16.31 -2.34
CA ALA A 100 -2.88 -17.53 -1.67
C ALA A 100 -2.59 -17.45 -0.18
N ILE A 101 -3.52 -17.94 0.62
CA ILE A 101 -3.34 -18.08 2.06
C ILE A 101 -2.95 -19.53 2.33
N VAL A 102 -1.80 -19.74 2.94
CA VAL A 102 -1.29 -21.08 3.16
C VAL A 102 -1.06 -21.41 4.62
N GLY A 103 -1.30 -20.49 5.54
CA GLY A 103 -1.06 -20.76 6.95
C GLY A 103 -1.81 -19.80 7.84
N VAL A 104 -2.26 -20.30 8.98
CA VAL A 104 -3.03 -19.53 9.95
C VAL A 104 -2.57 -19.88 11.36
N ALA A 105 -2.44 -18.87 12.22
CA ALA A 105 -2.14 -19.06 13.62
C ALA A 105 -3.05 -18.17 14.45
N THR A 106 -3.38 -18.61 15.67
CA THR A 106 -4.41 -17.96 16.47
C THR A 106 -4.05 -17.96 17.95
N ARG A 107 -4.18 -16.80 18.59
CA ARG A 107 -4.29 -16.65 20.04
C ARG A 107 -5.57 -15.87 20.31
N PHE A 108 -6.65 -16.55 20.63
CA PHE A 108 -7.91 -15.84 20.83
C PHE A 108 -8.53 -16.27 22.14
N PRO A 109 -9.38 -15.43 22.72
CA PRO A 109 -9.99 -15.77 24.01
C PRO A 109 -10.76 -17.08 23.92
N GLY A 110 -10.83 -17.76 25.05
CA GLY A 110 -11.44 -19.06 25.09
C GLY A 110 -10.50 -20.20 24.79
N ASP A 111 -9.19 -19.96 24.89
CA ASP A 111 -8.17 -20.97 24.61
C ASP A 111 -8.31 -21.53 23.20
N LEU A 112 -8.34 -20.63 22.22
CA LEU A 112 -8.40 -21.00 20.81
C LEU A 112 -7.00 -20.79 20.25
N ASN A 113 -6.13 -21.77 20.46
CA ASN A 113 -4.72 -21.64 20.12
C ASN A 113 -4.33 -22.34 18.84
N THR A 114 -5.26 -22.99 18.16
CA THR A 114 -4.98 -23.61 16.88
C THR A 114 -6.18 -23.36 15.97
N PRO A 115 -5.98 -23.39 14.66
CA PRO A 115 -7.13 -23.25 13.76
C PRO A 115 -8.19 -24.31 14.00
N ASP A 116 -7.79 -25.54 14.31
CA ASP A 116 -8.79 -26.58 14.55
C ASP A 116 -9.63 -26.26 15.78
N GLU A 117 -8.99 -25.81 16.86
CA GLU A 117 -9.74 -25.42 18.05
C GLU A 117 -10.69 -24.27 17.73
N MET A 118 -10.22 -23.29 16.97
CA MET A 118 -11.07 -22.15 16.61
C MET A 118 -12.26 -22.59 15.78
N TRP A 119 -12.05 -23.49 14.85
CA TRP A 119 -13.16 -23.96 14.01
C TRP A 119 -14.20 -24.69 14.83
N GLU A 120 -13.76 -25.54 15.75
CA GLU A 120 -14.72 -26.25 16.60
C GLU A 120 -15.55 -25.27 17.43
N ALA A 121 -14.89 -24.28 18.01
CA ALA A 121 -15.62 -23.31 18.83
C ALA A 121 -16.62 -22.53 17.99
N LEU A 122 -16.25 -22.13 16.77
CA LEU A 122 -17.16 -21.36 15.93
C LEU A 122 -18.39 -22.17 15.56
N LEU A 123 -18.21 -23.43 15.18
CA LEU A 123 -19.36 -24.27 14.85
C LEU A 123 -20.28 -24.44 16.05
N GLU A 124 -19.72 -24.49 17.25
CA GLU A 124 -20.51 -24.63 18.46
C GLU A 124 -21.20 -23.34 18.88
N GLY A 125 -20.83 -22.20 18.31
CA GLY A 125 -21.37 -20.95 18.78
C GLY A 125 -20.89 -20.60 20.18
N LYS A 126 -19.60 -20.76 20.44
CA LYS A 126 -19.05 -20.55 21.76
C LYS A 126 -18.94 -19.06 22.06
N ASP A 127 -19.27 -18.71 23.31
CA ASP A 127 -19.11 -17.35 23.81
C ASP A 127 -17.84 -17.30 24.65
N CYS A 128 -16.85 -16.54 24.19
CA CYS A 128 -15.55 -16.51 24.83
C CYS A 128 -15.32 -15.32 25.75
N VAL A 129 -16.35 -14.53 26.01
CA VAL A 129 -16.20 -13.40 26.93
C VAL A 129 -16.36 -13.88 28.35
N THR A 130 -15.54 -13.36 29.26
CA THR A 130 -15.53 -13.78 30.65
C THR A 130 -15.20 -12.59 31.53
N ASP A 131 -15.34 -12.81 32.83
CA ASP A 131 -14.97 -11.79 33.80
C ASP A 131 -13.46 -11.66 33.89
N LEU A 132 -13.02 -10.57 34.50
CA LEU A 132 -11.60 -10.31 34.64
C LEU A 132 -10.96 -11.37 35.52
N PRO A 133 -9.89 -12.02 35.07
CA PRO A 133 -9.21 -13.00 35.91
C PRO A 133 -8.68 -12.37 37.19
N GLU A 134 -8.63 -13.17 38.25
CA GLU A 134 -8.19 -12.67 39.55
C GLU A 134 -6.74 -12.21 39.53
N ASP A 135 -5.94 -12.76 38.63
CA ASP A 135 -4.51 -12.48 38.62
C ASP A 135 -4.12 -11.34 37.70
N ARG A 136 -5.07 -10.68 37.06
CA ARG A 136 -4.77 -9.63 36.11
C ARG A 136 -4.96 -8.26 36.74
N TRP A 137 -4.11 -7.32 36.36
CA TRP A 137 -4.14 -5.92 36.79
C TRP A 137 -3.81 -5.75 38.27
N THR A 138 -3.27 -6.77 38.92
CA THR A 138 -3.00 -6.66 40.35
C THR A 138 -1.97 -5.60 40.67
N GLU A 139 -1.19 -5.15 39.69
CA GLU A 139 -0.24 -4.07 39.94
C GLU A 139 -0.94 -2.78 40.30
N PHE A 140 -2.21 -2.64 39.94
CA PHE A 140 -2.94 -1.40 40.15
C PHE A 140 -3.99 -1.50 41.24
N LEU A 141 -4.51 -2.68 41.49
CA LEU A 141 -5.57 -2.86 42.47
C LEU A 141 -5.06 -2.79 43.90
N ASP A 142 -3.82 -2.35 44.10
CA ASP A 142 -3.27 -2.10 45.41
C ASP A 142 -3.31 -0.63 45.81
N GLU A 143 -4.13 0.17 45.13
CA GLU A 143 -4.32 1.56 45.50
C GLU A 143 -5.82 1.81 45.50
N PRO A 144 -6.39 2.27 46.60
CA PRO A 144 -7.86 2.39 46.69
C PRO A 144 -8.49 3.24 45.60
N ARG A 145 -7.84 4.32 45.17
CA ARG A 145 -8.47 5.19 44.19
C ARG A 145 -8.68 4.44 42.88
N ILE A 146 -7.62 3.84 42.33
CA ILE A 146 -7.75 3.08 41.10
C ILE A 146 -8.61 1.84 41.32
N ALA A 147 -8.48 1.22 42.49
CA ALA A 147 -9.25 0.02 42.78
C ALA A 147 -10.75 0.27 42.69
N GLU A 148 -11.22 1.33 43.35
CA GLU A 148 -12.66 1.58 43.32
C GLU A 148 -13.11 2.08 41.96
N ARG A 149 -12.23 2.78 41.25
CA ARG A 149 -12.58 3.22 39.90
C ARG A 149 -12.64 2.03 38.94
N VAL A 150 -11.75 1.06 39.12
CA VAL A 150 -11.77 -0.12 38.26
C VAL A 150 -12.98 -0.98 38.57
N LYS A 151 -13.29 -1.15 39.85
CA LYS A 151 -14.43 -1.96 40.23
C LYS A 151 -15.73 -1.40 39.69
N LYS A 152 -15.78 -0.10 39.44
CA LYS A 152 -16.95 0.53 38.86
C LYS A 152 -17.06 0.32 37.35
N ALA A 153 -15.97 -0.02 36.68
CA ALA A 153 -15.96 -0.21 35.24
C ALA A 153 -16.54 -1.57 34.87
N ARG A 154 -16.80 -1.73 33.57
CA ARG A 154 -17.38 -2.99 33.09
C ARG A 154 -16.42 -4.16 33.30
N THR A 155 -15.27 -4.14 32.63
CA THR A 155 -14.11 -4.99 32.83
C THR A 155 -14.31 -6.40 32.27
N ARG A 156 -15.49 -6.76 31.79
CA ARG A 156 -15.65 -8.04 31.14
C ARG A 156 -15.09 -7.99 29.73
N GLY A 157 -14.56 -9.11 29.28
CA GLY A 157 -13.97 -9.14 27.96
C GLY A 157 -13.34 -10.48 27.69
N GLY A 158 -12.64 -10.56 26.56
CA GLY A 158 -11.94 -11.77 26.19
C GLY A 158 -10.49 -11.72 26.60
N TYR A 159 -10.11 -12.52 27.58
CA TYR A 159 -8.78 -12.50 28.15
C TYR A 159 -8.06 -13.81 27.85
N LEU A 160 -6.75 -13.74 27.82
CA LEU A 160 -5.94 -14.92 27.64
C LEU A 160 -5.73 -15.62 28.96
N THR A 161 -5.32 -16.88 28.88
CA THR A 161 -5.15 -17.71 30.07
C THR A 161 -3.75 -17.60 30.66
N ASP A 162 -2.73 -17.50 29.82
CA ASP A 162 -1.35 -17.40 30.29
C ASP A 162 -0.69 -16.31 29.46
N ILE A 163 -0.71 -15.09 29.99
CA ILE A 163 -0.10 -13.97 29.30
C ILE A 163 1.32 -13.71 29.78
N LYS A 164 1.69 -14.20 30.96
CA LYS A 164 3.03 -13.99 31.47
C LYS A 164 4.00 -15.06 31.01
N GLY A 165 3.52 -16.13 30.40
CA GLY A 165 4.39 -17.20 29.99
C GLY A 165 5.18 -16.84 28.75
N PHE A 166 6.39 -17.38 28.68
CA PHE A 166 7.25 -17.17 27.51
C PHE A 166 8.43 -18.12 27.52
N ASP A 167 8.65 -18.82 26.43
CA ASP A 167 9.84 -19.67 26.30
C ASP A 167 11.01 -18.78 25.90
N SER A 168 11.64 -18.18 26.90
CA SER A 168 12.78 -17.31 26.62
C SER A 168 13.95 -18.09 26.05
N GLU A 169 14.15 -19.32 26.52
CA GLU A 169 15.26 -20.12 26.05
C GLU A 169 15.13 -20.44 24.57
N PHE A 170 13.92 -20.78 24.13
CA PHE A 170 13.68 -21.09 22.73
C PHE A 170 14.04 -19.92 21.83
N PHE A 171 13.68 -18.71 22.26
CA PHE A 171 13.90 -17.51 21.47
C PHE A 171 15.20 -16.81 21.84
N ALA A 172 16.06 -17.46 22.63
CA ALA A 172 17.41 -16.97 22.90
C ALA A 172 17.39 -15.57 23.51
N LEU A 173 16.79 -15.48 24.68
CA LEU A 173 16.68 -14.22 25.40
C LEU A 173 17.08 -14.45 26.84
N SER A 174 17.78 -13.47 27.40
CA SER A 174 18.16 -13.54 28.79
C SER A 174 16.97 -13.20 29.67
N LYS A 175 17.08 -13.54 30.95
CA LYS A 175 15.96 -13.31 31.86
C LYS A 175 15.61 -11.83 31.94
N MET A 176 16.61 -10.98 32.06
CA MET A 176 16.33 -9.56 32.20
C MET A 176 15.74 -9.00 30.91
N GLU A 177 16.22 -9.47 29.76
CA GLU A 177 15.64 -9.05 28.50
C GLU A 177 14.22 -9.58 28.33
N ALA A 178 13.99 -10.84 28.69
CA ALA A 178 12.66 -11.42 28.52
C ALA A 178 11.64 -10.78 29.44
N ASP A 179 12.06 -10.30 30.61
CA ASP A 179 11.13 -9.67 31.52
C ASP A 179 10.64 -8.33 31.01
N ASN A 180 11.37 -7.71 30.10
CA ASN A 180 11.07 -6.37 29.65
C ASN A 180 10.42 -6.35 28.28
N ILE A 181 9.96 -7.47 27.77
CA ILE A 181 9.40 -7.57 26.43
C ILE A 181 7.88 -7.53 26.51
N ASP A 182 7.29 -6.65 25.72
CA ASP A 182 5.84 -6.53 25.65
C ASP A 182 5.24 -7.87 25.22
N PRO A 183 4.13 -8.30 25.81
CA PRO A 183 3.49 -9.53 25.33
C PRO A 183 3.09 -9.47 23.88
N GLN A 184 2.94 -8.27 23.31
CA GLN A 184 2.64 -8.17 21.89
C GLN A 184 3.76 -8.75 21.06
N GLN A 185 5.01 -8.43 21.42
CA GLN A 185 6.15 -9.00 20.72
C GLN A 185 6.22 -10.50 20.91
N ARG A 186 5.93 -10.98 22.12
CA ARG A 186 5.90 -12.42 22.37
C ARG A 186 4.91 -13.13 21.47
N MET A 187 3.70 -12.58 21.35
CA MET A 187 2.71 -13.20 20.47
C MET A 187 3.19 -13.25 19.04
N ALA A 188 3.83 -12.17 18.57
CA ALA A 188 4.30 -12.13 17.20
C ALA A 188 5.29 -13.25 16.93
N LEU A 189 6.24 -13.45 17.83
CA LEU A 189 7.21 -14.53 17.66
C LEU A 189 6.50 -15.87 17.63
N GLU A 190 5.68 -16.14 18.63
CA GLU A 190 5.03 -17.45 18.72
C GLU A 190 4.09 -17.70 17.56
N LEU A 191 3.33 -16.69 17.14
CA LEU A 191 2.38 -16.88 16.06
C LEU A 191 3.08 -17.13 14.74
N THR A 192 4.21 -16.47 14.51
CA THR A 192 4.97 -16.72 13.29
C THR A 192 5.41 -18.17 13.22
N TRP A 193 5.94 -18.70 14.32
CA TRP A 193 6.35 -20.10 14.32
C TRP A 193 5.17 -21.00 14.01
N GLU A 194 4.06 -20.78 14.69
CA GLU A 194 2.90 -21.64 14.52
C GLU A 194 2.34 -21.56 13.11
N ALA A 195 2.30 -20.37 12.53
CA ALA A 195 1.76 -20.23 11.19
C ALA A 195 2.61 -20.96 10.17
N LEU A 196 3.93 -20.83 10.26
CA LEU A 196 4.79 -21.55 9.32
C LEU A 196 4.69 -23.05 9.52
N GLU A 197 4.48 -23.49 10.75
CA GLU A 197 4.29 -24.91 11.00
C GLU A 197 2.97 -25.40 10.42
N HIS A 198 1.93 -24.57 10.52
CA HIS A 198 0.65 -24.92 9.93
C HIS A 198 0.72 -24.98 8.42
N ALA A 199 1.50 -24.09 7.83
CA ALA A 199 1.70 -24.05 6.39
C ALA A 199 2.64 -25.13 5.88
N ARG A 200 3.31 -25.86 6.78
CA ARG A 200 4.23 -26.91 6.38
C ARG A 200 5.39 -26.35 5.58
N ILE A 201 5.85 -25.18 5.97
CA ILE A 201 7.05 -24.54 5.43
C ILE A 201 8.10 -24.54 6.54
N PRO A 202 9.19 -25.30 6.40
CA PRO A 202 10.23 -25.24 7.42
C PRO A 202 10.76 -23.83 7.57
N ALA A 203 10.83 -23.37 8.81
CA ALA A 203 11.34 -22.03 9.07
C ALA A 203 12.78 -21.89 8.60
N SER A 204 13.56 -22.96 8.70
CA SER A 204 14.95 -22.91 8.28
C SER A 204 15.10 -22.67 6.80
N SER A 205 14.10 -23.02 6.00
CA SER A 205 14.17 -22.83 4.55
C SER A 205 13.99 -21.38 4.15
N LEU A 206 13.48 -20.54 5.03
CA LEU A 206 13.19 -19.16 4.70
C LEU A 206 14.25 -18.19 5.20
N ARG A 207 15.32 -18.69 5.79
CA ARG A 207 16.35 -17.80 6.31
C ARG A 207 17.11 -17.15 5.18
N GLY A 208 17.20 -15.83 5.20
CA GLY A 208 17.86 -15.11 4.13
C GLY A 208 16.97 -14.77 2.97
N GLU A 209 15.71 -15.19 3.00
CA GLU A 209 14.81 -14.96 1.88
C GLU A 209 14.04 -13.66 2.05
N SER A 210 13.47 -13.19 0.96
CA SER A 210 12.73 -11.94 0.92
C SER A 210 11.32 -12.18 1.44
N VAL A 211 11.19 -12.19 2.76
CA VAL A 211 9.92 -12.36 3.45
C VAL A 211 9.56 -11.06 4.12
N GLY A 212 8.37 -10.54 3.84
CA GLY A 212 7.90 -9.33 4.47
C GLY A 212 7.09 -9.62 5.71
N VAL A 213 7.10 -8.67 6.65
CA VAL A 213 6.37 -8.79 7.90
C VAL A 213 5.60 -7.50 8.11
N TYR A 214 4.28 -7.58 8.09
CA TYR A 214 3.39 -6.44 8.34
C TYR A 214 2.45 -6.79 9.47
N ILE A 215 2.62 -6.13 10.61
CA ILE A 215 1.83 -6.42 11.80
C ILE A 215 1.18 -5.15 12.29
N GLY A 216 -0.09 -5.23 12.66
CA GLY A 216 -0.83 -4.09 13.15
C GLY A 216 -0.92 -4.08 14.67
N SER A 217 -0.85 -2.96 15.26
CA SER A 217 -1.03 -2.87 16.67
C SER A 217 -1.28 -1.51 17.03
N SER A 218 -1.99 -1.27 18.10
CA SER A 218 -2.24 0.07 18.44
C SER A 218 -2.08 0.58 19.81
N THR A 219 -1.44 -0.10 20.74
CA THR A 219 -1.24 0.49 22.04
C THR A 219 0.00 -0.02 22.60
N ASN A 220 0.83 0.82 23.13
CA ASN A 220 2.06 0.43 23.83
C ASN A 220 1.72 0.46 25.30
N ASP A 221 1.05 -0.59 25.75
CA ASP A 221 0.50 -0.61 27.09
C ASP A 221 1.49 -1.18 28.09
N TYR A 222 2.37 -2.07 27.66
CA TYR A 222 3.41 -2.56 28.54
C TYR A 222 4.40 -1.46 28.92
N SER A 223 4.46 -0.38 28.14
CA SER A 223 5.33 0.72 28.49
C SER A 223 4.95 1.34 29.82
N PHE A 224 3.66 1.37 30.13
CA PHE A 224 3.22 2.02 31.35
C PHE A 224 3.76 1.29 32.57
N LEU A 225 3.83 -0.04 32.51
CA LEU A 225 4.39 -0.80 33.62
C LEU A 225 5.83 -0.38 33.87
N ALA A 226 6.57 -0.09 32.81
CA ALA A 226 7.97 0.29 32.96
C ALA A 226 8.13 1.68 33.54
N MET A 227 7.09 2.50 33.51
CA MET A 227 7.13 3.82 34.10
C MET A 227 6.68 3.83 35.56
N SER A 228 6.38 2.67 36.14
CA SER A 228 6.04 2.63 37.56
C SER A 228 7.09 3.34 38.41
N ASP A 229 8.37 3.07 38.17
CA ASP A 229 9.45 3.83 38.77
C ASP A 229 10.33 4.47 37.70
N PRO A 230 10.10 5.74 37.37
CA PRO A 230 10.90 6.40 36.32
C PRO A 230 12.40 6.47 36.57
N SER A 231 12.96 5.51 37.31
CA SER A 231 14.39 5.47 37.57
C SER A 231 14.84 4.01 37.59
N ILE A 232 14.00 3.15 38.17
CA ILE A 232 14.29 1.73 38.25
C ILE A 232 14.12 1.05 36.90
N ALA A 233 13.51 1.74 35.94
CA ALA A 233 13.23 1.16 34.64
C ALA A 233 14.53 0.88 33.89
N HIS A 234 14.62 -0.26 33.34
CA HIS A 234 15.82 -0.73 32.68
C HIS A 234 15.83 -0.32 31.22
N PRO A 235 17.02 -0.04 30.66
CA PRO A 235 17.07 0.36 29.25
C PRO A 235 16.55 -0.70 28.31
N TYR A 236 16.44 -1.96 28.73
CA TYR A 236 15.84 -2.96 27.87
C TYR A 236 14.40 -2.62 27.53
N ALA A 237 13.75 -1.78 28.32
CA ALA A 237 12.37 -1.44 28.04
C ALA A 237 12.22 -0.71 26.73
N ILE A 238 13.27 0.00 26.29
CA ILE A 238 13.16 0.75 25.03
C ILE A 238 12.89 -0.19 23.86
N THR A 239 13.70 -1.23 23.72
CA THR A 239 13.46 -2.21 22.67
C THR A 239 12.32 -3.15 23.01
N GLY A 240 12.08 -3.39 24.29
CA GLY A 240 11.06 -4.34 24.69
C GLY A 240 9.66 -3.85 24.43
N THR A 241 9.45 -2.54 24.45
CA THR A 241 8.11 -1.97 24.34
C THR A 241 7.93 -1.01 23.17
N ALA A 242 8.87 -0.97 22.23
CA ALA A 242 8.70 -0.16 21.04
C ALA A 242 7.84 -0.87 20.02
N SER A 243 6.93 -0.13 19.39
CA SER A 243 6.01 -0.72 18.43
C SER A 243 6.75 -1.27 17.22
N SER A 244 7.72 -0.54 16.70
CA SER A 244 8.44 -1.00 15.52
C SER A 244 9.09 -2.36 15.75
N ILE A 245 9.53 -2.63 16.97
CA ILE A 245 10.23 -3.87 17.25
C ILE A 245 9.29 -5.07 17.18
N ILE A 246 7.98 -4.85 17.29
CA ILE A 246 7.03 -5.95 17.16
C ILE A 246 7.27 -6.70 15.86
N ALA A 247 7.56 -5.98 14.79
CA ALA A 247 7.85 -6.61 13.51
C ALA A 247 9.33 -6.83 13.30
N ASN A 248 10.17 -5.91 13.77
CA ASN A 248 11.60 -6.04 13.53
C ASN A 248 12.19 -7.22 14.26
N ARG A 249 11.69 -7.52 15.45
CA ARG A 249 12.22 -8.67 16.19
C ARG A 249 11.85 -9.98 15.50
N VAL A 250 10.66 -10.05 14.91
CA VAL A 250 10.29 -11.23 14.14
C VAL A 250 11.24 -11.41 12.97
N SER A 251 11.52 -10.33 12.24
CA SER A 251 12.44 -10.42 11.13
C SER A 251 13.83 -10.82 11.60
N TYR A 252 14.25 -10.29 12.73
CA TYR A 252 15.58 -10.59 13.24
C TYR A 252 15.71 -12.06 13.61
N PHE A 253 14.75 -12.59 14.37
CA PHE A 253 14.86 -13.96 14.83
C PHE A 253 14.82 -14.95 13.69
N TYR A 254 13.92 -14.74 12.74
CA TYR A 254 13.74 -15.67 11.65
C TYR A 254 14.63 -15.38 10.46
N ASP A 255 15.41 -14.30 10.50
CA ASP A 255 16.35 -13.94 9.43
C ASP A 255 15.62 -13.57 8.14
N PHE A 256 14.48 -12.92 8.26
CA PHE A 256 13.74 -12.44 7.10
C PHE A 256 14.36 -11.16 6.56
N ARG A 257 14.50 -11.08 5.25
CA ARG A 257 15.17 -9.94 4.62
C ARG A 257 14.24 -9.08 3.79
N GLY A 258 12.94 -9.21 3.98
CA GLY A 258 11.99 -8.37 3.29
C GLY A 258 11.58 -7.17 4.12
N PRO A 259 10.63 -6.40 3.62
CA PRO A 259 10.14 -5.25 4.40
C PRO A 259 9.55 -5.69 5.73
N SER A 260 9.80 -4.89 6.76
CA SER A 260 9.33 -5.17 8.11
C SER A 260 8.73 -3.90 8.68
N VAL A 261 7.40 -3.88 8.84
CA VAL A 261 6.69 -2.66 9.19
C VAL A 261 5.62 -2.95 10.22
N ALA A 262 5.40 -1.98 11.10
CA ALA A 262 4.31 -2.00 12.07
C ALA A 262 3.31 -0.93 11.67
N VAL A 263 2.06 -1.33 11.50
CA VAL A 263 1.00 -0.44 11.02
C VAL A 263 0.06 -0.09 12.17
N ASP A 264 -0.58 1.07 12.07
CA ASP A 264 -1.50 1.53 13.12
C ASP A 264 -2.67 2.27 12.51
N THR A 265 -3.83 1.62 12.43
CA THR A 265 -5.10 2.28 12.15
C THR A 265 -6.15 1.99 13.22
N ALA A 266 -5.82 1.17 14.21
CA ALA A 266 -6.50 1.05 15.50
C ALA A 266 -7.74 0.17 15.60
N CYS A 267 -8.39 -0.16 14.49
CA CYS A 267 -9.30 -1.30 14.47
C CYS A 267 -9.28 -1.99 13.12
N SER A 268 -8.70 -1.33 12.14
CA SER A 268 -8.52 -1.94 10.84
C SER A 268 -7.04 -2.20 10.58
N SER A 269 -6.25 -2.28 11.65
CA SER A 269 -4.81 -2.41 11.50
C SER A 269 -4.46 -3.73 10.86
N SER A 270 -5.11 -4.81 11.27
CA SER A 270 -4.80 -6.10 10.69
C SER A 270 -5.19 -6.15 9.22
N LEU A 271 -6.34 -5.57 8.87
CA LEU A 271 -6.74 -5.52 7.48
C LEU A 271 -5.81 -4.64 6.67
N VAL A 272 -5.38 -3.51 7.23
CA VAL A 272 -4.45 -2.65 6.51
C VAL A 272 -3.12 -3.33 6.34
N ALA A 273 -2.69 -4.07 7.37
CA ALA A 273 -1.44 -4.82 7.25
C ALA A 273 -1.56 -5.88 6.16
N THR A 274 -2.73 -6.53 6.08
CA THR A 274 -2.98 -7.47 5.01
C THR A 274 -2.94 -6.78 3.66
N HIS A 275 -3.44 -5.55 3.59
CA HIS A 275 -3.38 -4.79 2.34
C HIS A 275 -1.94 -4.58 1.89
N GLN A 276 -1.07 -4.11 2.78
CA GLN A 276 0.33 -3.93 2.37
C GLN A 276 0.97 -5.24 1.97
N GLY A 277 0.67 -6.32 2.68
CA GLY A 277 1.23 -7.60 2.29
C GLY A 277 0.81 -8.00 0.89
N VAL A 278 -0.46 -7.83 0.57
CA VAL A 278 -0.96 -8.17 -0.76
C VAL A 278 -0.29 -7.29 -1.81
N GLN A 279 -0.22 -5.99 -1.55
CA GLN A 279 0.37 -5.08 -2.52
C GLN A 279 1.85 -5.36 -2.70
N ALA A 280 2.55 -5.66 -1.62
CA ALA A 280 3.96 -6.01 -1.74
C ALA A 280 4.15 -7.22 -2.64
N LEU A 281 3.44 -8.30 -2.37
CA LEU A 281 3.59 -9.52 -3.15
C LEU A 281 3.32 -9.28 -4.63
N ARG A 282 2.28 -8.51 -4.94
CA ARG A 282 1.97 -8.24 -6.34
C ARG A 282 3.06 -7.47 -7.04
N ALA A 283 3.75 -6.58 -6.33
CA ALA A 283 4.76 -5.73 -6.93
C ALA A 283 6.16 -6.29 -6.83
N GLY A 284 6.33 -7.61 -6.88
CA GLY A 284 7.63 -8.17 -6.55
C GLY A 284 7.91 -7.84 -5.12
N GLU A 285 9.11 -7.35 -4.82
CA GLU A 285 9.34 -6.68 -3.55
C GLU A 285 9.22 -7.60 -2.33
N ALA A 286 8.74 -8.82 -2.54
CA ALA A 286 8.57 -9.80 -1.47
C ALA A 286 8.10 -11.11 -2.07
N ASP A 287 8.58 -12.22 -1.55
CA ASP A 287 8.15 -13.53 -2.00
C ASP A 287 7.21 -14.24 -1.05
N VAL A 288 7.30 -13.95 0.23
CA VAL A 288 6.33 -14.41 1.21
C VAL A 288 5.99 -13.22 2.09
N ALA A 289 4.78 -13.20 2.63
CA ALA A 289 4.35 -12.12 3.48
C ALA A 289 3.73 -12.70 4.74
N ILE A 290 4.11 -12.16 5.88
CA ILE A 290 3.53 -12.51 7.16
C ILE A 290 2.71 -11.32 7.62
N VAL A 291 1.41 -11.49 7.76
CA VAL A 291 0.49 -10.41 8.05
C VAL A 291 -0.38 -10.79 9.23
N GLY A 292 -0.66 -9.82 10.09
CA GLY A 292 -1.53 -10.08 11.23
C GLY A 292 -1.59 -8.89 12.14
N GLY A 293 -2.07 -9.12 13.35
CA GLY A 293 -2.16 -8.06 14.34
C GLY A 293 -2.25 -8.66 15.72
N VAL A 294 -1.89 -7.84 16.72
CA VAL A 294 -1.86 -8.28 18.11
C VAL A 294 -2.46 -7.20 18.99
N ASN A 295 -2.91 -7.62 20.16
CA ASN A 295 -3.49 -6.72 21.14
C ASN A 295 -3.39 -7.34 22.52
N ALA A 296 -3.00 -6.54 23.50
CA ALA A 296 -2.88 -7.00 24.88
C ALA A 296 -3.49 -5.97 25.82
N LEU A 297 -4.23 -6.45 26.81
CA LEU A 297 -4.82 -5.61 27.84
C LEU A 297 -3.97 -5.79 29.09
N VAL A 298 -2.89 -5.02 29.17
CA VAL A 298 -1.97 -5.16 30.27
C VAL A 298 -2.34 -4.28 31.46
N THR A 299 -2.90 -3.11 31.23
CA THR A 299 -3.31 -2.19 32.26
C THR A 299 -4.76 -1.82 32.06
N PRO A 300 -5.45 -1.33 33.10
CA PRO A 300 -6.84 -0.93 32.96
C PRO A 300 -7.07 0.48 32.47
N LEU A 301 -6.04 1.16 31.95
CA LEU A 301 -6.18 2.58 31.66
C LEU A 301 -7.17 2.83 30.52
N VAL A 302 -7.01 2.10 29.43
CA VAL A 302 -7.87 2.32 28.28
C VAL A 302 -9.30 1.89 28.58
N THR A 303 -9.46 0.77 29.28
CA THR A 303 -10.79 0.30 29.63
C THR A 303 -11.51 1.30 30.51
N VAL A 304 -10.82 1.85 31.50
CA VAL A 304 -11.44 2.83 32.38
C VAL A 304 -11.79 4.09 31.61
N GLY A 305 -10.92 4.49 30.69
CA GLY A 305 -11.22 5.66 29.87
C GLY A 305 -12.47 5.48 29.03
N PHE A 306 -12.58 4.33 28.36
CA PHE A 306 -13.76 4.08 27.54
C PHE A 306 -15.02 4.01 28.38
N ASP A 307 -14.91 3.44 29.58
CA ASP A 307 -16.03 3.45 30.51
C ASP A 307 -16.38 4.87 30.92
N GLU A 308 -15.36 5.70 31.13
CA GLU A 308 -15.61 7.08 31.51
C GLU A 308 -16.36 7.84 30.43
N VAL A 309 -16.09 7.54 29.16
CA VAL A 309 -16.82 8.19 28.07
C VAL A 309 -18.31 7.94 28.22
N GLY A 310 -18.69 6.70 28.49
CA GLY A 310 -20.09 6.37 28.69
C GLY A 310 -20.76 5.96 27.40
N GLY A 311 -21.63 4.96 27.47
CA GLY A 311 -22.37 4.51 26.30
C GLY A 311 -21.53 3.87 25.23
N VAL A 312 -20.37 3.33 25.58
CA VAL A 312 -19.49 2.65 24.64
C VAL A 312 -19.39 1.17 24.94
N LEU A 313 -19.40 0.80 26.20
CA LEU A 313 -19.19 -0.57 26.62
C LEU A 313 -20.51 -1.21 27.02
N ALA A 314 -20.70 -2.45 26.62
CA ALA A 314 -21.92 -3.16 26.94
C ALA A 314 -21.92 -3.55 28.41
N PRO A 315 -23.04 -3.34 29.11
CA PRO A 315 -23.08 -3.73 30.53
C PRO A 315 -22.79 -5.20 30.77
N ASP A 316 -23.39 -6.10 30.00
CA ASP A 316 -23.15 -7.52 30.22
C ASP A 316 -21.91 -8.03 29.52
N GLY A 317 -21.29 -7.22 28.66
CA GLY A 317 -20.07 -7.61 28.01
C GLY A 317 -20.23 -8.46 26.77
N ARG A 318 -21.45 -8.60 26.27
CA ARG A 318 -21.74 -9.42 25.10
C ARG A 318 -22.03 -8.51 23.92
N ILE A 319 -21.31 -8.70 22.82
CA ILE A 319 -21.55 -7.95 21.61
C ILE A 319 -22.72 -8.59 20.87
N LYS A 320 -23.83 -7.87 20.77
CA LYS A 320 -25.03 -8.37 20.11
C LYS A 320 -25.11 -7.72 18.74
N SER A 321 -24.35 -8.26 17.80
CA SER A 321 -24.19 -7.63 16.50
C SER A 321 -25.50 -7.71 15.72
N PHE A 322 -25.89 -6.57 15.14
CA PHE A 322 -27.06 -6.49 14.27
C PHE A 322 -28.31 -7.00 14.97
N SER A 323 -28.41 -6.80 16.27
CA SER A 323 -29.51 -7.35 17.04
C SER A 323 -30.33 -6.21 17.63
N SER A 324 -31.56 -6.53 18.01
CA SER A 324 -32.45 -5.51 18.54
C SER A 324 -32.04 -5.04 19.93
N ASP A 325 -31.17 -5.77 20.62
CA ASP A 325 -30.74 -5.43 21.96
C ASP A 325 -29.28 -5.00 22.00
N ALA A 326 -28.75 -4.52 20.87
CA ALA A 326 -27.36 -4.10 20.81
C ALA A 326 -27.14 -2.88 21.68
N ASP A 327 -26.12 -2.94 22.53
CA ASP A 327 -25.90 -1.89 23.51
C ASP A 327 -24.42 -1.61 23.76
N GLY A 328 -23.56 -1.89 22.79
CA GLY A 328 -22.15 -1.62 22.94
C GLY A 328 -21.27 -2.84 22.79
N TYR A 329 -20.01 -2.77 23.21
CA TYR A 329 -19.10 -3.89 23.03
C TYR A 329 -18.16 -4.01 24.23
N ALA A 330 -17.27 -4.99 24.14
CA ALA A 330 -16.28 -5.26 25.17
C ALA A 330 -14.94 -5.54 24.51
N ARG A 331 -13.87 -5.13 25.17
CA ARG A 331 -12.54 -5.27 24.63
C ARG A 331 -11.97 -6.66 24.87
N SER A 332 -11.02 -7.04 24.01
CA SER A 332 -10.43 -8.37 24.07
C SER A 332 -8.98 -8.28 23.64
N GLU A 333 -8.20 -9.28 24.04
CA GLU A 333 -6.79 -9.36 23.70
C GLU A 333 -6.52 -10.66 22.96
N GLY A 334 -5.52 -10.63 22.09
CA GLY A 334 -5.17 -11.80 21.33
C GLY A 334 -4.37 -11.41 20.11
N GLY A 335 -4.26 -12.37 19.20
CA GLY A 335 -3.52 -12.14 17.99
C GLY A 335 -3.77 -13.25 16.99
N GLY A 336 -3.45 -12.96 15.74
CA GLY A 336 -3.61 -13.93 14.68
C GLY A 336 -2.70 -13.56 13.54
N MET A 337 -2.37 -14.54 12.72
CA MET A 337 -1.43 -14.28 11.65
C MET A 337 -1.67 -15.21 10.47
N LEU A 338 -1.39 -14.70 9.27
CA LEU A 338 -1.53 -15.44 8.03
C LEU A 338 -0.24 -15.43 7.23
N VAL A 339 0.01 -16.52 6.51
CA VAL A 339 1.12 -16.63 5.57
C VAL A 339 0.59 -16.50 4.16
N LEU A 340 1.10 -15.53 3.41
CA LEU A 340 0.60 -15.22 2.08
C LEU A 340 1.68 -15.48 1.02
N LYS A 341 1.25 -15.94 -0.15
CA LYS A 341 2.12 -16.14 -1.28
C LYS A 341 1.35 -15.84 -2.56
N ARG A 342 2.07 -15.54 -3.63
CA ARG A 342 1.42 -15.49 -4.93
C ARG A 342 0.96 -16.88 -5.33
N ILE A 343 -0.22 -16.94 -5.95
CA ILE A 343 -0.86 -18.22 -6.18
C ILE A 343 -0.01 -19.11 -7.08
N SER A 344 0.69 -18.53 -8.05
CA SER A 344 1.56 -19.33 -8.90
C SER A 344 2.67 -19.98 -8.07
N ASP A 345 3.24 -19.22 -7.14
CA ASP A 345 4.30 -19.76 -6.30
C ASP A 345 3.79 -20.88 -5.43
N ALA A 346 2.60 -20.72 -4.86
CA ALA A 346 2.05 -21.78 -4.02
C ALA A 346 1.78 -23.02 -4.86
N ARG A 347 1.26 -22.84 -6.07
CA ARG A 347 1.05 -23.97 -6.96
C ARG A 347 2.38 -24.64 -7.30
N ARG A 348 3.40 -23.84 -7.58
CA ARG A 348 4.69 -24.37 -7.99
C ARG A 348 5.38 -25.10 -6.84
N ASP A 349 5.19 -24.62 -5.62
CA ASP A 349 5.86 -25.21 -4.47
C ASP A 349 5.05 -26.33 -3.83
N GLY A 350 3.89 -26.65 -4.37
CA GLY A 350 3.10 -27.74 -3.80
C GLY A 350 2.55 -27.44 -2.43
N ASP A 351 2.13 -26.20 -2.20
CA ASP A 351 1.52 -25.82 -0.93
C ASP A 351 0.03 -26.02 -1.01
N GLN A 352 -0.56 -26.40 0.11
CA GLN A 352 -2.01 -26.50 0.19
C GLN A 352 -2.60 -25.11 0.35
N ILE A 353 -3.42 -24.70 -0.60
CA ILE A 353 -4.02 -23.38 -0.60
C ILE A 353 -5.33 -23.45 0.15
N LEU A 354 -5.42 -22.72 1.26
CA LEU A 354 -6.63 -22.74 2.05
C LEU A 354 -7.69 -21.80 1.48
N ALA A 355 -7.29 -20.64 1.00
CA ALA A 355 -8.22 -19.69 0.42
C ALA A 355 -7.42 -18.74 -0.44
N VAL A 356 -8.13 -17.88 -1.17
CA VAL A 356 -7.51 -16.94 -2.08
C VAL A 356 -8.02 -15.55 -1.76
N ILE A 357 -7.11 -14.59 -1.68
CA ILE A 357 -7.46 -13.18 -1.56
C ILE A 357 -7.46 -12.59 -2.94
N ALA A 358 -8.62 -12.10 -3.38
CA ALA A 358 -8.72 -11.54 -4.72
C ALA A 358 -8.34 -10.06 -4.76
N GLY A 359 -8.70 -9.29 -3.75
CA GLY A 359 -8.37 -7.88 -3.76
C GLY A 359 -8.73 -7.23 -2.45
N SER A 360 -8.33 -5.98 -2.31
CA SER A 360 -8.54 -5.23 -1.08
C SER A 360 -8.46 -3.74 -1.38
N ALA A 361 -8.92 -2.94 -0.42
CA ALA A 361 -8.87 -1.49 -0.55
C ALA A 361 -8.82 -0.87 0.83
N VAL A 362 -8.37 0.38 0.88
CA VAL A 362 -8.29 1.15 2.10
C VAL A 362 -8.61 2.61 1.78
N ASN A 363 -9.35 3.27 2.66
CA ASN A 363 -9.68 4.67 2.49
C ASN A 363 -10.00 5.27 3.85
N HIS A 364 -10.43 6.52 3.85
CA HIS A 364 -10.73 7.24 5.08
C HIS A 364 -12.08 7.92 4.97
N ASP A 365 -12.71 8.13 6.13
CA ASP A 365 -14.04 8.74 6.16
C ASP A 365 -14.00 10.17 5.64
N GLY A 366 -13.02 10.94 6.07
CA GLY A 366 -13.00 12.36 5.76
C GLY A 366 -13.63 13.13 6.89
N ARG A 367 -14.24 14.26 6.58
CA ARG A 367 -14.93 15.04 7.60
C ARG A 367 -16.30 14.41 7.79
N SER A 368 -16.38 13.48 8.74
CA SER A 368 -17.64 12.90 9.12
C SER A 368 -18.29 13.78 10.18
N ASN A 369 -19.47 13.39 10.64
CA ASN A 369 -20.09 14.15 11.71
C ASN A 369 -19.40 13.87 13.03
N GLY A 370 -18.17 14.34 13.17
CA GLY A 370 -17.36 14.03 14.32
C GLY A 370 -16.23 13.08 13.97
N LEU A 371 -15.14 13.18 14.72
CA LEU A 371 -14.00 12.32 14.47
C LEU A 371 -14.35 10.85 14.64
N LEU A 372 -15.16 10.54 15.65
CA LEU A 372 -15.47 9.15 15.99
C LEU A 372 -16.76 8.68 15.37
N ALA A 373 -17.28 9.39 14.39
CA ALA A 373 -18.53 9.02 13.75
C ALA A 373 -18.27 8.35 12.41
N PRO A 374 -18.79 7.15 12.19
CA PRO A 374 -18.58 6.50 10.89
C PRO A 374 -19.39 7.19 9.80
N ASN A 375 -18.87 7.13 8.59
CA ASN A 375 -19.47 7.80 7.44
C ASN A 375 -19.88 6.76 6.41
N PRO A 376 -21.17 6.56 6.17
CA PRO A 376 -21.59 5.51 5.23
C PRO A 376 -21.10 5.74 3.81
N ASP A 377 -20.96 7.00 3.39
CA ASP A 377 -20.49 7.27 2.03
C ASP A 377 -19.10 6.70 1.81
N ALA A 378 -18.20 6.93 2.76
CA ALA A 378 -16.84 6.43 2.64
C ALA A 378 -16.81 4.91 2.67
N GLN A 379 -17.67 4.31 3.49
CA GLN A 379 -17.74 2.86 3.55
C GLN A 379 -18.20 2.29 2.23
N ALA A 380 -19.18 2.92 1.59
CA ALA A 380 -19.60 2.47 0.28
C ALA A 380 -18.45 2.55 -0.72
N GLU A 381 -17.67 3.64 -0.66
CA GLU A 381 -16.55 3.79 -1.58
C GLU A 381 -15.50 2.72 -1.41
N VAL A 382 -15.18 2.35 -0.17
CA VAL A 382 -14.13 1.36 0.02
C VAL A 382 -14.61 -0.01 -0.46
N LEU A 383 -15.89 -0.31 -0.27
CA LEU A 383 -16.42 -1.54 -0.84
C LEU A 383 -16.28 -1.55 -2.35
N ARG A 384 -16.65 -0.45 -3.00
CA ARG A 384 -16.54 -0.39 -4.45
C ARG A 384 -15.10 -0.54 -4.92
N LYS A 385 -14.16 0.15 -4.26
CA LYS A 385 -12.76 0.04 -4.64
C LYS A 385 -12.24 -1.38 -4.51
N ALA A 386 -12.61 -2.06 -3.41
CA ALA A 386 -12.12 -3.41 -3.19
C ALA A 386 -12.61 -4.37 -4.26
N TYR A 387 -13.88 -4.25 -4.64
CA TYR A 387 -14.42 -5.19 -5.63
C TYR A 387 -13.99 -4.86 -7.04
N LYS A 388 -13.57 -3.64 -7.31
CA LYS A 388 -12.92 -3.36 -8.58
C LYS A 388 -11.51 -3.92 -8.60
N ASP A 389 -10.83 -3.87 -7.46
CA ASP A 389 -9.50 -4.47 -7.36
C ASP A 389 -9.58 -5.98 -7.50
N ALA A 390 -10.59 -6.59 -6.91
CA ALA A 390 -10.73 -8.04 -7.00
C ALA A 390 -11.29 -8.50 -8.33
N GLY A 391 -11.89 -7.61 -9.11
CA GLY A 391 -12.50 -8.02 -10.35
C GLY A 391 -13.70 -8.91 -10.16
N ILE A 392 -14.52 -8.64 -9.16
CA ILE A 392 -15.67 -9.45 -8.81
C ILE A 392 -16.88 -8.55 -8.69
N ASN A 393 -17.99 -8.95 -9.26
CA ASN A 393 -19.22 -8.20 -9.11
C ASN A 393 -19.76 -8.41 -7.70
N PRO A 394 -20.03 -7.35 -6.95
CA PRO A 394 -20.50 -7.53 -5.57
C PRO A 394 -21.80 -8.28 -5.48
N ARG A 395 -22.58 -8.32 -6.54
CA ARG A 395 -23.84 -9.05 -6.51
C ARG A 395 -23.63 -10.53 -6.23
N ASP A 396 -22.43 -11.04 -6.49
CA ASP A 396 -22.10 -12.45 -6.36
C ASP A 396 -21.62 -12.85 -4.97
N VAL A 397 -21.44 -11.90 -4.06
CA VAL A 397 -20.90 -12.23 -2.75
C VAL A 397 -21.90 -13.08 -1.98
N ASP A 398 -21.40 -14.06 -1.24
CA ASP A 398 -22.22 -14.96 -0.44
C ASP A 398 -22.29 -14.58 1.02
N TYR A 399 -21.22 -14.04 1.58
CA TYR A 399 -21.13 -13.82 3.00
C TYR A 399 -20.32 -12.58 3.25
N ILE A 400 -20.76 -11.78 4.22
CA ILE A 400 -20.03 -10.59 4.63
C ILE A 400 -19.67 -10.72 6.09
N GLU A 401 -18.38 -10.79 6.38
CA GLU A 401 -17.88 -10.70 7.74
C GLU A 401 -17.78 -9.23 8.09
N ALA A 402 -18.72 -8.75 8.87
CA ALA A 402 -18.90 -7.33 9.06
C ALA A 402 -18.10 -6.83 10.26
N HIS A 403 -17.91 -5.51 10.31
CA HIS A 403 -17.35 -4.90 11.50
C HIS A 403 -18.15 -5.29 12.73
N GLY A 404 -19.47 -5.11 12.67
CA GLY A 404 -20.38 -5.61 13.68
C GLY A 404 -19.98 -5.41 15.11
N THR A 405 -19.86 -4.16 15.54
CA THR A 405 -19.46 -3.87 16.90
C THR A 405 -20.62 -3.86 17.89
N GLY A 406 -21.86 -3.98 17.42
CA GLY A 406 -22.96 -4.06 18.34
C GLY A 406 -23.42 -2.75 18.93
N THR A 407 -23.02 -1.63 18.35
CA THR A 407 -23.57 -0.33 18.75
C THR A 407 -24.89 -0.11 18.03
N ILE A 408 -25.87 0.42 18.75
CA ILE A 408 -27.21 0.53 18.19
C ILE A 408 -27.33 1.62 17.12
N LEU A 409 -26.33 2.49 17.00
CA LEU A 409 -26.29 3.48 15.93
C LEU A 409 -25.28 3.17 14.85
N GLY A 410 -24.29 2.33 15.13
CA GLY A 410 -23.26 2.05 14.15
C GLY A 410 -23.65 0.91 13.25
N ASP A 411 -24.31 -0.10 13.80
CA ASP A 411 -24.76 -1.21 12.97
C ASP A 411 -25.66 -0.78 11.82
N PRO A 412 -26.63 0.12 12.00
CA PRO A 412 -27.41 0.58 10.84
C PRO A 412 -26.56 1.25 9.78
N ILE A 413 -25.52 1.98 10.16
CA ILE A 413 -24.68 2.63 9.17
C ILE A 413 -23.95 1.60 8.33
N GLU A 414 -23.38 0.58 8.98
CA GLU A 414 -22.73 -0.49 8.23
C GLU A 414 -23.70 -1.18 7.27
N ALA A 415 -24.91 -1.46 7.74
CA ALA A 415 -25.90 -2.11 6.88
C ALA A 415 -26.29 -1.22 5.72
N ASP A 416 -26.37 0.09 5.95
CA ASP A 416 -26.70 1.01 4.86
C ASP A 416 -25.67 0.95 3.74
N ALA A 417 -24.38 0.99 4.10
CA ALA A 417 -23.34 0.92 3.09
C ALA A 417 -23.41 -0.40 2.33
N LEU A 418 -23.59 -1.50 3.05
CA LEU A 418 -23.64 -2.80 2.41
C LEU A 418 -24.78 -2.89 1.40
N GLY A 419 -25.95 -2.37 1.76
CA GLY A 419 -27.05 -2.36 0.82
C GLY A 419 -26.79 -1.52 -0.40
N ARG A 420 -26.06 -0.42 -0.25
CA ARG A 420 -25.73 0.41 -1.40
C ARG A 420 -24.92 -0.35 -2.44
N ILE A 421 -23.94 -1.13 -2.01
CA ILE A 421 -23.04 -1.78 -2.97
C ILE A 421 -23.39 -3.26 -3.12
N VAL A 422 -23.40 -3.99 -2.01
CA VAL A 422 -23.53 -5.43 -2.09
C VAL A 422 -24.98 -5.87 -2.29
N GLY A 423 -25.95 -5.05 -1.92
CA GLY A 423 -27.32 -5.50 -1.98
C GLY A 423 -28.06 -5.09 -3.24
N LYS A 424 -27.56 -4.09 -3.95
CA LYS A 424 -28.28 -3.59 -5.12
C LYS A 424 -28.38 -4.66 -6.19
N GLY A 425 -29.56 -4.80 -6.78
CA GLY A 425 -29.77 -5.69 -7.88
C GLY A 425 -30.10 -7.11 -7.50
N ARG A 426 -29.91 -7.48 -6.25
CA ARG A 426 -30.21 -8.85 -5.84
C ARG A 426 -31.72 -9.06 -5.78
N PRO A 427 -32.21 -10.22 -6.16
CA PRO A 427 -33.59 -10.57 -5.84
C PRO A 427 -33.71 -10.86 -4.36
N ALA A 428 -34.95 -10.78 -3.87
CA ALA A 428 -35.19 -10.97 -2.44
C ALA A 428 -34.87 -12.37 -1.95
N ASP A 429 -34.74 -13.34 -2.85
CA ASP A 429 -34.46 -14.71 -2.46
C ASP A 429 -32.97 -15.03 -2.49
N LYS A 430 -32.11 -14.06 -2.77
CA LYS A 430 -30.67 -14.27 -2.81
C LYS A 430 -29.98 -13.19 -1.98
N PRO A 431 -30.19 -13.19 -0.67
CA PRO A 431 -29.57 -12.16 0.17
C PRO A 431 -28.17 -12.55 0.61
N ALA A 432 -27.33 -11.54 0.71
CA ALA A 432 -25.98 -11.74 1.22
C ALA A 432 -26.06 -12.10 2.69
N LEU A 433 -25.48 -13.22 3.07
CA LEU A 433 -25.49 -13.63 4.47
C LEU A 433 -24.50 -12.79 5.24
N LEU A 434 -24.80 -12.57 6.51
CA LEU A 434 -24.13 -11.57 7.31
C LEU A 434 -23.80 -12.15 8.67
N GLY A 435 -22.65 -11.75 9.21
CA GLY A 435 -22.23 -12.23 10.52
C GLY A 435 -21.04 -11.45 10.99
N ALA A 436 -20.64 -11.73 12.23
CA ALA A 436 -19.51 -11.05 12.84
C ALA A 436 -18.90 -11.94 13.91
N VAL A 437 -17.60 -12.18 13.79
CA VAL A 437 -16.90 -12.96 14.81
C VAL A 437 -16.74 -12.17 16.10
N LYS A 438 -16.94 -10.86 16.07
CA LYS A 438 -16.92 -10.09 17.30
C LYS A 438 -18.00 -10.53 18.27
N SER A 439 -19.06 -11.16 17.76
CA SER A 439 -20.07 -11.71 18.66
C SER A 439 -19.52 -12.87 19.49
N ASN A 440 -18.53 -13.59 18.96
CA ASN A 440 -17.93 -14.68 19.71
C ASN A 440 -16.81 -14.21 20.63
N LEU A 441 -15.93 -13.36 20.14
CA LEU A 441 -14.69 -13.07 20.84
C LEU A 441 -14.61 -11.69 21.46
N GLY A 442 -15.53 -10.80 21.16
CA GLY A 442 -15.36 -9.43 21.58
C GLY A 442 -14.54 -8.63 20.60
N HIS A 443 -14.24 -7.40 20.98
CA HIS A 443 -13.57 -6.47 20.08
C HIS A 443 -12.07 -6.58 20.28
N LEU A 444 -11.45 -7.48 19.53
CA LEU A 444 -9.99 -7.53 19.44
C LEU A 444 -9.51 -6.34 18.64
N GLU A 445 -8.99 -5.33 19.32
CA GLU A 445 -8.89 -4.00 18.74
C GLU A 445 -8.04 -4.00 17.48
N SER A 446 -6.75 -4.29 17.60
CA SER A 446 -5.87 -4.37 16.44
C SER A 446 -5.78 -5.77 15.87
N ALA A 447 -6.43 -6.73 16.49
CA ALA A 447 -6.47 -8.09 15.98
C ALA A 447 -7.84 -8.47 15.43
N ALA A 448 -8.76 -7.52 15.32
CA ALA A 448 -10.07 -7.85 14.79
C ALA A 448 -9.97 -8.34 13.36
N GLY A 449 -9.16 -7.67 12.55
CA GLY A 449 -9.00 -8.11 11.18
C GLY A 449 -8.41 -9.50 11.09
N ALA A 450 -7.43 -9.79 11.93
CA ALA A 450 -6.85 -11.12 11.95
C ALA A 450 -7.87 -12.17 12.34
N ALA A 451 -8.68 -11.87 13.35
CA ALA A 451 -9.73 -12.81 13.75
C ALA A 451 -10.71 -13.06 12.62
N SER A 452 -11.15 -11.98 11.96
CA SER A 452 -12.12 -12.13 10.89
C SER A 452 -11.55 -12.90 9.72
N LEU A 453 -10.30 -12.61 9.34
CA LEU A 453 -9.68 -13.33 8.23
C LEU A 453 -9.49 -14.79 8.56
N ALA A 454 -9.08 -15.09 9.79
CA ALA A 454 -8.93 -16.48 10.19
C ALA A 454 -10.25 -17.22 10.14
N LYS A 455 -11.32 -16.60 10.64
CA LYS A 455 -12.63 -17.24 10.58
C LYS A 455 -13.01 -17.57 9.15
N MET A 456 -12.87 -16.61 8.25
CA MET A 456 -13.33 -16.83 6.88
C MET A 456 -12.44 -17.81 6.14
N THR A 457 -11.14 -17.82 6.42
CA THR A 457 -10.26 -18.80 5.81
C THR A 457 -10.71 -20.20 6.18
N LEU A 458 -10.99 -20.43 7.46
CA LEU A 458 -11.43 -21.75 7.89
C LEU A 458 -12.79 -22.08 7.31
N ALA A 459 -13.66 -21.08 7.18
CA ALA A 459 -14.98 -21.32 6.62
C ALA A 459 -14.88 -21.75 5.16
N LEU A 460 -14.01 -21.11 4.39
CA LEU A 460 -13.87 -21.48 2.99
C LEU A 460 -13.18 -22.83 2.83
N ALA A 461 -12.18 -23.09 3.66
CA ALA A 461 -11.49 -24.38 3.60
C ALA A 461 -12.40 -25.52 4.01
N ASN A 462 -13.21 -25.32 5.03
CA ASN A 462 -14.03 -26.39 5.57
C ASN A 462 -15.43 -26.43 4.98
N ASP A 463 -15.80 -25.44 4.17
CA ASP A 463 -17.03 -25.46 3.40
C ASP A 463 -18.27 -25.46 4.29
N LYS A 464 -18.30 -24.54 5.24
CA LYS A 464 -19.46 -24.34 6.10
C LYS A 464 -19.43 -22.91 6.61
N LEU A 465 -20.60 -22.43 7.01
CA LEU A 465 -20.74 -21.08 7.54
C LEU A 465 -21.13 -21.15 8.99
N PRO A 466 -20.28 -20.73 9.91
CA PRO A 466 -20.61 -20.81 11.32
C PRO A 466 -21.61 -19.74 11.70
N PRO A 467 -22.35 -19.94 12.79
CA PRO A 467 -23.38 -18.97 13.17
C PRO A 467 -22.79 -17.76 13.86
N SER A 468 -23.55 -16.67 13.79
CA SER A 468 -23.31 -15.48 14.59
C SER A 468 -24.22 -15.52 15.79
N ILE A 469 -23.66 -15.28 16.98
CA ILE A 469 -24.36 -15.53 18.22
C ILE A 469 -24.81 -14.20 18.82
N ASN A 470 -25.63 -14.30 19.88
CA ASN A 470 -26.19 -13.15 20.59
C ASN A 470 -27.17 -12.38 19.71
N TYR A 471 -27.94 -13.10 18.92
CA TYR A 471 -28.87 -12.51 17.98
C TYR A 471 -30.29 -12.79 18.46
N ALA A 472 -30.88 -11.81 19.13
CA ALA A 472 -32.26 -11.96 19.58
C ALA A 472 -33.26 -11.68 18.48
N GLY A 473 -32.95 -10.73 17.59
CA GLY A 473 -33.85 -10.37 16.54
C GLY A 473 -33.30 -9.18 15.78
N PRO A 474 -33.87 -8.91 14.61
CA PRO A 474 -33.33 -7.83 13.78
C PRO A 474 -33.40 -6.47 14.46
N ASN A 475 -32.39 -5.67 14.21
CA ASN A 475 -32.39 -4.29 14.68
C ASN A 475 -33.52 -3.53 14.02
N PRO A 476 -34.36 -2.82 14.78
CA PRO A 476 -35.52 -2.16 14.17
C PRO A 476 -35.15 -1.12 13.13
N TYR A 477 -33.98 -0.50 13.24
CA TYR A 477 -33.61 0.57 12.33
C TYR A 477 -32.95 0.07 11.06
N ILE A 478 -32.96 -1.23 10.83
CA ILE A 478 -32.40 -1.82 9.63
C ILE A 478 -33.50 -2.61 8.96
N ASP A 479 -33.78 -2.31 7.70
CA ASP A 479 -34.72 -3.09 6.91
C ASP A 479 -33.91 -4.11 6.14
N PHE A 480 -33.73 -5.29 6.72
CA PHE A 480 -32.87 -6.29 6.12
C PHE A 480 -33.42 -6.79 4.79
N GLU A 481 -34.74 -6.82 4.64
CA GLU A 481 -35.33 -7.29 3.40
C GLU A 481 -34.98 -6.36 2.24
N LYS A 482 -35.15 -5.05 2.44
CA LYS A 482 -34.82 -4.09 1.39
C LYS A 482 -33.34 -4.10 1.10
N GLU A 483 -32.51 -4.18 2.14
CA GLU A 483 -31.07 -4.14 1.94
C GLU A 483 -30.53 -5.43 1.36
N ARG A 484 -31.35 -6.47 1.27
CA ARG A 484 -30.93 -7.77 0.75
C ARG A 484 -29.80 -8.35 1.60
N LEU A 485 -30.04 -8.39 2.90
CA LEU A 485 -29.09 -8.97 3.85
C LEU A 485 -29.83 -9.93 4.77
N LYS A 486 -29.10 -10.88 5.29
CA LYS A 486 -29.66 -11.85 6.21
C LYS A 486 -28.59 -12.25 7.20
N VAL A 487 -28.91 -12.20 8.49
CA VAL A 487 -27.96 -12.58 9.51
C VAL A 487 -27.96 -14.09 9.62
N ASN A 488 -26.78 -14.68 9.54
CA ASN A 488 -26.61 -16.13 9.67
C ASN A 488 -26.47 -16.47 11.14
N ASP A 489 -27.56 -16.91 11.76
CA ASP A 489 -27.57 -17.28 13.16
C ASP A 489 -27.54 -18.79 13.37
N THR A 490 -27.32 -19.57 12.32
CA THR A 490 -27.20 -21.02 12.43
C THR A 490 -26.11 -21.50 11.48
N VAL A 491 -25.66 -22.73 11.70
CA VAL A 491 -24.71 -23.35 10.79
C VAL A 491 -25.38 -23.55 9.44
N SER A 492 -24.72 -23.09 8.38
CA SER A 492 -25.33 -23.05 7.07
C SER A 492 -24.32 -23.44 6.01
N ASP A 493 -24.83 -23.82 4.86
CA ASP A 493 -24.02 -24.11 3.69
C ASP A 493 -23.78 -22.84 2.90
N TRP A 494 -22.72 -22.84 2.12
CA TRP A 494 -22.43 -21.71 1.27
C TRP A 494 -23.49 -21.65 0.18
N PRO A 495 -24.19 -20.54 0.02
CA PRO A 495 -25.18 -20.46 -1.07
C PRO A 495 -24.55 -20.59 -2.44
N ARG A 496 -23.35 -20.06 -2.63
CA ARG A 496 -22.66 -20.08 -3.92
C ARG A 496 -23.56 -19.53 -5.03
N TYR A 497 -23.85 -18.24 -4.90
CA TYR A 497 -24.73 -17.58 -5.85
C TYR A 497 -24.10 -17.52 -7.23
N SER A 498 -22.78 -17.52 -7.32
CA SER A 498 -22.08 -17.49 -8.58
C SER A 498 -21.46 -18.84 -8.94
N GLY A 499 -21.77 -19.88 -8.19
CA GLY A 499 -21.17 -21.17 -8.42
C GLY A 499 -19.92 -21.42 -7.61
N LYS A 500 -19.35 -20.38 -7.02
CA LYS A 500 -18.20 -20.51 -6.16
C LYS A 500 -18.37 -19.58 -4.97
N ALA A 501 -17.74 -19.93 -3.86
CA ALA A 501 -17.90 -19.18 -2.62
C ALA A 501 -17.07 -17.90 -2.66
N ILE A 502 -17.69 -16.79 -2.29
CA ILE A 502 -17.04 -15.49 -2.23
C ILE A 502 -17.46 -14.79 -0.96
N ALA A 503 -16.50 -14.23 -0.23
CA ALA A 503 -16.77 -13.55 1.02
C ALA A 503 -16.08 -12.19 1.04
N GLY A 504 -16.58 -11.32 1.89
CA GLY A 504 -15.94 -10.03 2.13
C GLY A 504 -15.75 -9.80 3.61
N VAL A 505 -14.64 -9.16 3.94
CA VAL A 505 -14.28 -8.86 5.32
C VAL A 505 -14.08 -7.38 5.47
N SER A 506 -14.73 -6.77 6.46
CA SER A 506 -14.69 -5.33 6.67
C SER A 506 -14.09 -5.02 8.03
N GLY A 507 -13.43 -3.87 8.11
CA GLY A 507 -12.88 -3.37 9.35
C GLY A 507 -12.78 -1.85 9.35
N PHE A 508 -13.29 -1.21 10.39
CA PHE A 508 -13.36 0.24 10.44
C PHE A 508 -12.68 0.74 11.70
N GLY A 509 -11.74 1.66 11.53
CA GLY A 509 -11.08 2.28 12.66
C GLY A 509 -11.96 3.35 13.30
N PHE A 510 -11.72 3.60 14.59
CA PHE A 510 -12.53 4.62 15.24
C PHE A 510 -12.11 6.01 14.81
N GLY A 511 -10.95 6.15 14.19
CA GLY A 511 -10.52 7.39 13.59
C GLY A 511 -10.96 7.60 12.18
N GLY A 512 -11.57 6.59 11.55
CA GLY A 512 -12.12 6.75 10.22
C GLY A 512 -11.47 5.96 9.12
N ALA A 513 -10.41 5.20 9.42
CA ALA A 513 -9.74 4.41 8.41
C ALA A 513 -10.53 3.14 8.14
N ASN A 514 -10.90 2.92 6.89
CA ASN A 514 -11.72 1.77 6.51
C ASN A 514 -10.92 0.85 5.61
N ALA A 515 -11.23 -0.44 5.69
CA ALA A 515 -10.60 -1.45 4.84
C ALA A 515 -11.61 -2.52 4.50
N HIS A 516 -11.41 -3.17 3.36
CA HIS A 516 -12.24 -4.28 2.95
C HIS A 516 -11.39 -5.26 2.15
N VAL A 517 -11.53 -6.55 2.44
CA VAL A 517 -10.77 -7.60 1.78
C VAL A 517 -11.74 -8.58 1.17
N VAL A 518 -11.49 -8.96 -0.08
CA VAL A 518 -12.36 -9.88 -0.81
C VAL A 518 -11.66 -11.22 -0.92
N MET A 519 -12.36 -12.28 -0.54
CA MET A 519 -11.81 -13.62 -0.52
C MET A 519 -12.69 -14.55 -1.33
N ARG A 520 -12.11 -15.66 -1.76
CA ARG A 520 -12.87 -16.69 -2.44
C ARG A 520 -12.21 -18.03 -2.17
N GLU A 521 -12.90 -19.09 -2.54
CA GLU A 521 -12.38 -20.43 -2.34
C GLU A 521 -11.43 -20.81 -3.46
N VAL A 522 -10.56 -21.76 -3.18
CA VAL A 522 -9.63 -22.27 -4.17
C VAL A 522 -10.38 -23.17 -5.12
N LEU A 523 -10.11 -23.00 -6.41
CA LEU A 523 -10.78 -23.76 -7.45
C LEU A 523 -9.83 -24.79 -8.05
N ALA A 524 -10.40 -25.70 -8.84
CA ALA A 524 -9.57 -26.70 -9.50
C ALA A 524 -8.69 -26.06 -10.57
N GLY A 525 -9.11 -24.92 -11.11
CA GLY A 525 -8.30 -24.24 -12.09
C GLY A 525 -7.10 -23.53 -11.52
N ASP A 526 -7.04 -23.34 -10.21
CA ASP A 526 -5.91 -22.70 -9.57
C ASP A 526 -4.75 -23.66 -9.33
N LEU A 527 -4.90 -24.93 -9.69
CA LEU A 527 -3.90 -25.94 -9.40
C LEU A 527 -3.27 -26.51 -10.66
N VAL A 528 -3.49 -25.89 -11.81
CA VAL A 528 -3.01 -26.39 -13.09
C VAL A 528 -2.13 -25.32 -13.73
N GLU A 529 -1.14 -25.77 -14.49
CA GLU A 529 -0.21 -24.88 -15.20
C GLU A 529 0.57 -24.02 -14.24
N THR A 588 18.98 -47.36 -27.32
CA THR A 588 19.56 -48.38 -28.19
C THR A 588 18.60 -49.56 -28.29
N GLU A 589 18.75 -50.34 -29.37
CA GLU A 589 17.83 -51.45 -29.61
C GLU A 589 18.01 -52.56 -28.58
N ALA A 590 19.21 -53.13 -28.50
CA ALA A 590 19.40 -54.23 -27.57
C ALA A 590 19.27 -53.79 -26.13
N ALA A 591 19.43 -52.50 -25.85
CA ALA A 591 19.30 -52.02 -24.49
C ALA A 591 17.86 -52.22 -24.01
N GLN A 592 16.90 -51.99 -24.90
CA GLN A 592 15.49 -52.14 -24.56
C GLN A 592 15.19 -53.56 -24.05
N ARG A 593 15.72 -54.56 -24.76
CA ARG A 593 15.45 -55.94 -24.37
C ARG A 593 15.92 -56.22 -22.96
N LEU A 594 17.17 -55.85 -22.65
CA LEU A 594 17.66 -56.00 -21.29
C LEU A 594 16.83 -55.18 -20.31
N LEU A 595 16.41 -53.99 -20.71
CA LEU A 595 15.58 -53.17 -19.83
C LEU A 595 14.23 -53.82 -19.61
N GLU A 596 13.64 -54.36 -20.66
CA GLU A 596 12.33 -55.01 -20.55
C GLU A 596 12.39 -56.16 -19.57
N GLN A 597 13.29 -57.12 -19.83
CA GLN A 597 13.43 -58.28 -18.97
C GLN A 597 13.75 -57.88 -17.54
N ALA A 598 14.59 -56.85 -17.36
CA ALA A 598 14.95 -56.42 -16.02
C ALA A 598 13.74 -55.98 -15.23
N ARG A 599 12.87 -55.17 -15.84
CA ARG A 599 11.65 -54.76 -15.16
C ARG A 599 10.75 -55.95 -14.89
N GLU A 600 10.60 -56.84 -15.88
CA GLU A 600 9.76 -58.01 -15.67
C GLU A 600 10.40 -58.95 -14.66
N GLU A 601 11.72 -59.12 -14.72
CA GLU A 601 12.38 -59.97 -13.74
C GLU A 601 12.22 -59.42 -12.34
N LEU A 602 11.98 -58.12 -12.22
CA LEU A 602 11.80 -57.47 -10.93
C LEU A 602 10.36 -57.56 -10.46
N GLU A 603 9.42 -57.47 -11.40
CA GLU A 603 8.01 -57.61 -11.06
C GLU A 603 7.71 -58.97 -10.47
N ALA A 604 8.46 -60.00 -10.89
CA ALA A 604 8.32 -61.32 -10.30
C ALA A 604 8.96 -61.40 -8.93
N LYS A 605 10.15 -60.83 -8.77
CA LYS A 605 10.83 -60.86 -7.48
C LYS A 605 10.12 -60.01 -6.43
N GLU A 606 9.25 -59.09 -6.84
CA GLU A 606 8.49 -58.30 -5.88
C GLU A 606 7.12 -58.88 -5.57
N ALA A 607 6.44 -59.47 -6.56
CA ALA A 607 5.18 -60.12 -6.27
C ALA A 607 5.37 -61.29 -5.32
N GLU A 608 6.42 -62.08 -5.54
CA GLU A 608 6.74 -63.17 -4.61
C GLU A 608 7.02 -62.63 -3.21
N GLU A 609 7.80 -61.56 -3.10
CA GLU A 609 8.09 -60.93 -1.80
C GLU A 609 8.29 -59.44 -2.00
N PRO A 610 7.29 -58.63 -1.68
CA PRO A 610 7.45 -57.18 -1.86
C PRO A 610 8.52 -56.64 -0.92
N THR A 611 9.18 -55.59 -1.39
CA THR A 611 10.24 -54.94 -0.64
C THR A 611 9.67 -53.86 0.27
N LYS A 612 10.04 -53.90 1.54
CA LYS A 612 9.59 -52.91 2.51
C LYS A 612 10.40 -51.64 2.32
N GLN A 613 9.72 -50.54 2.03
CA GLN A 613 10.42 -49.29 1.74
C GLN A 613 11.04 -48.70 3.00
N LEU A 614 12.24 -48.19 2.87
CA LEU A 614 12.94 -47.54 3.97
C LEU A 614 12.55 -46.08 4.02
N VAL A 615 11.96 -45.66 5.12
CA VAL A 615 11.46 -44.30 5.31
C VAL A 615 12.39 -43.60 6.30
N PRO A 616 13.05 -42.51 5.92
CA PRO A 616 13.83 -41.73 6.89
C PRO A 616 12.94 -40.77 7.66
N LEU A 617 13.05 -40.79 8.98
CA LEU A 617 12.26 -39.93 9.86
C LEU A 617 13.19 -38.90 10.49
N ALA A 618 12.94 -37.63 10.22
CA ALA A 618 13.81 -36.54 10.64
C ALA A 618 13.25 -35.88 11.89
N VAL A 619 14.08 -35.80 12.93
CA VAL A 619 13.74 -35.12 14.16
C VAL A 619 14.85 -34.13 14.48
N SER A 620 14.48 -32.92 14.87
CA SER A 620 15.47 -31.89 15.11
C SER A 620 14.95 -30.90 16.14
N ALA A 621 15.88 -30.10 16.67
CA ALA A 621 15.57 -29.04 17.61
C ALA A 621 16.81 -28.17 17.75
N PHE A 622 16.66 -27.05 18.42
CA PHE A 622 17.79 -26.15 18.65
C PHE A 622 18.70 -26.64 19.77
N LEU A 623 18.20 -27.53 20.63
CA LEU A 623 19.01 -28.16 21.66
C LEU A 623 18.84 -29.66 21.59
N THR A 624 19.90 -30.38 21.96
CA THR A 624 19.81 -31.83 21.98
C THR A 624 18.83 -32.31 23.04
N SER A 625 18.69 -31.57 24.13
CA SER A 625 17.75 -31.97 25.17
C SER A 625 16.33 -31.94 24.64
N ARG A 626 15.98 -30.88 23.89
CA ARG A 626 14.65 -30.79 23.34
C ARG A 626 14.43 -31.80 22.23
N LYS A 627 15.49 -32.09 21.46
CA LYS A 627 15.37 -33.09 20.41
C LYS A 627 14.99 -34.45 20.97
N ARG A 628 15.58 -34.83 22.10
CA ARG A 628 15.23 -36.10 22.73
C ARG A 628 13.79 -36.10 23.18
N GLN A 629 13.33 -35.00 23.78
CA GLN A 629 11.95 -34.93 24.23
C GLN A 629 10.99 -35.02 23.06
N ALA A 630 11.34 -34.36 21.95
CA ALA A 630 10.48 -34.44 20.77
C ALA A 630 10.40 -35.87 20.26
N ALA A 631 11.51 -36.60 20.28
CA ALA A 631 11.49 -37.99 19.85
C ALA A 631 10.60 -38.84 20.74
N ALA A 632 10.67 -38.62 22.05
CA ALA A 632 9.86 -39.41 22.97
C ALA A 632 8.38 -39.17 22.75
N GLU A 633 8.00 -37.94 22.50
CA GLU A 633 6.60 -37.62 22.23
C GLU A 633 6.15 -38.16 20.88
N LEU A 634 7.04 -38.19 19.91
CA LEU A 634 6.68 -38.72 18.60
C LEU A 634 6.53 -40.24 18.66
N ALA A 635 7.35 -40.91 19.46
CA ALA A 635 7.24 -42.36 19.58
C ALA A 635 5.88 -42.74 20.16
N ASP A 636 5.42 -41.99 21.15
CA ASP A 636 4.14 -42.30 21.76
C ASP A 636 3.00 -42.12 20.78
N TRP A 637 3.09 -41.09 19.93
CA TRP A 637 2.02 -40.86 18.97
C TRP A 637 1.98 -41.95 17.90
N ILE A 638 3.13 -42.44 17.48
CA ILE A 638 3.16 -43.52 16.51
C ILE A 638 2.58 -44.79 17.10
N ASP A 639 2.93 -45.09 18.35
CA ASP A 639 2.40 -46.27 19.00
C ASP A 639 0.90 -46.16 19.19
N SER A 640 0.38 -44.94 19.28
CA SER A 640 -1.03 -44.69 19.47
C SER A 640 -1.81 -45.18 18.24
N PRO A 641 -3.10 -45.48 18.41
CA PRO A 641 -3.88 -45.95 17.25
C PRO A 641 -3.89 -44.96 16.10
N GLU A 642 -3.93 -43.66 16.37
CA GLU A 642 -3.87 -42.69 15.29
C GLU A 642 -2.59 -42.81 14.50
N GLY A 643 -1.49 -43.16 15.17
CA GLY A 643 -0.23 -43.36 14.49
C GLY A 643 -0.22 -44.66 13.73
N ARG A 644 -0.82 -45.70 14.30
CA ARG A 644 -0.86 -46.99 13.61
C ARG A 644 -1.70 -46.91 12.35
N ALA A 645 -2.75 -46.08 12.36
CA ALA A 645 -3.63 -45.93 11.21
C ALA A 645 -3.05 -45.02 10.14
N SER A 646 -1.84 -44.49 10.33
CA SER A 646 -1.21 -43.60 9.38
C SER A 646 -0.05 -44.30 8.70
N SER A 647 0.04 -44.13 7.38
CA SER A 647 1.13 -44.74 6.63
C SER A 647 2.46 -44.15 7.07
N LEU A 648 3.49 -44.99 7.06
CA LEU A 648 4.81 -44.53 7.46
C LEU A 648 5.34 -43.47 6.52
N GLU A 649 4.95 -43.50 5.25
CA GLU A 649 5.41 -42.47 4.33
C GLU A 649 4.77 -41.12 4.67
N SER A 650 3.51 -41.13 5.10
CA SER A 650 2.87 -39.88 5.47
C SER A 650 3.48 -39.29 6.73
N ILE A 651 3.88 -40.14 7.66
CA ILE A 651 4.57 -39.66 8.85
C ILE A 651 5.88 -39.01 8.47
N GLY A 652 6.62 -39.65 7.56
CA GLY A 652 7.88 -39.08 7.13
C GLY A 652 7.71 -37.76 6.40
N ARG A 653 6.67 -37.67 5.56
CA ARG A 653 6.45 -36.44 4.81
C ARG A 653 6.17 -35.27 5.73
N SER A 654 5.36 -35.49 6.77
CA SER A 654 5.07 -34.43 7.72
C SER A 654 6.34 -33.96 8.43
N LEU A 655 7.18 -34.90 8.85
CA LEU A 655 8.41 -34.52 9.52
C LEU A 655 9.35 -33.80 8.59
N SER A 656 9.36 -34.14 7.31
CA SER A 656 10.27 -33.50 6.37
C SER A 656 9.95 -32.02 6.18
N ARG A 657 8.75 -31.59 6.50
CA ARG A 657 8.36 -30.19 6.37
C ARG A 657 8.35 -29.45 7.69
N ARG A 658 8.88 -30.05 8.75
CA ARG A 658 9.10 -29.34 9.98
C ARG A 658 10.44 -28.62 9.94
N ASN A 659 10.65 -27.71 10.87
CA ASN A 659 11.91 -27.00 10.96
C ASN A 659 13.07 -27.96 11.12
N HIS A 660 14.16 -27.68 10.42
CA HIS A 660 15.39 -28.46 10.51
C HIS A 660 16.40 -27.64 11.30
N GLY A 661 16.46 -27.90 12.60
CA GLY A 661 17.20 -27.07 13.52
C GLY A 661 18.66 -27.48 13.62
N ARG A 662 19.32 -26.94 14.65
CA ARG A 662 20.75 -27.12 14.79
C ARG A 662 21.10 -28.56 15.15
N SER A 663 20.38 -29.14 16.10
CA SER A 663 20.60 -30.51 16.53
C SER A 663 19.65 -31.43 15.77
N ARG A 664 20.19 -32.37 15.02
CA ARG A 664 19.40 -33.16 14.09
C ARG A 664 19.59 -34.65 14.36
N ALA A 665 18.60 -35.43 13.95
CA ALA A 665 18.65 -36.88 14.07
C ALA A 665 17.70 -37.49 13.05
N VAL A 666 18.07 -38.66 12.53
CA VAL A 666 17.27 -39.38 11.56
C VAL A 666 17.12 -40.82 12.01
N VAL A 667 15.91 -41.35 11.90
CA VAL A 667 15.61 -42.73 12.23
C VAL A 667 15.22 -43.45 10.95
N LEU A 668 16.04 -44.41 10.53
CA LEU A 668 15.79 -45.18 9.32
C LEU A 668 14.93 -46.38 9.69
N ALA A 669 13.69 -46.40 9.21
CA ALA A 669 12.72 -47.40 9.61
C ALA A 669 12.03 -47.98 8.40
N HIS A 670 11.60 -49.24 8.53
CA HIS A 670 10.81 -49.90 7.50
C HIS A 670 9.33 -50.00 7.85
N ASP A 671 9.00 -50.18 9.12
CA ASP A 671 7.62 -50.19 9.57
C ASP A 671 7.52 -49.39 10.87
N HIS A 672 6.32 -49.35 11.43
CA HIS A 672 6.10 -48.57 12.64
C HIS A 672 6.96 -49.09 13.78
N ASP A 673 7.03 -50.40 13.95
CA ASP A 673 7.70 -50.96 15.11
C ASP A 673 9.17 -50.58 15.13
N GLU A 674 9.84 -50.61 13.98
CA GLU A 674 11.24 -50.20 13.95
C GLU A 674 11.38 -48.72 14.25
N ALA A 675 10.38 -47.93 13.87
CA ALA A 675 10.42 -46.49 14.18
C ALA A 675 10.33 -46.26 15.67
N ILE A 676 9.40 -46.93 16.34
CA ILE A 676 9.24 -46.74 17.78
C ILE A 676 10.49 -47.21 18.50
N LYS A 677 10.98 -48.40 18.14
CA LYS A 677 12.14 -48.93 18.82
C LYS A 677 13.38 -48.09 18.59
N GLY A 678 13.42 -47.34 17.49
CA GLY A 678 14.52 -46.44 17.22
C GLY A 678 14.36 -45.10 17.90
N LEU A 679 13.13 -44.57 17.90
CA LEU A 679 12.90 -43.29 18.53
C LEU A 679 13.10 -43.39 20.04
N ARG A 680 12.67 -44.49 20.65
CA ARG A 680 12.88 -44.67 22.08
C ARG A 680 14.36 -44.65 22.42
N ALA A 681 15.18 -45.32 21.63
CA ALA A 681 16.61 -45.30 21.89
C ALA A 681 17.17 -43.89 21.72
N LEU A 682 16.69 -43.16 20.72
CA LEU A 682 17.15 -41.78 20.54
C LEU A 682 16.67 -40.88 21.67
N ALA A 683 15.48 -41.15 22.20
CA ALA A 683 14.99 -40.37 23.33
C ALA A 683 15.95 -40.45 24.50
N GLU A 684 16.56 -41.61 24.70
CA GLU A 684 17.69 -41.76 25.60
C GLU A 684 18.99 -41.56 24.83
N GLY A 685 20.11 -41.74 25.49
CA GLY A 685 21.36 -41.59 24.77
C GLY A 685 21.85 -42.87 24.13
N LYS A 686 21.03 -43.92 24.12
CA LYS A 686 21.45 -45.22 23.63
C LYS A 686 21.73 -45.14 22.13
N GLN A 687 22.99 -45.35 21.77
CA GLN A 687 23.32 -45.44 20.36
C GLN A 687 22.64 -46.67 19.75
N HIS A 688 22.15 -46.52 18.53
CA HIS A 688 21.39 -47.54 17.85
C HIS A 688 21.77 -47.55 16.38
N PRO A 689 21.93 -48.72 15.77
CA PRO A 689 22.39 -48.76 14.37
C PRO A 689 21.38 -48.18 13.41
N SER A 690 20.10 -48.10 13.79
CA SER A 690 19.07 -47.54 12.94
C SER A 690 18.82 -46.06 13.22
N VAL A 691 19.73 -45.39 13.91
CA VAL A 691 19.57 -44.00 14.29
C VAL A 691 20.86 -43.26 13.95
N LEU A 692 20.73 -42.15 13.23
CA LEU A 692 21.84 -41.25 12.96
C LEU A 692 21.60 -39.96 13.73
N SER A 693 22.60 -39.50 14.45
CA SER A 693 22.43 -38.36 15.33
C SER A 693 23.71 -37.54 15.38
N ALA A 694 23.58 -36.29 15.78
CA ALA A 694 24.69 -35.38 15.97
C ALA A 694 24.22 -34.18 16.76
N ASP A 695 25.05 -33.74 17.70
CA ASP A 695 24.69 -32.65 18.59
C ASP A 695 24.74 -31.29 17.93
N GLY A 696 25.40 -31.16 16.79
CA GLY A 696 25.49 -29.89 16.12
C GLY A 696 26.08 -30.02 14.74
N PRO A 697 26.19 -28.92 14.03
CA PRO A 697 26.69 -28.96 12.65
C PRO A 697 28.21 -28.99 12.61
N VAL A 698 28.72 -29.26 11.43
CA VAL A 698 30.14 -29.22 11.17
C VAL A 698 30.52 -27.84 10.64
N THR A 699 31.80 -27.50 10.77
CA THR A 699 32.25 -26.15 10.41
C THR A 699 32.35 -25.95 8.91
N ASN A 700 32.88 -26.94 8.19
CA ASN A 700 33.14 -26.80 6.77
C ASN A 700 32.30 -27.77 5.98
N GLY A 701 32.11 -27.45 4.70
CA GLY A 701 31.31 -28.27 3.85
C GLY A 701 32.02 -29.55 3.48
N PRO A 702 31.33 -30.41 2.76
CA PRO A 702 31.88 -31.73 2.45
C PRO A 702 32.88 -31.66 1.32
N VAL A 703 33.72 -32.69 1.27
CA VAL A 703 34.66 -32.89 0.17
C VAL A 703 34.23 -34.14 -0.58
N TRP A 704 34.05 -34.02 -1.88
CA TRP A 704 33.65 -35.14 -2.70
C TRP A 704 34.91 -35.81 -3.25
N VAL A 705 35.05 -37.10 -2.98
CA VAL A 705 36.24 -37.85 -3.36
C VAL A 705 35.88 -38.69 -4.57
N LEU A 706 36.46 -38.36 -5.72
CA LEU A 706 36.19 -39.07 -6.97
C LEU A 706 37.34 -40.03 -7.25
N ALA A 707 37.35 -41.13 -6.52
CA ALA A 707 38.24 -42.24 -6.80
C ALA A 707 37.50 -43.24 -7.68
N GLY A 708 37.94 -44.50 -7.71
CA GLY A 708 37.20 -45.49 -8.45
C GLY A 708 38.02 -46.63 -9.02
N PHE A 709 39.34 -46.54 -8.90
CA PHE A 709 40.20 -47.64 -9.31
C PHE A 709 39.94 -48.86 -8.43
N GLY A 710 39.49 -49.95 -9.05
CA GLY A 710 39.25 -51.18 -8.33
C GLY A 710 37.90 -51.31 -7.69
N ALA A 711 36.94 -50.46 -8.03
CA ALA A 711 35.63 -50.47 -7.41
C ALA A 711 34.55 -51.06 -8.31
N GLN A 712 34.91 -52.05 -9.11
CA GLN A 712 33.99 -52.68 -10.05
C GLN A 712 33.47 -53.98 -9.48
N HIS A 713 32.20 -54.27 -9.73
CA HIS A 713 31.63 -55.56 -9.41
C HIS A 713 30.50 -55.84 -10.38
N ARG A 714 29.94 -57.05 -10.27
CA ARG A 714 29.12 -57.60 -11.34
C ARG A 714 27.96 -56.69 -11.71
N LYS A 715 27.02 -56.49 -10.78
CA LYS A 715 25.77 -55.82 -11.09
C LYS A 715 25.73 -54.38 -10.58
N MET A 716 26.88 -53.70 -10.58
CA MET A 716 26.93 -52.34 -10.07
C MET A 716 26.07 -51.42 -10.92
N GLY A 717 25.22 -50.64 -10.25
CA GLY A 717 24.40 -49.64 -10.90
C GLY A 717 23.10 -50.15 -11.46
N LYS A 718 22.86 -51.46 -11.44
CA LYS A 718 21.66 -52.00 -12.07
C LYS A 718 20.42 -51.64 -11.27
N SER A 719 20.42 -51.96 -9.98
CA SER A 719 19.21 -51.79 -9.19
C SER A 719 18.79 -50.33 -9.15
N LEU A 720 19.73 -49.44 -8.89
CA LEU A 720 19.39 -48.02 -8.80
C LEU A 720 18.86 -47.50 -10.13
N TYR A 721 19.38 -48.01 -11.24
CA TYR A 721 18.90 -47.56 -12.55
C TYR A 721 17.43 -47.89 -12.74
N LEU A 722 16.98 -49.04 -12.23
CA LEU A 722 15.60 -49.43 -12.40
C LEU A 722 14.66 -48.78 -11.40
N ARG A 723 15.18 -48.36 -10.26
CA ARG A 723 14.34 -47.86 -9.18
C ARG A 723 14.54 -46.38 -8.88
N ASN A 724 15.19 -45.65 -9.77
CA ASN A 724 15.37 -44.22 -9.59
C ASN A 724 15.45 -43.55 -10.94
N GLU A 725 14.46 -42.70 -11.23
CA GLU A 725 14.39 -42.06 -12.54
C GLU A 725 15.51 -41.05 -12.73
N VAL A 726 15.80 -40.26 -11.69
CA VAL A 726 16.83 -39.23 -11.84
C VAL A 726 18.16 -39.88 -12.13
N PHE A 727 18.49 -40.95 -11.40
CA PHE A 727 19.74 -41.65 -11.65
C PHE A 727 19.76 -42.25 -13.05
N ALA A 728 18.63 -42.80 -13.49
CA ALA A 728 18.55 -43.39 -14.82
C ALA A 728 18.68 -42.33 -15.90
N GLU A 729 18.10 -41.15 -15.66
CA GLU A 729 18.15 -40.10 -16.68
C GLU A 729 19.58 -39.72 -17.00
N TRP A 730 20.43 -39.65 -15.98
CA TRP A 730 21.80 -39.20 -16.17
C TRP A 730 22.68 -40.27 -16.78
N ILE A 731 22.39 -41.54 -16.49
CA ILE A 731 23.07 -42.62 -17.20
C ILE A 731 22.77 -42.54 -18.69
N ASN A 732 21.52 -42.26 -19.05
CA ASN A 732 21.17 -42.20 -20.46
C ASN A 732 21.91 -41.07 -21.16
N LYS A 733 22.07 -39.93 -20.50
CA LYS A 733 22.79 -38.82 -21.11
C LYS A 733 24.26 -39.16 -21.31
N VAL A 734 24.87 -39.80 -20.33
CA VAL A 734 26.28 -40.17 -20.47
C VAL A 734 26.43 -41.26 -21.52
N ASP A 735 25.46 -42.18 -21.60
CA ASP A 735 25.53 -43.22 -22.61
C ASP A 735 25.53 -42.65 -24.02
N ALA A 736 24.69 -41.65 -24.27
CA ALA A 736 24.63 -41.07 -25.60
C ALA A 736 25.96 -40.47 -25.99
N LEU A 737 26.59 -39.72 -25.10
CA LEU A 737 27.85 -39.06 -25.42
C LEU A 737 28.94 -40.08 -25.69
N ILE A 738 29.01 -41.14 -24.89
CA ILE A 738 30.03 -42.16 -25.09
C ILE A 738 29.80 -42.87 -26.41
N GLN A 739 28.53 -43.06 -26.79
CA GLN A 739 28.24 -43.69 -28.07
C GLN A 739 28.78 -42.85 -29.22
N ASP A 740 28.70 -41.52 -29.10
CA ASP A 740 29.27 -40.66 -30.13
C ASP A 740 30.77 -40.79 -30.19
N GLU A 741 31.43 -40.88 -29.04
CA GLU A 741 32.88 -40.92 -29.00
C GLU A 741 33.43 -42.30 -29.35
N ARG A 742 32.76 -43.37 -28.91
CA ARG A 742 33.30 -44.70 -29.07
C ARG A 742 32.48 -45.58 -30.00
N GLY A 743 31.15 -45.48 -29.96
CA GLY A 743 30.31 -46.25 -30.83
C GLY A 743 29.73 -47.49 -30.23
N TYR A 744 29.65 -47.58 -28.90
CA TYR A 744 28.97 -48.67 -28.23
C TYR A 744 28.32 -48.12 -26.97
N SER A 745 27.25 -48.78 -26.55
CA SER A 745 26.43 -48.31 -25.44
C SER A 745 26.84 -49.04 -24.17
N ILE A 746 27.20 -48.28 -23.13
CA ILE A 746 27.54 -48.88 -21.86
C ILE A 746 26.29 -49.34 -21.13
N LEU A 747 25.13 -48.75 -21.43
CA LEU A 747 23.90 -49.18 -20.77
C LEU A 747 23.63 -50.65 -21.04
N GLU A 748 24.04 -51.14 -22.21
CA GLU A 748 23.99 -52.57 -22.48
C GLU A 748 24.84 -53.33 -21.48
N LEU A 749 26.04 -52.82 -21.19
CA LEU A 749 26.93 -53.47 -20.24
C LEU A 749 26.34 -53.47 -18.83
N ILE A 750 25.71 -52.36 -18.44
CA ILE A 750 25.18 -52.26 -17.08
C ILE A 750 24.03 -53.24 -16.89
N LEU A 751 23.06 -53.22 -17.79
CA LEU A 751 21.86 -54.03 -17.58
C LEU A 751 22.14 -55.51 -17.73
N ASP A 752 23.19 -55.89 -18.42
CA ASP A 752 23.51 -57.30 -18.59
C ASP A 752 24.05 -57.90 -17.30
N ASP A 753 23.59 -59.10 -16.98
CA ASP A 753 23.99 -59.79 -15.77
C ASP A 753 25.13 -60.76 -15.98
N ASN A 754 25.52 -60.99 -17.23
CA ASN A 754 26.63 -61.89 -17.53
C ASN A 754 27.92 -61.13 -17.79
N VAL A 755 27.95 -59.84 -17.49
CA VAL A 755 29.12 -59.01 -17.73
C VAL A 755 29.83 -58.86 -16.39
N ASP A 756 30.88 -59.65 -16.20
CA ASP A 756 31.68 -59.59 -14.99
C ASP A 756 32.81 -58.56 -15.07
N TYR A 757 32.83 -57.75 -16.13
CA TYR A 757 33.86 -56.74 -16.33
C TYR A 757 35.25 -57.38 -16.31
N THR A 758 35.38 -58.48 -17.04
CA THR A 758 36.63 -59.19 -17.17
C THR A 758 36.85 -59.51 -18.64
N ASP A 759 38.10 -59.78 -19.03
CA ASP A 759 38.37 -60.12 -20.42
C ASP A 759 37.65 -61.40 -20.84
N ALA A 760 37.26 -62.23 -19.88
CA ALA A 760 36.52 -63.44 -20.20
C ALA A 760 35.13 -63.13 -20.72
N THR A 761 34.59 -61.95 -20.41
CA THR A 761 33.25 -61.59 -20.84
C THR A 761 33.17 -60.15 -21.34
N CYS A 762 34.30 -59.53 -21.67
CA CYS A 762 34.30 -58.17 -22.20
C CYS A 762 35.41 -58.05 -23.24
N GLU A 763 35.10 -57.36 -24.33
CA GLU A 763 36.06 -57.19 -25.41
C GLU A 763 37.20 -56.25 -25.02
N TYR A 764 36.90 -55.20 -24.27
CA TYR A 764 37.92 -54.26 -23.79
C TYR A 764 37.71 -53.98 -22.31
N PRO A 765 37.99 -54.95 -21.46
CA PRO A 765 37.71 -54.75 -20.03
C PRO A 765 38.46 -53.57 -19.45
N ILE A 766 39.69 -53.31 -19.92
CA ILE A 766 40.44 -52.18 -19.39
C ILE A 766 39.75 -50.88 -19.73
N GLU A 767 39.03 -50.84 -20.85
CA GLU A 767 38.43 -49.62 -21.34
C GLU A 767 37.01 -49.42 -20.85
N VAL A 768 36.17 -50.47 -20.90
CA VAL A 768 34.77 -50.28 -20.56
C VAL A 768 34.61 -50.05 -19.06
N VAL A 769 35.47 -50.66 -18.24
CA VAL A 769 35.36 -50.50 -16.80
C VAL A 769 35.49 -49.04 -16.41
N GLN A 770 36.47 -48.35 -16.99
CA GLN A 770 36.66 -46.94 -16.65
C GLN A 770 35.46 -46.11 -17.08
N LEU A 771 34.85 -46.45 -18.21
CA LEU A 771 33.72 -45.66 -18.69
C LEU A 771 32.48 -45.89 -17.83
N VAL A 772 32.25 -47.13 -17.40
CA VAL A 772 31.06 -47.41 -16.59
C VAL A 772 31.19 -46.74 -15.22
N ILE A 773 32.36 -46.88 -14.60
CA ILE A 773 32.57 -46.26 -13.29
C ILE A 773 32.44 -44.74 -13.42
N PHE A 774 32.96 -44.19 -14.51
CA PHE A 774 32.80 -42.75 -14.75
C PHE A 774 31.33 -42.39 -14.85
N ALA A 775 30.54 -43.19 -15.56
CA ALA A 775 29.13 -42.89 -15.72
C ALA A 775 28.41 -42.91 -14.39
N ILE A 776 28.72 -43.89 -13.54
CA ILE A 776 28.05 -43.97 -12.25
C ILE A 776 28.39 -42.78 -11.38
N GLN A 777 29.65 -42.34 -11.43
CA GLN A 777 30.03 -41.18 -10.62
C GLN A 777 29.25 -39.95 -11.03
N ILE A 778 29.08 -39.73 -12.33
CA ILE A 778 28.32 -38.57 -12.78
C ILE A 778 26.87 -38.67 -12.32
N ALA A 779 26.27 -39.85 -12.47
CA ALA A 779 24.87 -40.01 -12.10
C ALA A 779 24.67 -39.84 -10.61
N LEU A 780 25.54 -40.45 -9.79
CA LEU A 780 25.39 -40.33 -8.35
C LEU A 780 25.54 -38.88 -7.91
N GLY A 781 26.53 -38.19 -8.47
CA GLY A 781 26.73 -36.80 -8.11
C GLY A 781 25.58 -35.92 -8.52
N GLU A 782 24.95 -36.23 -9.65
CA GLU A 782 23.82 -35.43 -10.09
C GLU A 782 22.53 -35.84 -9.38
N LEU A 783 22.49 -37.04 -8.83
CA LEU A 783 21.37 -37.42 -7.97
C LEU A 783 21.44 -36.70 -6.64
N LEU A 784 22.65 -36.55 -6.09
CA LEU A 784 22.81 -35.80 -4.86
C LEU A 784 22.47 -34.33 -5.06
N ARG A 785 22.91 -33.76 -6.18
CA ARG A 785 22.56 -32.37 -6.47
C ARG A 785 21.07 -32.21 -6.66
N HIS A 786 20.40 -33.22 -7.20
CA HIS A 786 18.95 -33.17 -7.32
C HIS A 786 18.29 -32.97 -5.96
N HIS A 787 18.92 -33.45 -4.89
CA HIS A 787 18.36 -33.37 -3.56
C HIS A 787 18.93 -32.21 -2.76
N GLY A 788 19.72 -31.36 -3.40
CA GLY A 788 20.21 -30.16 -2.75
C GLY A 788 21.62 -30.25 -2.22
N ALA A 789 22.32 -31.34 -2.47
CA ALA A 789 23.69 -31.48 -2.00
C ALA A 789 24.65 -30.80 -2.97
N LYS A 790 25.70 -30.19 -2.42
CA LYS A 790 26.69 -29.54 -3.24
C LYS A 790 28.03 -29.63 -2.54
N PRO A 791 29.10 -29.96 -3.25
CA PRO A 791 30.41 -30.08 -2.60
C PRO A 791 31.04 -28.74 -2.31
N ALA A 792 31.75 -28.69 -1.20
CA ALA A 792 32.59 -27.54 -0.89
C ALA A 792 33.96 -27.62 -1.53
N ALA A 793 34.41 -28.83 -1.87
CA ALA A 793 35.68 -29.02 -2.56
C ALA A 793 35.65 -30.41 -3.17
N VAL A 794 36.56 -30.64 -4.12
CA VAL A 794 36.58 -31.87 -4.87
C VAL A 794 38.01 -32.37 -4.96
N VAL A 795 38.17 -33.70 -4.95
CA VAL A 795 39.48 -34.32 -5.14
C VAL A 795 39.27 -35.63 -5.88
N GLY A 796 40.19 -35.95 -6.80
CA GLY A 796 40.08 -37.14 -7.60
C GLY A 796 41.33 -37.99 -7.51
N GLN A 797 41.22 -39.24 -7.98
CA GLN A 797 42.32 -40.19 -7.91
C GLN A 797 42.42 -40.99 -9.22
N SER A 798 43.16 -40.43 -10.17
CA SER A 798 43.69 -41.15 -11.32
C SER A 798 42.67 -41.55 -12.38
N LEU A 799 41.39 -41.54 -12.04
CA LEU A 799 40.35 -41.63 -13.05
C LEU A 799 39.16 -40.76 -12.75
N GLY A 800 38.96 -40.38 -11.50
CA GLY A 800 37.88 -39.49 -11.20
C GLY A 800 38.22 -38.06 -11.48
N GLU A 801 39.45 -37.79 -11.93
CA GLU A 801 39.81 -36.44 -12.33
C GLU A 801 38.91 -35.94 -13.46
N ALA A 802 38.36 -36.85 -14.24
CA ALA A 802 37.41 -36.46 -15.27
C ALA A 802 36.11 -36.01 -14.64
N ALA A 803 35.57 -36.82 -13.74
CA ALA A 803 34.36 -36.42 -13.02
C ALA A 803 34.64 -35.28 -12.07
N ALA A 804 35.80 -35.29 -11.43
CA ALA A 804 36.17 -34.18 -10.55
C ALA A 804 36.17 -32.86 -11.29
N SER A 805 36.71 -32.85 -12.50
CA SER A 805 36.72 -31.62 -13.28
C SER A 805 35.31 -31.15 -13.59
N TYR A 806 34.40 -32.07 -13.83
CA TYR A 806 33.02 -31.70 -14.12
C TYR A 806 32.35 -31.08 -12.90
N PHE A 807 32.41 -31.78 -11.77
CA PHE A 807 31.74 -31.28 -10.58
C PHE A 807 32.37 -30.01 -10.04
N ALA A 808 33.62 -29.72 -10.40
CA ALA A 808 34.26 -28.50 -9.96
C ALA A 808 34.02 -27.34 -10.92
N GLY A 809 33.37 -27.57 -12.05
CA GLY A 809 33.07 -26.49 -12.97
C GLY A 809 34.15 -26.19 -13.98
N GLY A 810 35.18 -27.01 -14.07
CA GLY A 810 36.27 -26.76 -15.00
C GLY A 810 35.93 -27.15 -16.42
N LEU A 811 35.29 -28.31 -16.57
CA LEU A 811 34.92 -28.83 -17.89
C LEU A 811 33.43 -29.13 -17.91
N SER A 812 32.84 -28.95 -19.08
CA SER A 812 31.44 -29.35 -19.24
C SER A 812 31.35 -30.87 -19.29
N LEU A 813 30.13 -31.38 -19.15
CA LEU A 813 29.95 -32.82 -19.13
C LEU A 813 30.38 -33.44 -20.45
N ALA A 814 30.13 -32.74 -21.55
CA ALA A 814 30.54 -33.27 -22.85
C ALA A 814 32.06 -33.32 -22.96
N ASP A 815 32.73 -32.22 -22.62
CA ASP A 815 34.18 -32.19 -22.74
C ASP A 815 34.83 -33.13 -21.75
N ALA A 816 34.28 -33.23 -20.54
CA ALA A 816 34.81 -34.18 -19.57
C ALA A 816 34.68 -35.61 -20.08
N THR A 817 33.59 -35.90 -20.78
CA THR A 817 33.41 -37.24 -21.34
C THR A 817 34.49 -37.54 -22.37
N ARG A 818 34.99 -36.53 -23.06
CA ARG A 818 36.04 -36.77 -24.04
C ARG A 818 37.34 -37.18 -23.38
N THR A 819 37.68 -36.55 -22.25
CA THR A 819 38.91 -36.86 -21.56
C THR A 819 38.96 -38.32 -21.15
N ILE A 820 37.90 -38.80 -20.51
CA ILE A 820 37.86 -40.19 -20.09
C ILE A 820 37.76 -41.12 -21.28
N CYS A 821 36.98 -40.76 -22.29
CA CYS A 821 36.85 -41.62 -23.46
C CYS A 821 38.20 -41.79 -24.14
N SER A 822 38.92 -40.70 -24.34
CA SER A 822 40.22 -40.78 -24.98
C SER A 822 41.20 -41.53 -24.10
N ARG A 823 41.22 -41.21 -22.81
CA ARG A 823 42.13 -41.87 -21.87
C ARG A 823 41.85 -43.36 -21.77
N SER A 824 40.59 -43.76 -21.90
CA SER A 824 40.24 -45.15 -21.68
C SER A 824 40.74 -46.05 -22.81
N HIS A 825 40.39 -45.71 -24.05
CA HIS A 825 40.72 -46.62 -25.15
C HIS A 825 42.20 -46.59 -25.47
N LEU A 826 42.84 -45.42 -25.32
CA LEU A 826 44.28 -45.37 -25.56
C LEU A 826 45.03 -46.29 -24.61
N MET A 827 44.54 -46.46 -23.39
CA MET A 827 45.10 -47.48 -22.52
C MET A 827 44.70 -48.88 -22.98
N GLY A 828 43.60 -48.98 -23.72
CA GLY A 828 43.14 -50.25 -24.24
C GLY A 828 44.10 -50.83 -25.25
N GLU A 829 44.41 -50.06 -26.30
CA GLU A 829 45.34 -50.56 -27.31
C GLU A 829 46.77 -50.54 -26.80
N GLY A 830 47.11 -49.59 -25.92
CA GLY A 830 48.46 -49.54 -25.38
C GLY A 830 48.85 -50.83 -24.69
N GLU A 831 47.91 -51.42 -23.96
CA GLU A 831 48.19 -52.68 -23.27
C GLU A 831 48.40 -53.81 -24.26
N ALA A 832 47.55 -53.89 -25.29
CA ALA A 832 47.61 -54.99 -26.24
C ALA A 832 48.90 -54.94 -27.06
N MET A 833 49.31 -53.73 -27.48
CA MET A 833 50.43 -53.61 -28.40
C MET A 833 51.75 -54.12 -27.83
N LEU A 834 51.85 -54.35 -26.53
CA LEU A 834 53.11 -54.78 -25.94
C LEU A 834 52.97 -56.18 -25.36
N PHE A 835 54.07 -56.93 -25.41
CA PHE A 835 54.11 -58.29 -24.90
C PHE A 835 55.50 -58.60 -24.35
N GLY A 836 55.55 -59.50 -23.37
CA GLY A 836 56.81 -60.00 -22.87
C GLY A 836 57.49 -59.12 -21.85
N GLU A 837 58.69 -58.64 -22.18
CA GLU A 837 59.50 -57.90 -21.23
C GLU A 837 59.16 -56.42 -21.20
N TYR A 838 58.43 -55.92 -22.20
CA TYR A 838 58.04 -54.52 -22.21
C TYR A 838 56.86 -54.25 -21.26
N ILE A 839 56.47 -55.23 -20.46
CA ILE A 839 55.35 -55.06 -19.56
C ILE A 839 55.83 -54.41 -18.27
N ARG A 840 54.93 -53.68 -17.62
CA ARG A 840 55.20 -53.02 -16.35
C ARG A 840 54.12 -53.43 -15.36
N LEU A 841 54.52 -53.83 -14.16
CA LEU A 841 53.56 -54.25 -13.16
C LEU A 841 53.31 -53.13 -12.16
N MET A 842 52.26 -53.31 -11.36
CA MET A 842 51.87 -52.35 -10.34
C MET A 842 51.72 -53.08 -9.01
N ALA A 843 52.13 -52.42 -7.94
CA ALA A 843 52.13 -53.08 -6.64
C ALA A 843 51.95 -52.06 -5.54
N LEU A 844 51.61 -52.56 -4.36
CA LEU A 844 51.43 -51.77 -3.16
C LEU A 844 52.47 -52.18 -2.14
N VAL A 845 53.03 -51.20 -1.43
CA VAL A 845 54.07 -51.44 -0.44
C VAL A 845 53.79 -50.59 0.78
N GLU A 846 54.34 -51.02 1.90
CA GLU A 846 54.11 -50.37 3.19
C GLU A 846 55.18 -49.33 3.48
N TYR A 847 55.61 -48.64 2.43
CA TYR A 847 56.62 -47.60 2.52
C TYR A 847 55.97 -46.23 2.45
N SER A 848 56.69 -45.24 2.98
CA SER A 848 56.25 -43.86 2.96
C SER A 848 56.96 -43.10 1.86
N ALA A 849 56.42 -41.93 1.52
CA ALA A 849 56.99 -41.14 0.44
C ALA A 849 58.47 -40.84 0.70
N ASP A 850 58.78 -40.38 1.91
CA ASP A 850 60.17 -40.12 2.26
C ASP A 850 60.98 -41.41 2.28
N GLU A 851 60.36 -42.51 2.66
CA GLU A 851 61.08 -43.77 2.76
C GLU A 851 61.29 -44.41 1.40
N ILE A 852 60.50 -44.06 0.39
CA ILE A 852 60.79 -44.47 -0.97
C ILE A 852 62.05 -43.80 -1.46
N LYS A 853 62.27 -42.55 -1.05
CA LYS A 853 63.41 -41.77 -1.52
C LYS A 853 64.73 -42.49 -1.29
N THR A 854 64.80 -43.36 -0.28
CA THR A 854 66.02 -44.09 0.03
C THR A 854 65.91 -45.58 -0.28
N VAL A 855 64.95 -45.98 -1.11
CA VAL A 855 64.81 -47.37 -1.49
C VAL A 855 64.85 -47.57 -3.01
N PHE A 856 64.65 -46.51 -3.80
CA PHE A 856 64.78 -46.66 -5.23
C PHE A 856 66.23 -46.72 -5.69
N SER A 857 67.19 -46.48 -4.80
CA SER A 857 68.57 -46.76 -5.17
C SER A 857 68.75 -48.23 -5.49
N ASP A 858 68.00 -49.09 -4.80
CA ASP A 858 67.99 -50.51 -5.09
C ASP A 858 67.53 -50.79 -6.52
N TYR A 859 66.45 -50.12 -6.94
CA TYR A 859 65.81 -50.37 -8.22
C TYR A 859 65.57 -49.01 -8.87
N PRO A 860 66.30 -48.67 -9.93
CA PRO A 860 66.10 -47.34 -10.53
C PRO A 860 64.91 -47.27 -11.48
N ASP A 861 64.53 -48.41 -12.06
CA ASP A 861 63.42 -48.39 -13.01
C ASP A 861 62.11 -48.08 -12.32
N LEU A 862 61.98 -48.47 -11.04
CA LEU A 862 60.73 -48.29 -10.34
C LEU A 862 60.39 -46.81 -10.17
N GLU A 863 59.10 -46.52 -10.19
CA GLU A 863 58.59 -45.17 -10.04
C GLU A 863 57.30 -45.22 -9.24
N VAL A 864 56.98 -44.12 -8.58
CA VAL A 864 55.80 -44.02 -7.74
C VAL A 864 54.58 -43.65 -8.59
N CYS A 865 53.48 -44.35 -8.37
CA CYS A 865 52.26 -44.13 -9.12
C CYS A 865 51.24 -43.33 -8.34
N VAL A 866 50.91 -43.76 -7.12
CA VAL A 866 49.89 -43.12 -6.30
C VAL A 866 50.42 -43.02 -4.87
N TYR A 867 50.32 -41.83 -4.28
CA TYR A 867 50.64 -41.66 -2.88
C TYR A 867 49.36 -41.94 -2.10
N ALA A 868 49.11 -43.23 -1.86
CA ALA A 868 47.84 -43.66 -1.30
C ALA A 868 47.64 -43.15 0.13
N ALA A 869 48.60 -43.42 1.00
CA ALA A 869 48.48 -43.10 2.40
C ALA A 869 49.87 -42.80 2.92
N PRO A 870 50.00 -42.24 4.12
CA PRO A 870 51.34 -41.93 4.63
C PRO A 870 52.24 -43.15 4.75
N THR A 871 51.68 -44.32 5.03
CA THR A 871 52.46 -45.55 5.17
C THR A 871 52.19 -46.54 4.05
N GLN A 872 51.58 -46.11 2.95
CA GLN A 872 51.26 -46.99 1.84
C GLN A 872 51.45 -46.24 0.54
N THR A 873 52.05 -46.89 -0.45
CA THR A 873 52.35 -46.25 -1.70
C THR A 873 52.30 -47.25 -2.84
N VAL A 874 51.72 -46.84 -3.95
CA VAL A 874 51.59 -47.68 -5.14
C VAL A 874 52.76 -47.38 -6.07
N ILE A 875 53.51 -48.41 -6.42
CA ILE A 875 54.70 -48.27 -7.25
C ILE A 875 54.61 -49.27 -8.39
N GLY A 876 55.33 -48.97 -9.47
CA GLY A 876 55.29 -49.83 -10.63
C GLY A 876 56.57 -49.73 -11.43
N GLY A 877 56.77 -50.77 -12.25
CA GLY A 877 57.95 -50.88 -13.07
C GLY A 877 58.11 -52.28 -13.59
N PRO A 878 59.31 -52.61 -14.06
CA PRO A 878 59.57 -53.95 -14.62
C PRO A 878 59.27 -55.03 -13.59
N PRO A 879 58.72 -56.15 -14.02
CA PRO A 879 58.34 -57.21 -13.07
C PRO A 879 59.51 -57.71 -12.22
N ASP A 880 60.73 -57.71 -12.76
CA ASP A 880 61.86 -58.22 -12.00
C ASP A 880 62.17 -57.34 -10.81
N GLN A 881 61.87 -56.05 -10.90
CA GLN A 881 62.10 -55.11 -9.82
C GLN A 881 60.91 -54.98 -8.90
N VAL A 882 59.77 -55.58 -9.26
CA VAL A 882 58.59 -55.53 -8.43
C VAL A 882 58.33 -56.86 -7.73
N ASP A 883 58.64 -57.98 -8.39
CA ASP A 883 58.54 -59.27 -7.72
C ASP A 883 59.50 -59.34 -6.54
N ALA A 884 60.68 -58.76 -6.70
CA ALA A 884 61.70 -58.82 -5.65
C ALA A 884 61.44 -57.80 -4.55
N ILE A 885 61.10 -56.56 -4.90
CA ILE A 885 60.95 -55.54 -3.88
C ILE A 885 59.82 -55.88 -2.93
N ILE A 886 58.87 -56.71 -3.35
CA ILE A 886 57.89 -57.24 -2.41
C ILE A 886 58.58 -58.02 -1.30
N ALA A 887 59.63 -58.79 -1.66
CA ALA A 887 60.41 -59.46 -0.64
C ALA A 887 61.21 -58.45 0.17
N ARG A 888 61.74 -57.42 -0.50
CA ARG A 888 62.44 -56.34 0.18
C ARG A 888 61.57 -55.73 1.27
N ALA A 889 60.28 -55.54 0.99
CA ALA A 889 59.36 -55.07 2.02
C ALA A 889 59.11 -56.15 3.06
N GLU A 890 58.93 -57.39 2.62
CA GLU A 890 58.70 -58.49 3.56
C GLU A 890 59.87 -58.72 4.48
N SER A 891 61.07 -58.24 4.11
CA SER A 891 62.22 -58.37 4.99
C SER A 891 61.98 -57.68 6.32
N GLU A 892 61.41 -56.48 6.29
CA GLU A 892 61.12 -55.73 7.51
C GLU A 892 59.72 -56.00 8.05
N GLY A 893 59.09 -57.09 7.63
CA GLY A 893 57.75 -57.39 8.09
C GLY A 893 56.72 -56.35 7.70
N LYS A 894 56.84 -55.81 6.48
CA LYS A 894 55.95 -54.79 5.98
C LYS A 894 54.93 -55.40 5.05
N PHE A 895 53.95 -54.58 4.66
CA PHE A 895 52.87 -55.06 3.82
C PHE A 895 53.22 -54.84 2.35
N ALA A 896 52.76 -55.76 1.52
CA ALA A 896 52.99 -55.67 0.08
C ALA A 896 51.91 -56.44 -0.65
N ARG A 897 51.65 -56.03 -1.88
CA ARG A 897 50.67 -56.69 -2.72
C ARG A 897 50.90 -56.29 -4.16
N LYS A 898 50.61 -57.21 -5.07
CA LYS A 898 50.84 -57.03 -6.50
C LYS A 898 49.47 -56.97 -7.17
N PHE A 899 49.21 -55.88 -7.88
CA PHE A 899 47.95 -55.77 -8.59
C PHE A 899 47.90 -56.75 -9.75
N GLN A 900 46.68 -57.05 -10.20
CA GLN A 900 46.43 -57.92 -11.34
C GLN A 900 45.85 -57.19 -12.54
N THR A 901 46.07 -55.89 -12.63
CA THR A 901 45.72 -55.11 -13.80
C THR A 901 46.98 -54.46 -14.36
N LYS A 902 47.15 -54.55 -15.68
CA LYS A 902 48.39 -54.16 -16.33
C LYS A 902 48.25 -52.87 -17.12
N GLY A 903 47.21 -52.08 -16.86
CA GLY A 903 47.10 -50.79 -17.51
C GLY A 903 48.34 -49.93 -17.32
N ALA A 904 48.99 -50.03 -16.17
CA ALA A 904 50.27 -49.38 -15.89
C ALA A 904 50.19 -47.87 -16.18
N SER A 905 49.22 -47.23 -15.55
CA SER A 905 49.07 -45.80 -15.70
C SER A 905 50.04 -45.07 -14.78
N HIS A 906 50.28 -43.79 -15.10
CA HIS A 906 51.22 -42.97 -14.36
C HIS A 906 52.62 -43.58 -14.36
N THR A 907 52.92 -44.33 -15.40
CA THR A 907 54.21 -44.98 -15.58
C THR A 907 54.80 -44.55 -16.91
N GLN A 908 55.96 -45.13 -17.24
CA GLN A 908 56.63 -44.79 -18.49
C GLN A 908 55.90 -45.39 -19.69
N GLN A 909 55.01 -46.36 -19.46
CA GLN A 909 54.27 -46.95 -20.55
C GLN A 909 53.38 -45.95 -21.26
N MET A 910 53.09 -44.82 -20.63
CA MET A 910 52.18 -43.85 -21.22
C MET A 910 52.90 -42.84 -22.10
N ASP A 911 54.21 -42.92 -22.20
CA ASP A 911 54.96 -42.02 -23.06
C ASP A 911 54.54 -42.09 -24.52
N PRO A 912 54.39 -43.26 -25.14
CA PRO A 912 53.91 -43.29 -26.53
C PRO A 912 52.50 -42.78 -26.70
N LEU A 913 51.69 -42.78 -25.64
CA LEU A 913 50.30 -42.40 -25.75
C LEU A 913 50.07 -40.90 -25.62
N LEU A 914 51.04 -40.17 -25.08
CA LEU A 914 50.85 -38.75 -24.81
C LEU A 914 50.57 -37.97 -26.08
N GLY A 915 51.20 -38.34 -27.20
CA GLY A 915 50.97 -37.61 -28.43
C GLY A 915 49.53 -37.71 -28.91
N GLU A 916 48.97 -38.93 -28.89
CA GLU A 916 47.60 -39.10 -29.35
C GLU A 916 46.62 -38.41 -28.43
N LEU A 917 46.91 -38.39 -27.13
CA LEU A 917 45.99 -37.77 -26.18
C LEU A 917 45.86 -36.28 -26.45
N ALA A 918 46.95 -35.62 -26.83
CA ALA A 918 46.86 -34.21 -27.16
C ALA A 918 46.01 -33.98 -28.40
N ALA A 919 46.16 -34.85 -29.40
CA ALA A 919 45.37 -34.73 -30.62
C ALA A 919 43.90 -34.94 -30.34
N GLU A 920 43.56 -36.03 -29.64
CA GLU A 920 42.15 -36.36 -29.41
C GLU A 920 41.46 -35.35 -28.50
N LEU A 921 42.20 -34.68 -27.62
CA LEU A 921 41.61 -33.76 -26.68
C LEU A 921 41.66 -32.32 -27.16
N GLN A 922 42.18 -32.07 -28.35
CA GLN A 922 42.25 -30.72 -28.88
C GLN A 922 40.84 -30.24 -29.19
N GLY A 923 40.38 -29.24 -28.44
CA GLY A 923 39.06 -28.69 -28.67
C GLY A 923 38.24 -28.55 -27.41
N ILE A 924 38.80 -28.95 -26.27
CA ILE A 924 38.10 -28.84 -25.00
C ILE A 924 38.26 -27.43 -24.48
N GLU A 925 37.24 -26.94 -23.78
CA GLU A 925 37.23 -25.55 -23.32
C GLU A 925 37.30 -25.48 -21.81
N PRO A 926 38.47 -25.25 -21.23
CA PRO A 926 38.56 -25.10 -19.78
C PRO A 926 37.81 -23.86 -19.32
N LYS A 927 37.29 -23.93 -18.11
CA LYS A 927 36.53 -22.87 -17.48
C LYS A 927 37.06 -22.62 -16.09
N PRO A 928 36.83 -21.44 -15.51
CA PRO A 928 37.23 -21.20 -14.13
C PRO A 928 36.51 -22.15 -13.19
N LEU A 929 37.02 -22.24 -11.96
CA LEU A 929 36.51 -23.19 -10.98
C LEU A 929 35.44 -22.53 -10.12
N THR A 930 34.35 -23.27 -9.90
CA THR A 930 33.27 -22.81 -9.05
C THR A 930 33.35 -23.34 -7.62
N THR A 931 34.19 -24.34 -7.36
CA THR A 931 34.36 -24.88 -6.02
C THR A 931 35.84 -25.16 -5.79
N GLY A 932 36.21 -25.29 -4.53
CA GLY A 932 37.59 -25.61 -4.21
C GLY A 932 38.03 -26.87 -4.92
N TYR A 933 39.34 -26.97 -5.15
CA TYR A 933 39.85 -28.11 -5.92
C TYR A 933 41.22 -28.49 -5.39
N PHE A 934 41.32 -29.66 -4.78
CA PHE A 934 42.59 -30.19 -4.31
C PHE A 934 43.16 -31.08 -5.41
N SER A 935 43.94 -30.48 -6.30
CA SER A 935 44.42 -31.22 -7.46
C SER A 935 45.51 -32.20 -7.04
N THR A 936 45.30 -33.47 -7.38
CA THR A 936 46.34 -34.47 -7.12
C THR A 936 47.39 -34.49 -8.22
N VAL A 937 47.08 -33.95 -9.39
CA VAL A 937 48.08 -33.80 -10.43
C VAL A 937 49.11 -32.75 -10.01
N HIS A 938 48.65 -31.64 -9.45
CA HIS A 938 49.54 -30.56 -9.02
C HIS A 938 49.90 -30.71 -7.54
N GLU A 939 50.51 -31.84 -7.23
CA GLU A 939 51.14 -32.10 -5.94
C GLU A 939 50.19 -31.91 -4.77
N GLY A 940 48.89 -32.09 -5.00
CA GLY A 940 47.94 -32.04 -3.91
C GLY A 940 47.72 -30.65 -3.36
N THR A 941 48.02 -29.62 -4.14
CA THR A 941 47.83 -28.25 -3.70
C THR A 941 46.37 -27.85 -3.84
N PHE A 942 46.00 -26.80 -3.10
CA PHE A 942 44.63 -26.32 -3.08
C PHE A 942 44.47 -25.17 -4.05
N ILE A 943 43.38 -25.19 -4.80
CA ILE A 943 43.07 -24.17 -5.78
C ILE A 943 41.76 -23.51 -5.36
N ARG A 944 41.80 -22.20 -5.12
CA ARG A 944 40.63 -21.50 -4.66
C ARG A 944 39.59 -21.39 -5.77
N PRO A 945 38.30 -21.32 -5.41
CA PRO A 945 37.26 -21.15 -6.43
C PRO A 945 37.42 -19.82 -7.16
N GLY A 946 37.04 -19.82 -8.43
CA GLY A 946 37.10 -18.60 -9.21
C GLY A 946 38.45 -18.31 -9.83
N SER A 947 39.41 -19.20 -9.69
CA SER A 947 40.73 -18.98 -10.26
C SER A 947 40.72 -19.26 -11.76
N ALA A 948 41.88 -19.10 -12.39
CA ALA A 948 41.97 -19.30 -13.82
C ALA A 948 41.79 -20.77 -14.18
N PRO A 949 41.24 -21.06 -15.35
CA PRO A 949 41.07 -22.45 -15.78
C PRO A 949 42.38 -23.23 -15.71
N ILE A 950 42.28 -24.50 -15.32
CA ILE A 950 43.43 -25.37 -15.20
C ILE A 950 43.33 -26.62 -16.06
N HIS A 951 42.15 -26.95 -16.58
CA HIS A 951 41.94 -28.24 -17.21
C HIS A 951 42.20 -28.15 -18.71
N ASP A 952 43.43 -27.77 -19.04
CA ASP A 952 43.92 -27.76 -20.40
C ASP A 952 44.60 -29.09 -20.72
N VAL A 953 44.90 -29.28 -22.01
CA VAL A 953 45.45 -30.55 -22.47
C VAL A 953 46.72 -30.89 -21.71
N ASP A 954 47.54 -29.88 -21.43
CA ASP A 954 48.76 -30.12 -20.65
C ASP A 954 48.44 -30.68 -19.28
N TYR A 955 47.33 -30.25 -18.68
CA TYR A 955 46.92 -30.82 -17.40
C TYR A 955 46.62 -32.30 -17.54
N TRP A 956 45.95 -32.69 -18.60
CA TRP A 956 45.56 -34.09 -18.77
C TRP A 956 46.76 -34.93 -19.16
N LYS A 957 47.68 -34.36 -19.94
CA LYS A 957 48.91 -35.07 -20.26
C LYS A 957 49.69 -35.40 -18.99
N LYS A 958 49.80 -34.43 -18.09
CA LYS A 958 50.58 -34.62 -16.88
C LYS A 958 49.99 -35.73 -16.02
N GLY A 959 48.69 -35.64 -15.74
CA GLY A 959 48.06 -36.61 -14.86
C GLY A 959 48.15 -38.04 -15.35
N LEU A 960 48.11 -38.25 -16.65
CA LEU A 960 48.20 -39.61 -17.16
C LEU A 960 49.65 -40.12 -17.20
N ARG A 961 50.60 -39.26 -16.90
CA ARG A 961 52.02 -39.62 -16.93
C ARG A 961 52.68 -39.68 -15.57
N HIS A 962 52.37 -38.73 -14.69
CA HIS A 962 53.08 -38.62 -13.43
C HIS A 962 52.24 -39.14 -12.28
N SER A 963 52.81 -39.03 -11.08
CA SER A 963 52.21 -39.65 -9.91
C SER A 963 50.95 -38.92 -9.47
N VAL A 964 50.25 -39.54 -8.53
CA VAL A 964 49.02 -39.01 -7.98
C VAL A 964 49.30 -38.66 -6.53
N TYR A 965 49.16 -37.38 -6.20
CA TYR A 965 49.41 -36.93 -4.84
C TYR A 965 48.10 -36.96 -4.06
N PHE A 966 47.67 -38.18 -3.74
CA PHE A 966 46.41 -38.35 -3.05
C PHE A 966 46.54 -38.03 -1.58
N THR A 967 47.52 -38.62 -0.89
CA THR A 967 47.64 -38.38 0.53
C THR A 967 47.94 -36.90 0.83
N GLN A 968 48.76 -36.27 -0.01
CA GLN A 968 49.06 -34.86 0.19
C GLN A 968 47.81 -34.02 0.02
N GLY A 969 47.01 -34.31 -1.01
CA GLY A 969 45.79 -33.56 -1.21
C GLY A 969 44.81 -33.70 -0.06
N ILE A 970 44.67 -34.93 0.45
CA ILE A 970 43.77 -35.15 1.59
C ILE A 970 44.25 -34.35 2.79
N ARG A 971 45.52 -34.48 3.14
CA ARG A 971 46.03 -33.78 4.31
C ARG A 971 45.87 -32.27 4.16
N ASN A 972 46.06 -31.75 2.95
CA ASN A 972 45.85 -30.32 2.75
C ASN A 972 44.39 -29.95 3.04
N ALA A 973 43.47 -30.85 2.70
CA ALA A 973 42.06 -30.57 2.98
C ALA A 973 41.81 -30.57 4.48
N VAL A 974 42.43 -31.50 5.21
CA VAL A 974 42.26 -31.54 6.65
C VAL A 974 42.80 -30.26 7.28
N ASP A 975 43.94 -29.77 6.78
CA ASP A 975 44.48 -28.51 7.29
C ASP A 975 43.55 -27.34 7.00
N ASN A 976 42.83 -27.38 5.89
CA ASN A 976 41.85 -26.34 5.62
C ASN A 976 40.62 -26.45 6.51
N GLY A 977 40.50 -27.50 7.30
CA GLY A 977 39.42 -27.64 8.24
C GLY A 977 38.31 -28.55 7.81
N HIS A 978 38.49 -29.29 6.72
CA HIS A 978 37.45 -30.18 6.24
C HIS A 978 37.46 -31.46 7.06
N THR A 979 36.27 -31.98 7.36
CA THR A 979 36.14 -33.17 8.16
C THR A 979 35.19 -34.20 7.56
N THR A 980 34.37 -33.83 6.58
CA THR A 980 33.44 -34.74 5.96
C THR A 980 33.94 -35.09 4.57
N PHE A 981 34.01 -36.39 4.29
CA PHE A 981 34.50 -36.88 3.01
C PHE A 981 33.47 -37.84 2.44
N LEU A 982 32.98 -37.51 1.26
CA LEU A 982 31.94 -38.28 0.58
C LEU A 982 32.54 -39.00 -0.62
N GLU A 983 32.31 -40.30 -0.69
CA GLU A 983 32.89 -41.17 -1.71
C GLU A 983 31.84 -41.55 -2.75
N LEU A 984 32.00 -41.03 -3.95
CA LEU A 984 31.12 -41.34 -5.06
C LEU A 984 31.78 -42.45 -5.86
N ALA A 985 31.26 -43.67 -5.72
CA ALA A 985 31.81 -44.82 -6.42
C ALA A 985 30.84 -45.98 -6.26
N PRO A 986 30.94 -47.00 -7.13
CA PRO A 986 30.09 -48.18 -6.96
C PRO A 986 30.44 -48.99 -5.74
N ASN A 987 31.59 -48.74 -5.13
CA ASN A 987 32.03 -49.48 -3.98
C ASN A 987 33.07 -48.64 -3.24
N PRO A 988 32.97 -48.51 -1.93
CA PRO A 988 33.93 -47.69 -1.18
C PRO A 988 35.28 -48.39 -1.06
N VAL A 989 36.24 -47.92 -1.83
CA VAL A 989 37.58 -48.50 -1.82
C VAL A 989 38.58 -47.46 -1.33
N ALA A 990 38.25 -46.18 -1.51
CA ALA A 990 39.14 -45.11 -1.12
C ALA A 990 38.84 -44.55 0.26
N LEU A 991 37.66 -44.83 0.81
CA LEU A 991 37.35 -44.31 2.13
C LEU A 991 38.28 -44.89 3.19
N MET A 992 38.71 -46.14 3.03
CA MET A 992 39.69 -46.69 3.95
C MET A 992 41.03 -45.99 3.82
N GLN A 993 41.37 -45.52 2.62
CA GLN A 993 42.62 -44.81 2.44
C GLN A 993 42.52 -43.41 3.01
N VAL A 994 41.37 -42.76 2.84
CA VAL A 994 41.18 -41.43 3.39
C VAL A 994 41.18 -41.50 4.91
N GLY A 995 40.65 -42.57 5.48
CA GLY A 995 40.66 -42.73 6.93
C GLY A 995 42.06 -42.73 7.50
N LEU A 996 43.00 -43.37 6.81
CA LEU A 996 44.37 -43.41 7.29
C LEU A 996 45.01 -42.04 7.29
N THR A 997 44.77 -41.25 6.25
CA THR A 997 45.40 -39.93 6.18
C THR A 997 44.84 -39.00 7.24
N THR A 998 43.53 -39.07 7.50
CA THR A 998 42.94 -38.17 8.49
C THR A 998 43.45 -38.48 9.88
N ALA A 999 43.53 -39.76 10.24
CA ALA A 999 44.06 -40.12 11.55
C ALA A 999 45.48 -39.60 11.71
N SER A 1000 46.30 -39.80 10.68
CA SER A 1000 47.68 -39.32 10.70
C SER A 1000 47.75 -37.81 10.84
N ALA A 1001 46.73 -37.11 10.38
CA ALA A 1001 46.70 -35.65 10.47
C ALA A 1001 46.10 -35.15 11.77
N GLY A 1002 45.71 -36.06 12.66
CA GLY A 1002 45.13 -35.65 13.93
C GLY A 1002 43.66 -35.37 13.82
N LEU A 1003 42.92 -36.34 13.28
CA LEU A 1003 41.48 -36.22 13.13
C LEU A 1003 40.91 -37.63 13.28
N HIS A 1004 40.44 -37.94 14.49
CA HIS A 1004 39.91 -39.27 14.77
C HIS A 1004 38.39 -39.32 14.78
N ASP A 1005 37.73 -38.31 14.21
CA ASP A 1005 36.28 -38.29 14.16
C ASP A 1005 35.79 -37.80 12.81
N ALA A 1006 36.55 -38.03 11.75
CA ALA A 1006 36.16 -37.56 10.43
C ALA A 1006 34.89 -38.27 9.98
N GLN A 1007 34.11 -37.57 9.16
CA GLN A 1007 32.89 -38.14 8.60
C GLN A 1007 33.23 -38.75 7.25
N LEU A 1008 33.10 -40.06 7.14
CA LEU A 1008 33.43 -40.78 5.92
C LEU A 1008 32.16 -41.48 5.46
N ILE A 1009 31.58 -40.99 4.38
CA ILE A 1009 30.26 -41.39 3.93
C ILE A 1009 30.41 -42.13 2.61
N ALA A 1010 29.93 -43.37 2.57
CA ALA A 1010 29.88 -44.13 1.34
C ALA A 1010 28.52 -43.94 0.68
N THR A 1011 28.47 -44.26 -0.61
CA THR A 1011 27.26 -44.09 -1.40
C THR A 1011 26.68 -45.43 -1.84
N LEU A 1012 27.46 -46.26 -2.53
CA LEU A 1012 27.00 -47.59 -2.90
C LEU A 1012 28.05 -48.59 -2.46
N ALA A 1013 27.60 -49.82 -2.23
CA ALA A 1013 28.48 -50.86 -1.75
C ALA A 1013 27.97 -52.21 -2.24
N ARG A 1014 28.89 -53.05 -2.66
CA ARG A 1014 28.55 -54.43 -2.99
C ARG A 1014 27.88 -55.11 -1.82
N LYS A 1015 26.89 -55.95 -2.11
CA LYS A 1015 26.13 -56.74 -1.14
C LYS A 1015 25.18 -55.89 -0.31
N GLN A 1016 24.96 -54.63 -0.69
CA GLN A 1016 24.06 -53.75 0.04
C GLN A 1016 23.07 -53.15 -0.93
N ASP A 1017 21.82 -53.02 -0.50
CA ASP A 1017 20.80 -52.43 -1.34
C ASP A 1017 21.22 -51.01 -1.74
N GLU A 1018 20.84 -50.63 -2.95
CA GLU A 1018 21.32 -49.38 -3.50
C GLU A 1018 20.44 -48.20 -3.14
N VAL A 1019 19.12 -48.39 -3.21
CA VAL A 1019 18.21 -47.32 -2.81
C VAL A 1019 18.40 -46.98 -1.34
N GLU A 1020 18.50 -48.01 -0.50
CA GLU A 1020 18.74 -47.78 0.92
C GLU A 1020 20.08 -47.12 1.16
N SER A 1021 21.10 -47.51 0.39
CA SER A 1021 22.43 -46.94 0.59
C SER A 1021 22.43 -45.45 0.30
N MET A 1022 21.71 -45.03 -0.74
CA MET A 1022 21.69 -43.62 -1.06
C MET A 1022 20.88 -42.83 -0.05
N ILE A 1023 19.80 -43.41 0.47
CA ILE A 1023 19.04 -42.73 1.52
C ILE A 1023 19.91 -42.55 2.75
N SER A 1024 20.64 -43.60 3.12
CA SER A 1024 21.51 -43.50 4.29
C SER A 1024 22.60 -42.45 4.09
N ALA A 1025 23.14 -42.38 2.88
CA ALA A 1025 24.17 -41.39 2.60
C ALA A 1025 23.62 -39.97 2.72
N MET A 1026 22.46 -39.74 2.13
CA MET A 1026 21.85 -38.42 2.22
C MET A 1026 21.46 -38.07 3.65
N ALA A 1027 20.99 -39.06 4.41
CA ALA A 1027 20.64 -38.80 5.80
C ALA A 1027 21.85 -38.34 6.60
N GLN A 1028 23.01 -38.94 6.35
CA GLN A 1028 24.20 -38.55 7.09
C GLN A 1028 24.60 -37.12 6.81
N LEU A 1029 24.51 -36.70 5.55
CA LEU A 1029 24.83 -35.32 5.22
C LEU A 1029 23.91 -34.35 5.94
N TYR A 1030 22.62 -34.71 6.02
CA TYR A 1030 21.65 -33.85 6.70
C TYR A 1030 21.95 -33.73 8.18
N VAL A 1031 22.31 -34.85 8.81
CA VAL A 1031 22.53 -34.86 10.25
C VAL A 1031 23.69 -33.96 10.65
N HIS A 1032 24.69 -33.81 9.79
CA HIS A 1032 25.84 -32.99 10.12
C HIS A 1032 25.71 -31.56 9.62
N GLY A 1033 24.57 -31.19 9.06
CA GLY A 1033 24.30 -29.81 8.74
C GLY A 1033 24.63 -29.39 7.33
N HIS A 1034 25.03 -30.32 6.48
CA HIS A 1034 25.39 -29.97 5.12
C HIS A 1034 24.14 -29.74 4.29
N ASP A 1035 24.32 -29.01 3.19
CA ASP A 1035 23.21 -28.63 2.33
C ASP A 1035 22.48 -29.87 1.82
N LEU A 1036 21.19 -29.95 2.14
CA LEU A 1036 20.34 -31.03 1.65
C LEU A 1036 18.88 -30.71 1.94
N ASP A 1037 18.05 -30.71 0.90
CA ASP A 1037 16.63 -30.43 1.06
C ASP A 1037 15.96 -31.75 1.41
N PHE A 1038 15.59 -31.91 2.67
CA PHE A 1038 14.97 -33.16 3.08
C PHE A 1038 13.59 -33.33 2.47
N ARG A 1039 12.91 -32.24 2.12
CA ARG A 1039 11.59 -32.34 1.52
C ARG A 1039 11.61 -33.05 0.18
N THR A 1040 12.76 -33.07 -0.50
CA THR A 1040 12.85 -33.73 -1.79
C THR A 1040 12.74 -35.24 -1.67
N LEU A 1041 13.02 -35.80 -0.50
CA LEU A 1041 12.92 -37.24 -0.33
C LEU A 1041 11.49 -37.72 -0.24
N PHE A 1042 10.51 -36.82 -0.17
CA PHE A 1042 9.10 -37.18 -0.04
C PHE A 1042 8.30 -36.40 -1.07
N PRO A 1043 8.49 -36.68 -2.35
CA PRO A 1043 7.72 -35.97 -3.38
C PRO A 1043 6.25 -36.30 -3.33
N ARG A 1044 5.43 -35.26 -3.46
CA ARG A 1044 3.98 -35.41 -3.43
C ARG A 1044 3.51 -36.24 -4.62
N ARG A 1045 2.72 -37.27 -4.34
CA ARG A 1045 2.23 -38.17 -5.36
C ARG A 1045 0.78 -37.91 -5.75
N SER A 1046 0.06 -37.15 -4.93
CA SER A 1046 -1.34 -36.82 -5.15
C SER A 1046 -1.50 -35.33 -5.36
N LYS A 1047 -2.68 -34.93 -5.82
CA LYS A 1047 -3.00 -33.53 -6.06
C LYS A 1047 -3.38 -32.78 -4.78
N GLY A 1048 -3.90 -33.46 -3.78
CA GLY A 1048 -4.35 -32.82 -2.55
C GLY A 1048 -5.76 -33.20 -2.19
N LEU A 1049 -6.58 -33.47 -3.20
CA LEU A 1049 -7.89 -34.05 -3.00
C LEU A 1049 -7.56 -35.47 -2.54
N ALA A 1050 -7.14 -36.29 -3.49
CA ALA A 1050 -6.57 -37.61 -3.23
C ALA A 1050 -5.30 -37.50 -2.39
N GLY A 1051 -4.77 -36.28 -2.25
CA GLY A 1051 -3.58 -35.98 -1.47
C GLY A 1051 -3.77 -35.82 0.00
N ALA A 1052 -4.89 -35.24 0.45
CA ALA A 1052 -5.21 -35.09 1.87
C ALA A 1052 -4.37 -36.01 2.76
N LEU A 1053 -4.31 -37.30 2.44
CA LEU A 1053 -3.58 -38.21 3.31
C LEU A 1053 -2.07 -38.18 3.06
N ASP A 1054 -1.59 -37.25 2.25
CA ASP A 1054 -0.16 -37.15 2.03
C ASP A 1054 0.57 -36.85 3.33
N PHE A 1055 -0.11 -36.20 4.26
CA PHE A 1055 0.49 -35.73 5.51
C PHE A 1055 -0.21 -36.40 6.69
N ALA A 1056 0.56 -36.63 7.74
CA ALA A 1056 0.04 -37.20 8.97
C ALA A 1056 -0.10 -36.12 10.02
N ASN A 1057 -0.90 -36.40 11.03
CA ASN A 1057 -1.16 -35.45 12.11
C ASN A 1057 -0.21 -35.70 13.27
N ILE A 1058 1.06 -35.44 13.01
CA ILE A 1058 2.12 -35.66 14.00
C ILE A 1058 2.01 -34.59 15.08
N PRO A 1059 2.56 -34.82 16.27
CA PRO A 1059 2.43 -33.83 17.32
C PRO A 1059 3.14 -32.54 16.95
N PRO A 1060 2.64 -31.41 17.41
CA PRO A 1060 3.28 -30.13 17.10
C PRO A 1060 4.45 -29.84 18.03
N THR A 1061 5.27 -28.89 17.60
CA THR A 1061 6.39 -28.45 18.41
C THR A 1061 5.90 -27.93 19.76
N ARG A 1062 6.57 -28.36 20.81
CA ARG A 1062 6.18 -28.02 22.17
C ARG A 1062 7.11 -26.96 22.74
N PHE A 1063 6.55 -26.08 23.55
CA PHE A 1063 7.29 -25.01 24.17
C PHE A 1063 7.29 -25.19 25.67
N LYS A 1064 8.35 -24.72 26.30
CA LYS A 1064 8.50 -24.77 27.75
C LYS A 1064 8.35 -23.34 28.24
N ARG A 1065 7.13 -22.96 28.58
CA ARG A 1065 6.82 -21.59 28.96
C ARG A 1065 7.24 -21.31 30.40
N LYS A 1066 7.86 -20.15 30.59
CA LYS A 1066 8.24 -19.66 31.90
C LYS A 1066 7.64 -18.29 32.13
N GLU A 1067 7.46 -17.94 33.40
CA GLU A 1067 6.83 -16.69 33.77
C GLU A 1067 7.82 -15.55 33.69
N HIS A 1068 7.53 -14.57 32.83
CA HIS A 1068 8.34 -13.37 32.70
C HIS A 1068 7.43 -12.16 32.79
N TRP A 1069 7.73 -11.25 33.70
CA TRP A 1069 6.90 -10.08 33.95
C TRP A 1069 7.73 -9.05 34.69
N LEU A 1070 7.18 -7.85 34.83
CA LEU A 1070 7.82 -6.79 35.57
C LEU A 1070 7.15 -6.59 36.91
N PRO A 1071 7.91 -6.52 38.00
CA PRO A 1071 7.33 -6.24 39.32
C PRO A 1071 7.13 -4.73 39.47
N ALA A 1072 5.88 -4.32 39.61
CA ALA A 1072 5.55 -2.89 39.60
C ALA A 1072 4.40 -2.62 40.57
N HIS A 1073 4.31 -1.37 41.00
CA HIS A 1073 3.24 -0.93 41.87
C HIS A 1073 2.89 0.52 41.56
N PHE A 1074 1.71 0.93 42.00
CA PHE A 1074 1.14 2.25 41.70
C PHE A 1074 0.95 2.41 40.20
N ASP B 89 22.53 -3.73 -16.58
CA ASP B 89 21.34 -2.99 -16.99
C ASP B 89 20.59 -2.49 -15.78
N TRP B 90 20.52 -1.17 -15.64
CA TRP B 90 19.82 -0.54 -14.53
C TRP B 90 18.54 0.14 -14.99
N SER B 91 17.81 -0.47 -15.91
CA SER B 91 16.56 0.12 -16.38
C SER B 91 15.38 -0.49 -15.62
N ARG B 92 14.25 0.21 -15.70
CA ARG B 92 13.05 -0.21 -15.00
C ARG B 92 12.44 -1.44 -15.65
N THR B 93 12.08 -2.42 -14.83
CA THR B 93 11.39 -3.59 -15.33
C THR B 93 9.88 -3.45 -15.33
N ARG B 94 9.33 -2.56 -14.51
CA ARG B 94 7.90 -2.32 -14.47
C ARG B 94 7.60 -0.93 -15.03
N ASP B 95 6.51 -0.82 -15.77
CA ASP B 95 6.10 0.47 -16.32
C ASP B 95 5.41 1.28 -15.23
N VAL B 96 6.16 2.15 -14.57
CA VAL B 96 5.66 2.96 -13.48
C VAL B 96 6.01 4.42 -13.78
N GLU B 97 5.38 5.31 -13.03
CA GLU B 97 5.49 6.73 -13.24
C GLU B 97 6.29 7.40 -12.14
N ASP B 98 7.02 8.46 -12.49
CA ASP B 98 7.76 9.22 -11.51
C ASP B 98 6.83 10.07 -10.66
N ILE B 99 7.29 10.41 -9.47
CA ILE B 99 6.50 11.11 -8.47
C ILE B 99 7.07 12.51 -8.30
N ALA B 100 6.21 13.50 -8.26
CA ALA B 100 6.62 14.89 -8.14
C ALA B 100 6.41 15.38 -6.72
N ILE B 101 7.37 16.15 -6.23
CA ILE B 101 7.27 16.82 -4.95
C ILE B 101 6.86 18.26 -5.23
N VAL B 102 5.73 18.68 -4.66
CA VAL B 102 5.19 20.00 -4.94
C VAL B 102 5.04 20.87 -3.70
N GLY B 103 5.36 20.37 -2.52
CA GLY B 103 5.19 21.16 -1.31
C GLY B 103 6.02 20.62 -0.18
N VAL B 104 6.51 21.52 0.66
CA VAL B 104 7.37 21.18 1.80
C VAL B 104 6.99 22.04 2.99
N ALA B 105 6.93 21.43 4.17
CA ALA B 105 6.71 22.14 5.42
C ALA B 105 7.71 21.64 6.45
N THR B 106 8.07 22.51 7.40
CA THR B 106 9.17 22.23 8.33
C THR B 106 8.90 22.80 9.71
N ARG B 107 9.11 21.97 10.73
CA ARG B 107 9.31 22.39 12.11
C ARG B 107 10.62 21.78 12.59
N PHE B 108 11.70 22.54 12.54
CA PHE B 108 12.98 21.97 12.92
C PHE B 108 13.67 22.87 13.92
N PRO B 109 14.58 22.32 14.72
CA PRO B 109 15.25 23.14 15.73
C PRO B 109 15.97 24.31 15.11
N GLY B 110 16.09 25.38 15.88
CA GLY B 110 16.66 26.60 15.38
C GLY B 110 15.67 27.53 14.75
N ASP B 111 14.38 27.33 15.00
CA ASP B 111 13.31 28.15 14.43
C ASP B 111 13.36 28.13 12.90
N LEU B 112 13.36 26.92 12.35
CA LEU B 112 13.31 26.73 10.89
C LEU B 112 11.89 26.30 10.55
N ASN B 113 11.01 27.29 10.44
CA ASN B 113 9.59 27.03 10.27
C ASN B 113 9.10 27.19 8.84
N THR B 114 9.97 27.53 7.90
CA THR B 114 9.60 27.61 6.50
C THR B 114 10.75 27.04 5.68
N PRO B 115 10.47 26.57 4.47
CA PRO B 115 11.57 26.10 3.62
C PRO B 115 12.61 27.18 3.36
N ASP B 116 12.20 28.43 3.22
CA ASP B 116 13.17 29.48 2.97
C ASP B 116 14.09 29.66 4.17
N GLU B 117 13.53 29.67 5.38
CA GLU B 117 14.36 29.75 6.58
C GLU B 117 15.32 28.59 6.66
N MET B 118 14.85 27.38 6.36
CA MET B 118 15.70 26.21 6.41
C MET B 118 16.83 26.29 5.41
N TRP B 119 16.54 26.77 4.21
CA TRP B 119 17.58 26.89 3.19
C TRP B 119 18.65 27.88 3.60
N GLU B 120 18.24 29.02 4.16
CA GLU B 120 19.22 30.00 4.60
C GLU B 120 20.12 29.42 5.68
N ALA B 121 19.53 28.72 6.65
CA ALA B 121 20.34 28.14 7.71
C ALA B 121 21.32 27.11 7.17
N LEU B 122 20.88 26.27 6.23
CA LEU B 122 21.77 25.25 5.69
C LEU B 122 22.95 25.87 4.96
N LEU B 123 22.71 26.88 4.14
CA LEU B 123 23.81 27.53 3.44
C LEU B 123 24.78 28.16 4.41
N GLU B 124 24.30 28.65 5.54
CA GLU B 124 25.15 29.26 6.55
C GLU B 124 25.90 28.23 7.39
N GLY B 125 25.54 26.96 7.32
CA GLY B 125 26.14 25.98 8.20
C GLY B 125 25.75 26.19 9.64
N LYS B 126 24.48 26.43 9.90
CA LYS B 126 24.01 26.74 11.25
C LYS B 126 23.97 25.48 12.10
N ASP B 127 24.38 25.62 13.36
CA ASP B 127 24.28 24.57 14.35
C ASP B 127 23.07 24.84 15.23
N CYS B 128 22.08 23.95 15.17
CA CYS B 128 20.82 24.16 15.85
C CYS B 128 20.69 23.41 17.16
N VAL B 129 21.75 22.79 17.65
CA VAL B 129 21.69 22.09 18.92
C VAL B 129 21.93 23.08 20.04
N THR B 130 21.17 22.94 21.14
CA THR B 130 21.23 23.86 22.26
C THR B 130 20.99 23.10 23.55
N ASP B 131 21.20 23.80 24.65
CA ASP B 131 20.91 23.23 25.96
C ASP B 131 19.42 23.14 26.19
N LEU B 132 19.06 22.35 27.20
CA LEU B 132 17.65 22.15 27.52
C LEU B 132 17.03 23.47 27.96
N PRO B 133 15.91 23.89 27.37
CA PRO B 133 15.26 25.12 27.82
C PRO B 133 14.82 25.02 29.28
N GLU B 134 14.81 26.17 29.94
CA GLU B 134 14.45 26.20 31.37
C GLU B 134 13.03 25.75 31.61
N ASP B 135 12.15 25.91 30.63
CA ASP B 135 10.73 25.65 30.82
C ASP B 135 10.33 24.23 30.44
N ARG B 136 11.26 23.38 30.03
CA ARG B 136 10.94 22.04 29.58
C ARG B 136 11.21 21.03 30.68
N TRP B 137 10.36 20.01 30.74
CA TRP B 137 10.46 18.89 31.66
C TRP B 137 10.23 19.28 33.11
N THR B 138 9.69 20.47 33.36
CA THR B 138 9.52 20.92 34.74
C THR B 138 8.53 20.06 35.51
N GLU B 139 7.71 19.26 34.82
CA GLU B 139 6.82 18.36 35.53
C GLU B 139 7.57 17.29 36.31
N PHE B 140 8.82 17.05 35.95
CA PHE B 140 9.60 15.98 36.56
C PHE B 140 10.71 16.49 37.46
N LEU B 141 11.21 17.69 37.21
CA LEU B 141 12.31 18.24 37.98
C LEU B 141 11.89 18.71 39.35
N ASP B 142 10.68 18.37 39.78
CA ASP B 142 10.21 18.65 41.12
C ASP B 142 10.33 17.45 42.05
N GLU B 143 11.13 16.45 41.68
CA GLU B 143 11.38 15.30 42.54
C GLU B 143 12.88 15.07 42.53
N PRO B 144 13.53 15.08 43.69
CA PRO B 144 15.01 15.02 43.71
C PRO B 144 15.60 13.82 43.00
N ARG B 145 14.95 12.65 43.06
CA ARG B 145 15.54 11.48 42.43
C ARG B 145 15.67 11.67 40.93
N ILE B 146 14.56 12.00 40.27
CA ILE B 146 14.59 12.23 38.83
C ILE B 146 15.43 13.47 38.52
N ALA B 147 15.35 14.49 39.37
CA ALA B 147 16.09 15.72 39.12
C ALA B 147 17.59 15.46 39.03
N GLU B 148 18.14 14.73 40.01
CA GLU B 148 19.58 14.50 39.99
C GLU B 148 19.96 13.52 38.89
N ARG B 149 19.06 12.60 38.56
CA ARG B 149 19.34 11.68 37.46
C ARG B 149 19.32 12.41 36.13
N VAL B 150 18.42 13.37 35.98
CA VAL B 150 18.34 14.13 34.72
C VAL B 150 19.53 15.05 34.60
N LYS B 151 19.92 15.70 35.70
CA LYS B 151 21.05 16.61 35.68
C LYS B 151 22.34 15.89 35.30
N LYS B 152 22.40 14.59 35.55
CA LYS B 152 23.57 13.79 35.19
C LYS B 152 23.58 13.40 33.72
N ALA B 153 22.45 13.46 33.04
CA ALA B 153 22.34 13.09 31.64
C ALA B 153 22.86 14.20 30.74
N ARG B 154 23.04 13.87 29.46
CA ARG B 154 23.54 14.85 28.51
C ARG B 154 22.57 15.99 28.31
N THR B 155 21.38 15.71 27.78
CA THR B 155 20.21 16.57 27.72
C THR B 155 20.33 17.66 26.65
N ARG B 156 21.47 17.81 25.99
CA ARG B 156 21.56 18.76 24.89
C ARG B 156 20.91 18.16 23.65
N GLY B 157 20.32 19.01 22.83
CA GLY B 157 19.66 18.53 21.65
C GLY B 157 18.97 19.67 20.92
N GLY B 158 18.21 19.31 19.90
CA GLY B 158 17.45 20.28 19.15
C GLY B 158 16.03 20.37 19.64
N TYR B 159 15.68 21.49 20.27
CA TYR B 159 14.39 21.68 20.88
C TYR B 159 13.62 22.77 20.15
N LEU B 160 12.30 22.68 20.24
CA LEU B 160 11.44 23.71 19.67
C LEU B 160 11.29 24.86 20.65
N THR B 161 10.84 25.99 20.11
CA THR B 161 10.73 27.20 20.90
C THR B 161 9.36 27.32 21.58
N ASP B 162 8.30 26.91 20.91
CA ASP B 162 6.95 26.97 21.47
C ASP B 162 6.28 25.65 21.17
N ILE B 163 6.36 24.73 22.11
CA ILE B 163 5.75 23.43 21.95
C ILE B 163 4.37 23.36 22.58
N LYS B 164 4.05 24.26 23.50
CA LYS B 164 2.76 24.26 24.15
C LYS B 164 1.72 25.07 23.38
N GLY B 165 2.14 25.83 22.38
CA GLY B 165 1.21 26.65 21.65
C GLY B 165 0.35 25.84 20.69
N PHE B 166 -0.87 26.29 20.50
CA PHE B 166 -1.78 25.66 19.56
C PHE B 166 -3.00 26.53 19.29
N ASP B 167 -3.31 26.76 18.02
CA ASP B 167 -4.52 27.49 17.67
C ASP B 167 -5.68 26.50 17.72
N SER B 168 -6.24 26.33 18.90
CA SER B 168 -7.36 25.41 19.05
C SER B 168 -8.59 25.90 18.31
N GLU B 169 -8.79 27.22 18.29
CA GLU B 169 -9.96 27.78 17.62
C GLU B 169 -9.92 27.51 16.12
N PHE B 170 -8.75 27.65 15.51
CA PHE B 170 -8.60 27.41 14.08
C PHE B 170 -8.97 25.98 13.73
N PHE B 171 -8.56 25.03 14.56
CA PHE B 171 -8.79 23.62 14.31
C PHE B 171 -10.04 23.10 15.00
N ALA B 172 -10.87 24.00 15.53
CA ALA B 172 -12.19 23.64 16.05
C ALA B 172 -12.09 22.59 17.14
N LEU B 173 -11.42 22.95 18.22
CA LEU B 173 -11.23 22.07 19.35
C LEU B 173 -11.54 22.82 20.63
N SER B 174 -12.20 22.13 21.56
CA SER B 174 -12.49 22.73 22.85
C SER B 174 -11.24 22.75 23.71
N LYS B 175 -11.28 23.56 24.77
CA LYS B 175 -10.11 23.70 25.63
C LYS B 175 -9.71 22.37 26.23
N MET B 176 -10.68 21.61 26.74
CA MET B 176 -10.34 20.35 27.38
C MET B 176 -9.81 19.35 26.36
N GLU B 177 -10.37 19.34 25.16
CA GLU B 177 -9.85 18.48 24.12
C GLU B 177 -8.46 18.91 23.67
N ALA B 178 -8.25 20.21 23.50
CA ALA B 178 -6.95 20.69 23.04
C ALA B 178 -5.85 20.46 24.06
N ASP B 179 -6.20 20.47 25.35
CA ASP B 179 -5.20 20.24 26.37
C ASP B 179 -4.70 18.81 26.39
N ASN B 180 -5.47 17.88 25.83
CA ASN B 180 -5.15 16.47 25.90
C ASN B 180 -4.57 15.92 24.60
N ILE B 181 -4.18 16.78 23.67
CA ILE B 181 -3.71 16.35 22.37
C ILE B 181 -2.19 16.35 22.35
N ASP B 182 -1.61 15.25 21.93
CA ASP B 182 -0.17 15.13 21.81
C ASP B 182 0.37 16.19 20.86
N PRO B 183 1.50 16.83 21.18
CA PRO B 183 2.07 17.78 20.22
C PRO B 183 2.39 17.17 18.88
N GLN B 184 2.54 15.85 18.80
CA GLN B 184 2.77 15.22 17.50
C GLN B 184 1.57 15.43 16.59
N GLN B 185 0.37 15.27 17.13
CA GLN B 185 -0.84 15.51 16.34
C GLN B 185 -0.94 16.98 15.95
N ARG B 186 -0.58 17.88 16.86
CA ARG B 186 -0.60 19.30 16.55
C ARG B 186 0.32 19.62 15.38
N MET B 187 1.53 19.07 15.39
CA MET B 187 2.45 19.32 14.29
C MET B 187 1.89 18.82 12.98
N ALA B 188 1.26 17.64 13.00
CA ALA B 188 0.72 17.07 11.78
C ALA B 188 -0.33 18.00 11.17
N LEU B 189 -1.23 18.52 11.99
CA LEU B 189 -2.24 19.44 11.49
C LEU B 189 -1.59 20.68 10.89
N GLU B 190 -0.71 21.32 11.66
CA GLU B 190 -0.09 22.56 11.22
C GLU B 190 0.77 22.36 9.98
N LEU B 191 1.53 21.27 9.94
CA LEU B 191 2.41 21.03 8.80
C LEU B 191 1.63 20.75 7.53
N THR B 192 0.51 20.04 7.64
CA THR B 192 -0.32 19.80 6.47
C THR B 192 -0.82 21.12 5.89
N TRP B 193 -1.29 22.03 6.73
CA TRP B 193 -1.75 23.32 6.23
C TRP B 193 -0.62 24.04 5.52
N GLU B 194 0.54 24.11 6.16
CA GLU B 194 1.66 24.84 5.60
C GLU B 194 2.14 24.24 4.29
N ALA B 195 2.18 22.91 4.21
CA ALA B 195 2.65 22.27 2.99
C ALA B 195 1.72 22.55 1.82
N LEU B 196 0.41 22.47 2.04
CA LEU B 196 -0.53 22.76 0.96
C LEU B 196 -0.46 24.22 0.56
N GLU B 197 -0.19 25.11 1.52
CA GLU B 197 -0.04 26.52 1.19
C GLU B 197 1.24 26.74 0.39
N HIS B 198 2.30 26.03 0.72
CA HIS B 198 3.54 26.14 -0.03
C HIS B 198 3.37 25.61 -1.44
N ALA B 199 2.58 24.55 -1.59
CA ALA B 199 2.31 23.97 -2.90
C ALA B 199 1.31 24.76 -3.71
N ARG B 200 0.68 25.78 -3.14
CA ARG B 200 -0.31 26.60 -3.83
C ARG B 200 -1.50 25.76 -4.28
N ILE B 201 -1.90 24.82 -3.44
CA ILE B 201 -3.10 24.02 -3.61
C ILE B 201 -4.09 24.44 -2.53
N PRO B 202 -5.20 25.07 -2.87
CA PRO B 202 -6.19 25.40 -1.84
C PRO B 202 -6.66 24.16 -1.13
N ALA B 203 -6.64 24.20 0.20
CA ALA B 203 -7.10 23.07 0.98
C ALA B 203 -8.55 22.75 0.69
N SER B 204 -9.36 23.77 0.43
CA SER B 204 -10.77 23.55 0.15
C SER B 204 -11.00 22.76 -1.13
N SER B 205 -10.06 22.79 -2.06
CA SER B 205 -10.22 22.06 -3.30
C SER B 205 -10.01 20.57 -3.14
N LEU B 206 -9.42 20.13 -2.04
CA LEU B 206 -9.11 18.73 -1.84
C LEU B 206 -10.11 18.01 -0.94
N ARG B 207 -11.16 18.70 -0.51
CA ARG B 207 -12.12 18.07 0.38
C ARG B 207 -12.93 17.03 -0.39
N GLY B 208 -12.99 15.83 0.16
CA GLY B 208 -13.67 14.75 -0.51
C GLY B 208 -12.85 13.99 -1.51
N GLU B 209 -11.60 14.39 -1.73
CA GLU B 209 -10.76 13.76 -2.73
C GLU B 209 -9.94 12.63 -2.13
N SER B 210 -9.41 11.78 -3.00
CA SER B 210 -8.65 10.61 -2.59
C SER B 210 -7.21 11.04 -2.30
N VAL B 211 -7.01 11.56 -1.10
CA VAL B 211 -5.70 11.99 -0.62
C VAL B 211 -5.27 11.05 0.49
N GLY B 212 -4.08 10.47 0.34
CA GLY B 212 -3.55 9.59 1.35
C GLY B 212 -2.67 10.34 2.33
N VAL B 213 -2.60 9.82 3.55
CA VAL B 213 -1.80 10.42 4.62
C VAL B 213 -0.98 9.31 5.26
N TYR B 214 0.34 9.38 5.12
CA TYR B 214 1.27 8.43 5.72
C TYR B 214 2.27 9.19 6.58
N ILE B 215 2.19 9.02 7.88
CA ILE B 215 3.04 9.75 8.82
C ILE B 215 3.75 8.76 9.72
N GLY B 216 5.04 8.99 9.94
CA GLY B 216 5.84 8.12 10.79
C GLY B 216 6.02 8.70 12.18
N SER B 217 5.77 7.93 13.15
CA SER B 217 5.89 8.41 14.45
C SER B 217 6.25 7.27 15.27
N SER B 218 7.22 7.41 16.15
CA SER B 218 7.55 6.28 16.96
C SER B 218 7.38 6.29 18.43
N THR B 219 6.97 7.36 19.08
CA THR B 219 6.80 7.27 20.51
C THR B 219 5.55 7.89 20.93
N ASN B 220 4.91 7.40 21.97
CA ASN B 220 3.73 8.01 22.54
C ASN B 220 4.15 8.55 23.89
N ASP B 221 4.81 9.70 23.86
CA ASP B 221 5.43 10.25 25.04
C ASP B 221 4.49 11.13 25.82
N TYR B 222 3.55 11.78 25.15
CA TYR B 222 2.55 12.57 25.83
C TYR B 222 1.63 11.70 26.67
N SER B 223 1.55 10.40 26.36
CA SER B 223 0.73 9.51 27.16
C SER B 223 1.21 9.45 28.59
N PHE B 224 2.52 9.55 28.82
CA PHE B 224 3.04 9.42 30.16
C PHE B 224 2.55 10.56 31.03
N LEU B 225 2.44 11.76 30.48
CA LEU B 225 1.93 12.87 31.25
C LEU B 225 0.52 12.59 31.74
N ALA B 226 -0.28 11.91 30.92
CA ALA B 226 -1.65 11.61 31.29
C ALA B 226 -1.74 10.53 32.37
N MET B 227 -0.67 9.78 32.59
CA MET B 227 -0.63 8.78 33.64
C MET B 227 -0.11 9.34 34.96
N SER B 228 0.19 10.63 35.04
CA SER B 228 0.62 11.22 36.30
C SER B 228 -0.37 10.88 37.42
N ASP B 229 -1.66 11.03 37.18
CA ASP B 229 -2.68 10.54 38.10
C ASP B 229 -3.60 9.54 37.42
N PRO B 230 -3.36 8.24 37.58
CA PRO B 230 -4.19 7.23 36.92
C PRO B 230 -5.67 7.25 37.28
N SER B 231 -6.21 8.41 37.63
CA SER B 231 -7.63 8.54 37.94
C SER B 231 -8.13 9.89 37.44
N ILE B 232 -7.28 10.91 37.58
CA ILE B 232 -7.61 12.26 37.14
C ILE B 232 -7.54 12.37 35.62
N ALA B 233 -6.97 11.37 34.96
CA ALA B 233 -6.78 11.40 33.52
C ALA B 233 -8.13 11.38 32.81
N HIS B 234 -8.28 12.22 31.87
CA HIS B 234 -9.53 12.39 31.16
C HIS B 234 -9.63 11.45 29.98
N PRO B 235 -10.82 10.98 29.65
CA PRO B 235 -10.94 10.07 28.50
C PRO B 235 -10.51 10.69 27.19
N TYR B 236 -10.42 12.01 27.10
CA TYR B 236 -9.90 12.61 25.88
C TYR B 236 -8.48 12.18 25.59
N ALA B 237 -7.76 11.71 26.61
CA ALA B 237 -6.38 11.29 26.39
C ALA B 237 -6.29 10.11 25.45
N ILE B 238 -7.33 9.29 25.38
CA ILE B 238 -7.28 8.12 24.50
C ILE B 238 -7.10 8.53 23.04
N THR B 239 -7.96 9.44 22.58
CA THR B 239 -7.81 9.94 21.22
C THR B 239 -6.68 10.94 21.09
N GLY B 240 -6.38 11.67 22.17
CA GLY B 240 -5.36 12.70 22.10
C GLY B 240 -3.96 12.15 21.97
N THR B 241 -3.71 10.95 22.47
CA THR B 241 -2.36 10.40 22.49
C THR B 241 -2.22 9.07 21.77
N ALA B 242 -3.21 8.66 20.98
CA ALA B 242 -3.09 7.45 20.18
C ALA B 242 -2.31 7.72 18.91
N SER B 243 -1.42 6.80 18.55
CA SER B 243 -0.58 6.98 17.37
C SER B 243 -1.40 7.03 16.11
N SER B 244 -2.38 6.15 15.97
CA SER B 244 -3.17 6.13 14.75
C SER B 244 -3.85 7.45 14.49
N ILE B 245 -4.22 8.17 15.54
CA ILE B 245 -4.95 9.43 15.37
C ILE B 245 -4.06 10.51 14.78
N ILE B 246 -2.74 10.36 14.89
CA ILE B 246 -1.83 11.33 14.28
C ILE B 246 -2.17 11.53 12.81
N ALA B 247 -2.50 10.45 12.12
CA ALA B 247 -2.87 10.54 10.72
C ALA B 247 -4.38 10.66 10.55
N ASN B 248 -5.15 9.98 11.39
CA ASN B 248 -6.60 9.99 11.21
C ASN B 248 -7.19 11.36 11.48
N ARG B 249 -6.62 12.11 12.42
CA ARG B 249 -7.15 13.43 12.69
C ARG B 249 -6.85 14.39 11.54
N VAL B 250 -5.70 14.24 10.89
CA VAL B 250 -5.42 15.03 9.70
C VAL B 250 -6.44 14.74 8.61
N SER B 251 -6.73 13.47 8.38
CA SER B 251 -7.72 13.12 7.37
C SER B 251 -9.08 13.67 7.74
N TYR B 252 -9.43 13.60 9.03
CA TYR B 252 -10.73 14.07 9.47
C TYR B 252 -10.89 15.57 9.25
N PHE B 253 -9.90 16.35 9.68
CA PHE B 253 -10.03 17.80 9.60
C PHE B 253 -10.07 18.27 8.16
N TYR B 254 -9.23 17.72 7.31
CA TYR B 254 -9.14 18.17 5.93
C TYR B 254 -10.09 17.42 5.00
N ASP B 255 -10.83 16.43 5.51
CA ASP B 255 -11.82 15.70 4.73
C ASP B 255 -11.16 14.87 3.62
N PHE B 256 -9.99 14.32 3.91
CA PHE B 256 -9.31 13.44 2.97
C PHE B 256 -9.93 12.04 3.02
N ARG B 257 -10.14 11.46 1.84
CA ARG B 257 -10.81 10.17 1.73
C ARG B 257 -9.89 9.06 1.22
N GLY B 258 -8.59 9.26 1.27
CA GLY B 258 -7.66 8.23 0.89
C GLY B 258 -7.17 7.44 2.08
N PRO B 259 -6.22 6.55 1.87
CA PRO B 259 -5.65 5.78 2.99
C PRO B 259 -5.00 6.70 4.00
N SER B 260 -5.16 6.35 5.28
CA SER B 260 -4.64 7.14 6.38
C SER B 260 -3.95 6.18 7.36
N VAL B 261 -2.63 6.23 7.42
CA VAL B 261 -1.85 5.24 8.16
C VAL B 261 -0.73 5.91 8.93
N ALA B 262 -0.42 5.35 10.11
CA ALA B 262 0.72 5.75 10.92
C ALA B 262 1.72 4.62 10.89
N VAL B 263 2.95 4.92 10.50
CA VAL B 263 4.01 3.93 10.32
C VAL B 263 5.02 4.05 11.46
N ASP B 264 5.68 2.94 11.77
CA ASP B 264 6.67 2.93 12.85
C ASP B 264 7.84 2.01 12.49
N THR B 265 8.97 2.59 12.09
CA THR B 265 10.24 1.88 12.01
C THR B 265 11.34 2.56 12.82
N ALA B 266 11.04 3.70 13.44
CA ALA B 266 11.79 4.31 14.54
C ALA B 266 13.01 5.16 14.21
N CYS B 267 13.58 5.07 13.02
CA CYS B 267 14.46 6.11 12.50
C CYS B 267 14.33 6.22 11.00
N SER B 268 13.71 5.24 10.39
CA SER B 268 13.44 5.31 8.97
C SER B 268 11.95 5.43 8.73
N SER B 269 11.21 5.91 9.74
CA SER B 269 9.76 5.97 9.64
C SER B 269 9.33 6.94 8.57
N SER B 270 9.97 8.09 8.49
CA SER B 270 9.60 9.07 7.48
C SER B 270 9.90 8.54 6.10
N LEU B 271 11.04 7.89 5.92
CA LEU B 271 11.37 7.31 4.62
C LEU B 271 10.41 6.19 4.27
N VAL B 272 10.06 5.36 5.24
CA VAL B 272 9.11 4.28 4.96
C VAL B 272 7.75 4.84 4.65
N ALA B 273 7.36 5.91 5.33
CA ALA B 273 6.09 6.55 5.02
C ALA B 273 6.12 7.11 3.60
N THR B 274 7.24 7.69 3.21
CA THR B 274 7.40 8.16 1.84
C THR B 274 7.31 7.00 0.86
N HIS B 275 7.84 5.83 1.23
CA HIS B 275 7.72 4.66 0.38
C HIS B 275 6.28 4.28 0.14
N GLN B 276 5.46 4.17 1.20
CA GLN B 276 4.05 3.85 0.98
C GLN B 276 3.36 4.90 0.15
N GLY B 277 3.66 6.18 0.37
CA GLY B 277 3.04 7.20 -0.44
C GLY B 277 3.37 7.04 -1.91
N VAL B 278 4.63 6.76 -2.23
CA VAL B 278 5.02 6.58 -3.62
C VAL B 278 4.33 5.36 -4.20
N GLN B 279 4.32 4.25 -3.46
CA GLN B 279 3.70 3.04 -3.97
C GLN B 279 2.20 3.22 -4.15
N ALA B 280 1.55 3.90 -3.21
CA ALA B 280 0.13 4.17 -3.37
C ALA B 280 -0.15 4.94 -4.65
N LEU B 281 0.55 6.05 -4.85
CA LEU B 281 0.30 6.88 -6.03
C LEU B 281 0.50 6.10 -7.32
N ARG B 282 1.54 5.26 -7.39
CA ARG B 282 1.79 4.49 -8.59
C ARG B 282 0.67 3.49 -8.87
N ALA B 283 0.06 2.95 -7.83
CA ALA B 283 -0.96 1.92 -8.00
C ALA B 283 -2.37 2.48 -8.03
N GLY B 284 -2.57 3.68 -8.57
CA GLY B 284 -3.88 4.30 -8.39
C GLY B 284 -4.06 4.55 -6.92
N GLU B 285 -5.22 4.20 -6.39
CA GLU B 285 -5.37 4.07 -4.94
C GLU B 285 -5.20 5.38 -4.17
N ALA B 286 -4.76 6.43 -4.86
CA ALA B 286 -4.56 7.75 -4.26
C ALA B 286 -4.17 8.73 -5.35
N ASP B 287 -4.67 9.96 -5.26
CA ASP B 287 -4.30 10.99 -6.21
C ASP B 287 -3.33 12.02 -5.67
N VAL B 288 -3.33 12.25 -4.36
CA VAL B 288 -2.32 13.05 -3.69
C VAL B 288 -1.89 12.29 -2.45
N ALA B 289 -0.65 12.48 -2.03
CA ALA B 289 -0.14 11.82 -0.85
C ALA B 289 0.53 12.84 0.04
N ILE B 290 0.23 12.77 1.32
CA ILE B 290 0.89 13.58 2.34
C ILE B 290 1.76 12.66 3.15
N VAL B 291 3.06 12.89 3.13
CA VAL B 291 4.03 12.00 3.76
C VAL B 291 4.95 12.81 4.64
N GLY B 292 5.32 12.25 5.79
CA GLY B 292 6.24 12.93 6.67
C GLY B 292 6.39 12.17 7.97
N GLY B 293 6.92 12.86 8.97
CA GLY B 293 7.12 12.26 10.28
C GLY B 293 7.27 13.34 11.31
N VAL B 294 7.00 12.97 12.57
CA VAL B 294 7.03 13.90 13.68
C VAL B 294 7.72 13.24 14.87
N ASN B 295 8.21 14.09 15.76
CA ASN B 295 8.88 13.62 16.97
C ASN B 295 8.84 14.73 18.01
N ALA B 296 8.54 14.36 19.24
CA ALA B 296 8.48 15.31 20.35
C ALA B 296 9.17 14.73 21.57
N LEU B 297 9.95 15.55 22.25
CA LEU B 297 10.64 15.18 23.49
C LEU B 297 9.85 15.81 24.63
N VAL B 298 8.81 15.12 25.06
CA VAL B 298 7.94 15.66 26.09
C VAL B 298 8.41 15.32 27.49
N THR B 299 8.99 14.15 27.68
CA THR B 299 9.49 13.70 28.97
C THR B 299 10.94 13.29 28.83
N PRO B 300 11.69 13.25 29.92
CA PRO B 300 13.10 12.82 29.85
C PRO B 300 13.33 11.33 29.94
N LEU B 301 12.30 10.50 29.78
CA LEU B 301 12.47 9.08 30.05
C LEU B 301 13.38 8.42 29.03
N VAL B 302 13.14 8.67 27.74
CA VAL B 302 13.95 8.03 26.71
C VAL B 302 15.37 8.56 26.74
N THR B 303 15.53 9.86 26.94
CA THR B 303 16.87 10.44 27.00
C THR B 303 17.68 9.85 28.14
N VAL B 304 17.06 9.72 29.31
CA VAL B 304 17.77 9.16 30.45
C VAL B 304 18.10 7.70 30.20
N GLY B 305 17.19 6.96 29.56
CA GLY B 305 17.48 5.59 29.23
C GLY B 305 18.68 5.44 28.31
N PHE B 306 18.71 6.25 27.24
CA PHE B 306 19.83 6.16 26.31
C PHE B 306 21.13 6.56 26.98
N ASP B 307 21.08 7.54 27.88
CA ASP B 307 22.24 7.89 28.66
C ASP B 307 22.66 6.75 29.56
N GLU B 308 21.69 6.04 30.13
CA GLU B 308 22.00 4.92 31.00
C GLU B 308 22.71 3.81 30.24
N VAL B 309 22.36 3.60 28.98
CA VAL B 309 23.04 2.59 28.17
C VAL B 309 24.53 2.87 28.11
N GLY B 310 24.89 4.13 27.87
CA GLY B 310 26.28 4.52 27.83
C GLY B 310 26.87 4.41 26.45
N GLY B 311 27.71 5.37 26.07
CA GLY B 311 28.36 5.34 24.77
C GLY B 311 27.44 5.52 23.59
N VAL B 312 26.29 6.15 23.78
CA VAL B 312 25.34 6.41 22.72
C VAL B 312 25.21 7.89 22.43
N LEU B 313 25.28 8.72 23.46
CA LEU B 313 25.06 10.14 23.34
C LEU B 313 26.37 10.89 23.38
N ALA B 314 26.50 11.90 22.52
CA ALA B 314 27.71 12.68 22.47
C ALA B 314 27.79 13.59 23.68
N PRO B 315 28.96 13.68 24.33
CA PRO B 315 29.07 14.58 25.48
C PRO B 315 28.74 16.03 25.16
N ASP B 316 29.27 16.57 24.08
CA ASP B 316 29.00 17.97 23.74
C ASP B 316 27.70 18.16 22.98
N GLY B 317 27.06 17.08 22.54
CA GLY B 317 25.79 17.18 21.88
C GLY B 317 25.86 17.50 20.41
N ARG B 318 27.04 17.44 19.81
CA ARG B 318 27.24 17.74 18.40
C ARG B 318 27.49 16.46 17.63
N ILE B 319 26.69 16.21 16.59
CA ILE B 319 26.89 15.05 15.75
C ILE B 319 28.00 15.37 14.75
N LYS B 320 29.11 14.67 14.86
CA LYS B 320 30.25 14.89 13.98
C LYS B 320 30.28 13.77 12.95
N SER B 321 29.44 13.90 11.94
CA SER B 321 29.24 12.83 10.98
C SER B 321 30.49 12.61 10.15
N PHE B 322 30.88 11.33 10.02
CA PHE B 322 32.01 10.93 9.17
C PHE B 322 33.27 11.68 9.53
N SER B 323 33.46 12.00 10.80
CA SER B 323 34.58 12.80 11.25
C SER B 323 35.46 11.99 12.17
N SER B 324 36.71 12.43 12.30
CA SER B 324 37.65 11.70 13.14
C SER B 324 37.35 11.80 14.62
N ASP B 325 36.50 12.73 15.03
CA ASP B 325 36.15 12.92 16.43
C ASP B 325 34.71 12.52 16.72
N ALA B 326 34.14 11.65 15.90
CA ALA B 326 32.76 11.23 16.10
C ALA B 326 32.63 10.43 17.38
N ASP B 327 31.65 10.81 18.21
CA ASP B 327 31.52 10.22 19.53
C ASP B 327 30.07 10.05 19.96
N GLY B 328 29.15 9.92 19.01
CA GLY B 328 27.75 9.71 19.35
C GLY B 328 26.84 10.78 18.80
N TYR B 329 25.60 10.87 19.30
CA TYR B 329 24.66 11.84 18.78
C TYR B 329 23.79 12.40 19.89
N ALA B 330 22.85 13.26 19.49
CA ALA B 330 21.92 13.90 20.40
C ALA B 330 20.54 13.90 19.78
N ARG B 331 19.52 13.77 20.62
CA ARG B 331 18.15 13.67 20.14
C ARG B 331 17.55 15.05 19.88
N SER B 332 16.56 15.07 19.00
CA SER B 332 15.92 16.32 18.60
C SER B 332 14.46 16.06 18.32
N GLU B 333 13.67 17.13 18.37
CA GLU B 333 12.24 17.06 18.10
C GLU B 333 11.88 17.98 16.96
N GLY B 334 10.85 17.61 16.23
CA GLY B 334 10.41 18.41 15.10
C GLY B 334 9.55 17.58 14.17
N GLY B 335 9.36 18.11 12.98
CA GLY B 335 8.55 17.42 11.99
C GLY B 335 8.71 18.08 10.64
N GLY B 336 8.33 17.33 9.61
CA GLY B 336 8.40 17.82 8.26
C GLY B 336 7.43 17.03 7.41
N MET B 337 7.03 17.63 6.29
CA MET B 337 6.03 16.96 5.48
C MET B 337 6.17 17.37 4.01
N LEU B 338 5.85 16.44 3.13
CA LEU B 338 5.90 16.66 1.68
C LEU B 338 4.56 16.33 1.04
N VAL B 339 4.24 17.06 -0.03
CA VAL B 339 3.07 16.81 -0.86
C VAL B 339 3.52 16.14 -2.15
N LEU B 340 3.00 14.96 -2.44
CA LEU B 340 3.41 14.16 -3.58
C LEU B 340 2.28 13.99 -4.58
N LYS B 341 2.63 13.98 -5.86
CA LYS B 341 1.68 13.72 -6.93
C LYS B 341 2.39 12.95 -8.04
N ARG B 342 1.62 12.27 -8.87
CA ARG B 342 2.19 11.73 -10.10
C ARG B 342 2.59 12.86 -11.02
N ILE B 343 3.72 12.69 -11.69
CA ILE B 343 4.31 13.79 -12.44
C ILE B 343 3.39 14.26 -13.56
N SER B 344 2.64 13.35 -14.17
CA SER B 344 1.70 13.76 -15.21
C SER B 344 0.63 14.66 -14.62
N ASP B 345 0.13 14.31 -13.44
CA ASP B 345 -0.90 15.13 -12.80
C ASP B 345 -0.37 16.50 -12.45
N ALA B 346 0.86 16.58 -11.94
CA ALA B 346 1.42 17.88 -11.61
C ALA B 346 1.61 18.71 -12.87
N ARG B 347 2.06 18.09 -13.95
CA ARG B 347 2.17 18.79 -15.22
C ARG B 347 0.81 19.27 -15.70
N ARG B 348 -0.20 18.41 -15.59
CA ARG B 348 -1.52 18.75 -16.09
C ARG B 348 -2.17 19.85 -15.26
N ASP B 349 -1.90 19.88 -13.97
CA ASP B 349 -2.51 20.86 -13.08
C ASP B 349 -1.71 22.15 -12.98
N GLY B 350 -0.59 22.25 -13.66
CA GLY B 350 0.19 23.46 -13.61
C GLY B 350 0.84 23.71 -12.27
N ASP B 351 1.32 22.67 -11.61
CA ASP B 351 2.00 22.80 -10.34
C ASP B 351 3.49 22.96 -10.59
N GLN B 352 4.13 23.75 -9.74
CA GLN B 352 5.58 23.88 -9.79
C GLN B 352 6.21 22.66 -9.15
N ILE B 353 6.98 21.93 -9.93
CA ILE B 353 7.63 20.70 -9.46
C ILE B 353 8.97 21.07 -8.88
N LEU B 354 9.15 20.82 -7.59
CA LEU B 354 10.41 21.14 -6.95
C LEU B 354 11.46 20.08 -7.19
N ALA B 355 11.07 18.82 -7.17
CA ALA B 355 11.99 17.72 -7.40
C ALA B 355 11.17 16.50 -7.77
N VAL B 356 11.86 15.44 -8.17
CA VAL B 356 11.22 14.22 -8.60
C VAL B 356 11.79 13.06 -7.80
N ILE B 357 10.91 12.20 -7.30
CA ILE B 357 11.32 10.94 -6.68
C ILE B 357 11.26 9.86 -7.74
N ALA B 358 12.40 9.25 -8.03
CA ALA B 358 12.44 8.22 -9.06
C ALA B 358 12.10 6.85 -8.51
N GLY B 359 12.56 6.51 -7.31
CA GLY B 359 12.26 5.20 -6.76
C GLY B 359 12.71 5.11 -5.32
N SER B 360 12.36 4.00 -4.68
CA SER B 360 12.67 3.78 -3.28
C SER B 360 12.61 2.29 -2.98
N ALA B 361 13.15 1.92 -1.83
CA ALA B 361 13.15 0.54 -1.39
C ALA B 361 13.19 0.48 0.12
N VAL B 362 12.78 -0.65 0.67
CA VAL B 362 12.80 -0.90 2.11
C VAL B 362 13.14 -2.36 2.34
N ASN B 363 13.95 -2.63 3.36
CA ASN B 363 14.32 -4.00 3.71
C ASN B 363 14.73 -4.02 5.17
N HIS B 364 15.20 -5.18 5.62
CA HIS B 364 15.59 -5.37 7.01
C HIS B 364 16.96 -6.04 7.08
N ASP B 365 17.66 -5.79 8.18
CA ASP B 365 19.00 -6.32 8.36
C ASP B 365 18.99 -7.84 8.42
N GLY B 366 18.06 -8.40 9.19
CA GLY B 366 18.06 -9.81 9.44
C GLY B 366 18.77 -10.10 10.73
N ARG B 367 19.41 -11.26 10.83
CA ARG B 367 20.18 -11.58 12.02
C ARG B 367 21.54 -10.91 11.89
N SER B 368 21.64 -9.70 12.40
CA SER B 368 22.90 -9.01 12.44
C SER B 368 23.64 -9.42 13.71
N ASN B 369 24.83 -8.88 13.91
CA ASN B 369 25.53 -9.16 15.14
C ASN B 369 24.91 -8.39 16.30
N GLY B 370 23.71 -8.78 16.69
CA GLY B 370 22.96 -8.06 17.69
C GLY B 370 21.78 -7.33 17.07
N LEU B 371 20.74 -7.14 17.88
CA LEU B 371 19.56 -6.45 17.38
C LEU B 371 19.87 -5.03 16.97
N LEU B 372 20.72 -4.34 17.73
CA LEU B 372 21.02 -2.93 17.50
C LEU B 372 22.26 -2.72 16.66
N ALA B 373 22.74 -3.75 15.97
CA ALA B 373 23.94 -3.65 15.17
C ALA B 373 23.59 -3.54 13.70
N PRO B 374 24.04 -2.51 13.00
CA PRO B 374 23.75 -2.41 11.57
C PRO B 374 24.51 -3.46 10.78
N ASN B 375 23.93 -3.88 9.67
CA ASN B 375 24.47 -4.92 8.83
C ASN B 375 24.79 -4.36 7.45
N PRO B 376 26.06 -4.25 7.07
CA PRO B 376 26.38 -3.65 5.78
C PRO B 376 25.82 -4.40 4.60
N ASP B 377 25.69 -5.73 4.69
CA ASP B 377 25.16 -6.49 3.57
C ASP B 377 23.73 -6.06 3.25
N ALA B 378 22.90 -5.93 4.27
CA ALA B 378 21.52 -5.51 4.05
C ALA B 378 21.45 -4.10 3.50
N GLN B 379 22.33 -3.23 3.97
CA GLN B 379 22.37 -1.86 3.48
C GLN B 379 22.73 -1.83 2.00
N ALA B 380 23.69 -2.66 1.60
CA ALA B 380 24.02 -2.74 0.17
C ALA B 380 22.81 -3.21 -0.63
N GLU B 381 22.08 -4.19 -0.11
CA GLU B 381 20.91 -4.70 -0.83
C GLU B 381 19.84 -3.64 -1.01
N VAL B 382 19.58 -2.84 0.01
CA VAL B 382 18.51 -1.84 -0.13
C VAL B 382 18.92 -0.77 -1.12
N LEU B 383 20.20 -0.41 -1.15
CA LEU B 383 20.67 0.52 -2.17
C LEU B 383 20.43 -0.05 -3.55
N ARG B 384 20.79 -1.31 -3.77
CA ARG B 384 20.60 -1.93 -5.07
C ARG B 384 19.14 -1.98 -5.46
N LYS B 385 18.26 -2.36 -4.53
CA LYS B 385 16.83 -2.41 -4.83
C LYS B 385 16.28 -1.06 -5.22
N ALA B 386 16.69 -0.02 -4.49
CA ALA B 386 16.18 1.32 -4.77
C ALA B 386 16.58 1.79 -6.16
N TYR B 387 17.82 1.55 -6.56
CA TYR B 387 18.28 2.04 -7.84
C TYR B 387 17.77 1.20 -9.00
N LYS B 388 17.37 -0.04 -8.74
CA LYS B 388 16.66 -0.79 -9.77
C LYS B 388 15.24 -0.28 -9.91
N ASP B 389 14.62 0.11 -8.79
CA ASP B 389 13.29 0.69 -8.85
C ASP B 389 13.30 2.03 -9.56
N ALA B 390 14.33 2.83 -9.32
CA ALA B 390 14.42 4.13 -9.96
C ALA B 390 14.89 4.05 -11.40
N GLY B 391 15.47 2.93 -11.81
CA GLY B 391 15.99 2.84 -13.15
C GLY B 391 17.18 3.74 -13.41
N ILE B 392 18.06 3.88 -12.42
CA ILE B 392 19.20 4.78 -12.49
C ILE B 392 20.45 4.00 -12.10
N ASN B 393 21.51 4.15 -12.87
CA ASN B 393 22.76 3.52 -12.51
C ASN B 393 23.38 4.26 -11.33
N PRO B 394 23.72 3.57 -10.25
CA PRO B 394 24.27 4.27 -9.08
C PRO B 394 25.55 5.00 -9.37
N ARG B 395 26.27 4.64 -10.42
CA ARG B 395 27.50 5.34 -10.75
C ARG B 395 27.26 6.81 -11.05
N ASP B 396 26.03 7.17 -11.40
CA ASP B 396 25.66 8.52 -11.80
C ASP B 396 25.26 9.42 -10.64
N VAL B 397 25.16 8.89 -9.43
CA VAL B 397 24.70 9.69 -8.31
C VAL B 397 25.72 10.77 -7.98
N ASP B 398 25.22 11.96 -7.64
CA ASP B 398 26.06 13.10 -7.31
C ASP B 398 26.22 13.32 -5.81
N TYR B 399 25.20 13.02 -5.03
CA TYR B 399 25.20 13.37 -3.62
C TYR B 399 24.45 12.30 -2.86
N ILE B 400 24.97 11.93 -1.70
CA ILE B 400 24.30 10.99 -0.81
C ILE B 400 24.03 11.67 0.50
N GLU B 401 22.75 11.83 0.83
CA GLU B 401 22.33 12.28 2.15
C GLU B 401 22.29 11.05 3.03
N ALA B 402 23.30 10.91 3.89
CA ALA B 402 23.53 9.66 4.59
C ALA B 402 22.82 9.65 5.93
N HIS B 403 22.68 8.46 6.50
CA HIS B 403 22.20 8.34 7.86
C HIS B 403 23.06 9.19 8.80
N GLY B 404 24.37 9.00 8.73
CA GLY B 404 25.34 9.85 9.40
C GLY B 404 25.02 10.21 10.83
N THR B 405 24.97 9.22 11.71
CA THR B 405 24.66 9.47 13.11
C THR B 405 25.87 9.85 13.94
N GLY B 406 27.07 9.79 13.38
CA GLY B 406 28.22 10.22 14.14
C GLY B 406 28.77 9.24 15.13
N THR B 407 28.37 7.97 15.06
CA THR B 407 28.97 6.94 15.88
C THR B 407 30.25 6.46 15.22
N ILE B 408 31.29 6.26 16.02
CA ILE B 408 32.60 5.94 15.46
C ILE B 408 32.68 4.54 14.88
N LEU B 409 31.71 3.68 15.17
CA LEU B 409 31.64 2.36 14.56
C LEU B 409 30.55 2.23 13.51
N GLY B 410 29.56 3.10 13.52
CA GLY B 410 28.46 2.98 12.58
C GLY B 410 28.77 3.68 11.28
N ASP B 411 29.43 4.83 11.35
CA ASP B 411 29.80 5.54 10.14
C ASP B 411 30.64 4.70 9.19
N PRO B 412 31.66 3.96 9.63
CA PRO B 412 32.37 3.09 8.69
C PRO B 412 31.49 2.06 8.01
N ILE B 413 30.49 1.52 8.71
CA ILE B 413 29.61 0.53 8.11
C ILE B 413 28.80 1.17 6.98
N GLU B 414 28.25 2.35 7.23
CA GLU B 414 27.52 3.05 6.18
C GLU B 414 28.40 3.32 4.97
N ALA B 415 29.64 3.77 5.21
CA ALA B 415 30.54 4.06 4.12
C ALA B 415 30.90 2.79 3.35
N ASP B 416 31.03 1.66 4.06
CA ASP B 416 31.33 0.40 3.39
C ASP B 416 30.23 0.03 2.40
N ALA B 417 28.97 0.11 2.82
CA ALA B 417 27.87 -0.21 1.93
C ALA B 417 27.86 0.72 0.73
N LEU B 418 28.04 2.01 0.96
CA LEU B 418 28.01 2.97 -0.14
C LEU B 418 29.09 2.67 -1.17
N GLY B 419 30.29 2.34 -0.72
CA GLY B 419 31.34 1.98 -1.65
C GLY B 419 31.04 0.73 -2.44
N ARG B 420 30.35 -0.23 -1.83
CA ARG B 420 29.98 -1.44 -2.55
C ARG B 420 29.09 -1.15 -3.75
N ILE B 421 28.10 -0.27 -3.59
CA ILE B 421 27.14 -0.03 -4.65
C ILE B 421 27.42 1.27 -5.39
N VAL B 422 27.48 2.37 -4.64
CA VAL B 422 27.56 3.69 -5.28
C VAL B 422 28.98 4.01 -5.73
N GLY B 423 29.99 3.41 -5.13
CA GLY B 423 31.35 3.80 -5.45
C GLY B 423 32.03 2.95 -6.50
N LYS B 424 31.52 1.75 -6.74
CA LYS B 424 32.18 0.85 -7.68
C LYS B 424 32.18 1.42 -9.08
N GLY B 425 33.33 1.33 -9.76
CA GLY B 425 33.43 1.74 -11.12
C GLY B 425 33.75 3.20 -11.34
N ARG B 426 33.62 4.03 -10.31
CA ARG B 426 33.90 5.44 -10.48
C ARG B 426 35.40 5.66 -10.59
N PRO B 427 35.84 6.60 -11.43
CA PRO B 427 37.22 7.05 -11.36
C PRO B 427 37.43 7.89 -10.11
N ALA B 428 38.70 8.01 -9.71
CA ALA B 428 39.00 8.72 -8.47
C ALA B 428 38.67 10.21 -8.54
N ASP B 429 38.47 10.75 -9.72
CA ASP B 429 38.16 12.17 -9.88
C ASP B 429 36.67 12.46 -9.92
N LYS B 430 35.82 11.45 -9.75
CA LYS B 430 34.37 11.60 -9.77
C LYS B 430 33.76 10.93 -8.56
N PRO B 431 34.05 11.42 -7.36
CA PRO B 431 33.52 10.79 -6.15
C PRO B 431 32.13 11.31 -5.81
N ALA B 432 31.32 10.41 -5.28
CA ALA B 432 30.01 10.79 -4.79
C ALA B 432 30.16 11.68 -3.57
N LEU B 433 29.57 12.87 -3.62
CA LEU B 433 29.64 13.76 -2.49
C LEU B 433 28.73 13.29 -1.38
N LEU B 434 29.12 13.58 -0.15
CA LEU B 434 28.52 12.94 1.02
C LEU B 434 28.24 14.00 2.07
N GLY B 435 27.15 13.83 2.80
CA GLY B 435 26.79 14.77 3.84
C GLY B 435 25.66 14.22 4.66
N ALA B 436 25.32 14.95 5.72
CA ALA B 436 24.25 14.55 6.62
C ALA B 436 23.68 15.78 7.29
N VAL B 437 22.35 15.94 7.19
CA VAL B 437 21.69 17.05 7.87
C VAL B 437 21.63 16.82 9.36
N LYS B 438 21.87 15.60 9.83
CA LYS B 438 21.95 15.36 11.26
C LYS B 438 23.08 16.15 11.91
N SER B 439 24.09 16.54 11.15
CA SER B 439 25.12 17.39 11.70
C SER B 439 24.59 18.78 12.04
N ASN B 440 23.55 19.24 11.36
CA ASN B 440 22.96 20.53 11.67
C ASN B 440 21.91 20.44 12.77
N LEU B 441 21.03 19.46 12.71
CA LEU B 441 19.84 19.44 13.53
C LEU B 441 19.83 18.41 14.64
N GLY B 442 20.77 17.48 14.65
CA GLY B 442 20.67 16.37 15.57
C GLY B 442 19.82 15.26 15.02
N HIS B 443 19.57 14.26 15.86
CA HIS B 443 18.88 13.05 15.43
C HIS B 443 17.39 13.22 15.67
N LEU B 444 16.70 13.76 14.67
CA LEU B 444 15.24 13.77 14.66
C LEU B 444 14.75 12.36 14.42
N GLU B 445 14.29 11.68 15.47
CA GLU B 445 14.21 10.23 15.44
C GLU B 445 13.28 9.74 14.33
N SER B 446 12.00 10.05 14.41
CA SER B 446 11.05 9.68 13.38
C SER B 446 10.89 10.74 12.32
N ALA B 447 11.55 11.88 12.48
CA ALA B 447 11.51 12.94 11.49
C ALA B 447 12.83 13.09 10.75
N ALA B 448 13.78 12.18 10.96
CA ALA B 448 15.05 12.28 10.25
C ALA B 448 14.85 12.19 8.76
N GLY B 449 14.00 11.26 8.32
CA GLY B 449 13.76 11.13 6.90
C GLY B 449 13.12 12.38 6.31
N ALA B 450 12.17 12.96 7.05
CA ALA B 450 11.56 14.20 6.59
C ALA B 450 12.57 15.32 6.49
N ALA B 451 13.44 15.44 7.48
CA ALA B 451 14.48 16.47 7.43
C ALA B 451 15.39 16.26 6.23
N SER B 452 15.82 15.02 6.00
CA SER B 452 16.72 14.75 4.89
C SER B 452 16.06 15.02 3.55
N LEU B 453 14.81 14.61 3.39
CA LEU B 453 14.10 14.83 2.14
C LEU B 453 13.87 16.31 1.89
N ALA B 454 13.53 17.06 2.94
CA ALA B 454 13.36 18.50 2.79
C ALA B 454 14.66 19.17 2.38
N LYS B 455 15.77 18.78 3.01
CA LYS B 455 17.06 19.36 2.62
C LYS B 455 17.35 19.12 1.14
N MET B 456 17.18 17.89 0.69
CA MET B 456 17.55 17.58 -0.68
C MET B 456 16.60 18.18 -1.68
N THR B 457 15.32 18.29 -1.34
CA THR B 457 14.37 18.97 -2.21
C THR B 457 14.79 20.41 -2.44
N LEU B 458 15.14 21.11 -1.37
CA LEU B 458 15.57 22.49 -1.51
C LEU B 458 16.89 22.58 -2.25
N ALA B 459 17.77 21.62 -2.04
CA ALA B 459 19.05 21.63 -2.75
C ALA B 459 18.85 21.48 -4.24
N LEU B 460 17.96 20.58 -4.65
CA LEU B 460 17.72 20.39 -6.08
C LEU B 460 16.98 21.56 -6.68
N ALA B 461 16.02 22.13 -5.96
CA ALA B 461 15.29 23.28 -6.46
C ALA B 461 16.19 24.50 -6.58
N ASN B 462 17.07 24.71 -5.62
CA ASN B 462 17.89 25.91 -5.57
C ASN B 462 19.24 25.72 -6.22
N ASP B 463 19.59 24.51 -6.62
CA ASP B 463 20.78 24.24 -7.42
C ASP B 463 22.06 24.59 -6.68
N LYS B 464 22.18 24.09 -5.45
CA LYS B 464 23.39 24.25 -4.67
C LYS B 464 23.44 23.13 -3.65
N LEU B 465 24.65 22.85 -3.17
CA LEU B 465 24.85 21.80 -2.19
C LEU B 465 25.33 22.43 -0.89
N PRO B 466 24.55 22.38 0.17
CA PRO B 466 24.95 23.00 1.42
C PRO B 466 26.00 22.16 2.12
N PRO B 467 26.80 22.77 2.99
CA PRO B 467 27.87 22.03 3.64
C PRO B 467 27.38 21.17 4.79
N SER B 468 28.16 20.15 5.08
CA SER B 468 27.99 19.35 6.28
C SER B 468 28.99 19.84 7.32
N ILE B 469 28.51 20.07 8.55
CA ILE B 469 29.26 20.78 9.55
C ILE B 469 29.78 19.79 10.59
N ASN B 470 30.67 20.29 11.46
CA ASN B 470 31.29 19.49 12.52
C ASN B 470 32.24 18.46 11.94
N TYR B 471 32.95 18.83 10.88
CA TYR B 471 33.84 17.91 10.18
C TYR B 471 35.27 18.38 10.43
N ALA B 472 35.94 17.74 11.37
CA ALA B 472 37.33 18.06 11.65
C ALA B 472 38.27 17.37 10.67
N GLY B 473 37.95 16.16 10.24
CA GLY B 473 38.79 15.43 9.34
C GLY B 473 38.23 14.04 9.13
N PRO B 474 38.74 13.34 8.13
CA PRO B 474 38.19 12.03 7.80
C PRO B 474 38.33 11.04 8.95
N ASN B 475 37.34 10.18 9.08
CA ASN B 475 37.41 9.10 10.05
C ASN B 475 38.53 8.15 9.65
N PRO B 476 39.44 7.79 10.57
CA PRO B 476 40.57 6.94 10.19
C PRO B 476 40.18 5.59 9.64
N TYR B 477 39.04 5.05 10.04
CA TYR B 477 38.66 3.71 9.65
C TYR B 477 37.90 3.68 8.34
N ILE B 478 37.86 4.79 7.62
CA ILE B 478 37.20 4.88 6.32
C ILE B 478 38.24 5.36 5.34
N ASP B 479 38.46 4.60 4.27
CA ASP B 479 39.33 5.03 3.19
C ASP B 479 38.43 5.66 2.13
N PHE B 480 38.26 6.98 2.23
CA PHE B 480 37.33 7.67 1.35
C PHE B 480 37.79 7.62 -0.09
N GLU B 481 39.10 7.60 -0.33
CA GLU B 481 39.60 7.56 -1.70
C GLU B 481 39.22 6.26 -2.38
N LYS B 482 39.44 5.13 -1.71
CA LYS B 482 39.07 3.84 -2.29
C LYS B 482 37.57 3.72 -2.47
N GLU B 483 36.81 4.19 -1.49
CA GLU B 483 35.36 4.07 -1.57
C GLU B 483 34.75 5.03 -2.56
N ARG B 484 35.53 5.98 -3.09
CA ARG B 484 35.04 6.97 -4.03
C ARG B 484 33.95 7.82 -3.40
N LEU B 485 34.25 8.36 -2.22
CA LEU B 485 33.35 9.25 -1.52
C LEU B 485 34.11 10.49 -1.08
N LYS B 486 33.38 11.58 -0.92
CA LYS B 486 33.97 12.82 -0.47
C LYS B 486 32.94 13.56 0.36
N VAL B 487 33.34 14.01 1.53
CA VAL B 487 32.44 14.74 2.41
C VAL B 487 32.39 16.19 1.94
N ASN B 488 31.18 16.70 1.71
CA ASN B 488 31.00 18.07 1.29
C ASN B 488 30.92 18.95 2.52
N ASP B 489 32.03 19.60 2.85
CA ASP B 489 32.11 20.48 4.00
C ASP B 489 32.05 21.96 3.63
N THR B 490 31.74 22.27 2.37
CA THR B 490 31.59 23.65 1.92
C THR B 490 30.44 23.73 0.94
N VAL B 491 29.96 24.95 0.71
CA VAL B 491 28.94 25.16 -0.30
C VAL B 491 29.52 24.84 -1.67
N SER B 492 28.82 24.00 -2.43
CA SER B 492 29.35 23.47 -3.67
C SER B 492 28.26 23.42 -4.72
N ASP B 493 28.70 23.34 -5.97
CA ASP B 493 27.81 23.14 -7.10
C ASP B 493 27.57 21.66 -7.33
N TRP B 494 26.46 21.37 -7.97
CA TRP B 494 26.16 19.99 -8.32
C TRP B 494 27.15 19.53 -9.36
N PRO B 495 27.88 18.44 -9.13
CA PRO B 495 28.80 17.96 -10.17
C PRO B 495 28.09 17.56 -11.44
N ARG B 496 26.89 16.98 -11.34
CA ARG B 496 26.13 16.50 -12.50
C ARG B 496 26.98 15.58 -13.37
N TYR B 497 27.32 14.44 -12.77
CA TYR B 497 28.16 13.47 -13.45
C TYR B 497 27.46 12.88 -14.67
N SER B 498 26.13 12.84 -14.65
CA SER B 498 25.36 12.33 -15.76
C SER B 498 24.69 13.43 -16.56
N GLY B 499 25.00 14.69 -16.31
CA GLY B 499 24.35 15.78 -16.96
C GLY B 499 23.15 16.31 -16.22
N LYS B 500 22.64 15.58 -15.25
CA LYS B 500 21.54 16.02 -14.42
C LYS B 500 21.81 15.61 -12.98
N ALA B 501 21.24 16.36 -12.05
CA ALA B 501 21.49 16.14 -10.64
C ALA B 501 20.70 14.94 -10.13
N ILE B 502 21.38 14.06 -9.40
CA ILE B 502 20.77 12.86 -8.82
C ILE B 502 21.28 12.72 -7.40
N ALA B 503 20.39 12.47 -6.46
CA ALA B 503 20.75 12.32 -5.06
C ALA B 503 20.10 11.07 -4.48
N GLY B 504 20.68 10.60 -3.39
CA GLY B 504 20.09 9.49 -2.64
C GLY B 504 19.99 9.84 -1.18
N VAL B 505 18.92 9.38 -0.54
CA VAL B 505 18.66 9.63 0.86
C VAL B 505 18.51 8.30 1.58
N SER B 506 19.24 8.13 2.68
CA SER B 506 19.25 6.89 3.42
C SER B 506 18.74 7.10 4.84
N GLY B 507 18.12 6.07 5.38
CA GLY B 507 17.67 6.08 6.76
C GLY B 507 17.61 4.68 7.35
N PHE B 508 18.21 4.49 8.52
CA PHE B 508 18.33 3.16 9.11
C PHE B 508 17.73 3.18 10.51
N GLY B 509 16.81 2.26 10.76
CA GLY B 509 16.25 2.12 12.09
C GLY B 509 17.17 1.38 13.03
N PHE B 510 17.02 1.62 14.32
CA PHE B 510 17.90 0.95 15.27
C PHE B 510 17.51 -0.50 15.42
N GLY B 511 16.31 -0.86 14.98
CA GLY B 511 15.88 -2.25 14.92
C GLY B 511 16.25 -2.99 13.67
N GLY B 512 16.79 -2.29 12.67
CA GLY B 512 17.28 -2.94 11.48
C GLY B 512 16.52 -2.63 10.20
N ALA B 513 15.47 -1.84 10.26
CA ALA B 513 14.72 -1.48 9.07
C ALA B 513 15.45 -0.42 8.28
N ASN B 514 15.75 -0.68 7.02
CA ASN B 514 16.50 0.24 6.18
C ASN B 514 15.62 0.75 5.05
N ALA B 515 15.90 1.97 4.61
CA ALA B 515 15.19 2.56 3.48
C ALA B 515 16.14 3.44 2.69
N HIS B 516 15.86 3.59 1.41
CA HIS B 516 16.62 4.48 0.54
C HIS B 516 15.70 5.07 -0.51
N VAL B 517 15.82 6.36 -0.73
CA VAL B 517 14.98 7.08 -1.69
C VAL B 517 15.88 7.76 -2.70
N VAL B 518 15.55 7.64 -3.98
CA VAL B 518 16.35 8.21 -5.06
C VAL B 518 15.61 9.40 -5.63
N MET B 519 16.30 10.52 -5.72
CA MET B 519 15.70 11.77 -6.18
C MET B 519 16.52 12.33 -7.33
N ARG B 520 15.87 13.18 -8.12
CA ARG B 520 16.55 13.87 -9.20
C ARG B 520 15.87 15.22 -9.40
N GLU B 521 16.51 16.06 -10.20
CA GLU B 521 15.96 17.37 -10.49
C GLU B 521 14.93 17.28 -11.61
N VAL B 522 14.06 18.27 -11.65
CA VAL B 522 13.05 18.35 -12.69
C VAL B 522 13.71 18.83 -13.98
N LEU B 523 13.38 18.17 -15.09
CA LEU B 523 13.97 18.48 -16.37
C LEU B 523 12.94 19.20 -17.24
N ALA B 524 13.43 19.73 -18.36
CA ALA B 524 12.54 20.40 -19.30
C ALA B 524 11.62 19.40 -19.98
N GLY B 525 12.04 18.14 -20.07
CA GLY B 525 11.20 17.13 -20.67
C GLY B 525 10.05 16.68 -19.79
N ASP B 526 10.08 17.01 -18.52
CA ASP B 526 9.01 16.66 -17.61
C ASP B 526 7.84 17.63 -17.67
N LEU B 527 7.93 18.67 -18.49
CA LEU B 527 6.91 19.70 -18.55
C LEU B 527 6.20 19.76 -19.89
N VAL B 528 6.37 18.74 -20.73
CA VAL B 528 5.79 18.71 -22.06
C VAL B 528 4.92 17.47 -22.18
N GLU B 529 3.87 17.58 -23.00
CA GLU B 529 2.94 16.49 -23.24
C GLU B 529 2.23 16.05 -21.98
N THR B 588 -17.61 32.50 -41.73
CA THR B 588 -18.27 33.11 -42.89
C THR B 588 -17.37 34.16 -43.50
N GLU B 589 -17.60 34.47 -44.78
CA GLU B 589 -16.73 35.41 -45.49
C GLU B 589 -16.88 36.83 -44.95
N ALA B 590 -18.09 37.38 -45.01
CA ALA B 590 -18.26 38.75 -44.56
C ALA B 590 -18.04 38.89 -43.07
N ALA B 591 -18.14 37.80 -42.32
CA ALA B 591 -17.91 37.88 -40.88
C ALA B 591 -16.46 38.27 -40.61
N GLN B 592 -15.54 37.71 -41.41
CA GLN B 592 -14.12 38.00 -41.25
C GLN B 592 -13.85 39.49 -41.34
N ARG B 593 -14.44 40.16 -42.33
CA ARG B 593 -14.18 41.58 -42.53
C ARG B 593 -14.59 42.38 -41.30
N LEU B 594 -15.80 42.14 -40.78
CA LEU B 594 -16.22 42.79 -39.56
C LEU B 594 -15.31 42.42 -38.39
N LEU B 595 -14.87 41.16 -38.34
CA LEU B 595 -13.97 40.76 -37.27
C LEU B 595 -12.62 41.45 -37.40
N GLU B 596 -12.12 41.55 -38.63
CA GLU B 596 -10.82 42.19 -38.86
C GLU B 596 -10.86 43.64 -38.39
N GLN B 597 -11.81 44.41 -38.93
CA GLN B 597 -11.93 45.82 -38.57
C GLN B 597 -12.16 46.00 -37.08
N ALA B 598 -12.94 45.11 -36.47
CA ALA B 598 -13.23 45.22 -35.04
C ALA B 598 -11.95 45.13 -34.22
N ARG B 599 -11.10 44.15 -34.53
CA ARG B 599 -9.83 44.03 -33.83
C ARG B 599 -8.95 45.24 -34.10
N GLU B 600 -8.88 45.68 -35.35
CA GLU B 600 -8.08 46.85 -35.66
C GLU B 600 -8.67 48.11 -35.05
N GLU B 601 -10.01 48.24 -35.08
CA GLU B 601 -10.63 49.40 -34.45
C GLU B 601 -10.37 49.43 -32.96
N LEU B 602 -10.08 48.27 -32.38
CA LEU B 602 -9.81 48.15 -30.96
C LEU B 602 -8.36 48.43 -30.66
N GLU B 603 -7.46 47.99 -31.54
CA GLU B 603 -6.04 48.25 -31.37
C GLU B 603 -5.75 49.75 -31.37
N ALA B 604 -6.55 50.52 -32.10
CA ALA B 604 -6.41 51.97 -32.07
C ALA B 604 -6.98 52.58 -30.79
N LYS B 605 -8.14 52.10 -30.34
CA LYS B 605 -8.74 52.60 -29.13
C LYS B 605 -7.94 52.24 -27.88
N GLU B 606 -7.08 51.23 -27.96
CA GLU B 606 -6.25 50.87 -26.82
C GLU B 606 -4.87 51.54 -26.85
N ALA B 607 -4.27 51.70 -28.03
CA ALA B 607 -3.01 52.43 -28.11
C ALA B 607 -3.20 53.87 -27.65
N GLU B 608 -4.27 54.51 -28.09
CA GLU B 608 -4.57 55.86 -27.62
C GLU B 608 -4.75 55.91 -26.12
N GLU B 609 -5.48 54.95 -25.55
CA GLU B 609 -5.68 54.87 -24.10
C GLU B 609 -5.85 53.42 -23.71
N PRO B 610 -4.81 52.80 -23.16
CA PRO B 610 -4.93 51.39 -22.76
C PRO B 610 -5.92 51.23 -21.62
N THR B 611 -6.59 50.08 -21.61
CA THR B 611 -7.58 49.76 -20.60
C THR B 611 -6.92 49.12 -19.39
N LYS B 612 -7.22 49.64 -18.21
CA LYS B 612 -6.69 49.09 -16.97
C LYS B 612 -7.47 47.84 -16.61
N GLN B 613 -6.77 46.72 -16.49
CA GLN B 613 -7.44 45.46 -16.24
C GLN B 613 -7.96 45.39 -14.82
N LEU B 614 -9.16 44.85 -14.66
CA LEU B 614 -9.77 44.69 -13.35
C LEU B 614 -9.34 43.35 -12.77
N VAL B 615 -8.66 43.39 -11.63
CA VAL B 615 -8.12 42.20 -10.98
C VAL B 615 -8.96 41.92 -9.73
N PRO B 616 -9.61 40.76 -9.62
CA PRO B 616 -10.31 40.42 -8.38
C PRO B 616 -9.34 39.83 -7.36
N LEU B 617 -9.38 40.36 -6.15
CA LEU B 617 -8.52 39.91 -5.06
C LEU B 617 -9.38 39.18 -4.03
N ALA B 618 -9.10 37.91 -3.81
CA ALA B 618 -9.91 37.06 -2.95
C ALA B 618 -9.27 36.93 -1.58
N VAL B 619 -10.02 37.25 -0.54
CA VAL B 619 -9.59 37.09 0.84
C VAL B 619 -10.65 36.30 1.58
N SER B 620 -10.22 35.33 2.39
CA SER B 620 -11.17 34.45 3.07
C SER B 620 -10.57 33.94 4.36
N ALA B 621 -11.43 33.41 5.21
CA ALA B 621 -11.03 32.78 6.45
C ALA B 621 -12.24 32.03 6.99
N PHE B 622 -12.01 31.23 8.03
CA PHE B 622 -13.10 30.50 8.67
C PHE B 622 -13.95 31.38 9.57
N LEU B 623 -13.44 32.52 9.99
CA LEU B 623 -14.20 33.49 10.75
C LEU B 623 -14.08 34.86 10.10
N THR B 624 -15.14 35.65 10.24
CA THR B 624 -15.10 37.01 9.69
C THR B 624 -14.07 37.86 10.43
N SER B 625 -13.84 37.59 11.71
CA SER B 625 -12.86 38.37 12.44
C SER B 625 -11.47 38.13 11.87
N ARG B 626 -11.14 36.88 11.57
CA ARG B 626 -9.83 36.59 11.01
C ARG B 626 -9.72 37.10 9.58
N LYS B 627 -10.82 37.08 8.83
CA LYS B 627 -10.79 37.60 7.47
C LYS B 627 -10.43 39.07 7.46
N ARG B 628 -10.96 39.85 8.39
CA ARG B 628 -10.62 41.27 8.46
C ARG B 628 -9.14 41.45 8.79
N GLN B 629 -8.63 40.67 9.73
CA GLN B 629 -7.22 40.78 10.08
C GLN B 629 -6.34 40.42 8.89
N ALA B 630 -6.72 39.39 8.14
CA ALA B 630 -5.94 39.02 6.97
C ALA B 630 -5.92 40.13 5.95
N ALA B 631 -7.06 40.81 5.76
CA ALA B 631 -7.11 41.93 4.83
C ALA B 631 -6.19 43.05 5.28
N ALA B 632 -6.18 43.36 6.58
CA ALA B 632 -5.35 44.46 7.06
C ALA B 632 -3.87 44.15 6.85
N GLU B 633 -3.47 42.92 7.06
CA GLU B 633 -2.08 42.54 6.86
C GLU B 633 -1.72 42.52 5.38
N LEU B 634 -2.67 42.16 4.52
CA LEU B 634 -2.41 42.17 3.09
C LEU B 634 -2.30 43.59 2.56
N ALA B 635 -3.10 44.51 3.10
CA ALA B 635 -3.01 45.89 2.65
C ALA B 635 -1.64 46.48 2.95
N ASP B 636 -1.10 46.17 4.13
CA ASP B 636 0.21 46.69 4.48
C ASP B 636 1.29 46.16 3.56
N TRP B 637 1.19 44.88 3.17
CA TRP B 637 2.21 44.31 2.31
C TRP B 637 2.16 44.90 0.91
N ILE B 638 0.95 45.19 0.41
CA ILE B 638 0.84 45.82 -0.90
C ILE B 638 1.41 47.22 -0.88
N ASP B 639 1.12 47.96 0.18
CA ASP B 639 1.65 49.32 0.30
C ASP B 639 3.17 49.29 0.42
N SER B 640 3.72 48.20 0.94
CA SER B 640 5.15 48.06 1.11
C SER B 640 5.84 48.04 -0.26
N PRO B 641 7.14 48.39 -0.30
CA PRO B 641 7.84 48.39 -1.59
C PRO B 641 7.80 47.04 -2.28
N GLU B 642 7.90 45.94 -1.54
CA GLU B 642 7.81 44.63 -2.17
C GLU B 642 6.47 44.43 -2.85
N GLY B 643 5.41 45.00 -2.30
CA GLY B 643 4.11 44.91 -2.91
C GLY B 643 4.01 45.83 -4.12
N ARG B 644 4.61 47.01 -4.04
CA ARG B 644 4.58 47.94 -5.15
C ARG B 644 5.35 47.39 -6.34
N ALA B 645 6.41 46.63 -6.09
CA ALA B 645 7.23 46.06 -7.14
C ALA B 645 6.62 44.80 -7.75
N SER B 646 5.45 44.38 -7.29
CA SER B 646 4.79 43.19 -7.79
C SER B 646 3.56 43.57 -8.62
N SER B 647 3.40 42.91 -9.75
CA SER B 647 2.26 43.18 -10.61
C SER B 647 0.97 42.80 -9.89
N LEU B 648 -0.08 43.57 -10.15
CA LEU B 648 -1.36 43.27 -9.52
C LEU B 648 -1.93 41.93 -9.95
N GLU B 649 -1.61 41.48 -11.16
CA GLU B 649 -2.08 40.16 -11.57
C GLU B 649 -1.38 39.06 -10.79
N SER B 650 -0.10 39.24 -10.48
CA SER B 650 0.60 38.23 -9.71
C SER B 650 0.08 38.16 -8.29
N ILE B 651 -0.29 39.31 -7.71
CA ILE B 651 -0.89 39.32 -6.39
C ILE B 651 -2.21 38.56 -6.42
N GLY B 652 -3.02 38.80 -7.44
CA GLY B 652 -4.28 38.10 -7.54
C GLY B 652 -4.10 36.60 -7.72
N ARG B 653 -3.13 36.21 -8.53
CA ARG B 653 -2.91 34.78 -8.77
C ARG B 653 -2.54 34.06 -7.48
N SER B 654 -1.68 34.66 -6.67
CA SER B 654 -1.30 34.04 -5.42
C SER B 654 -2.50 33.88 -4.50
N LEU B 655 -3.34 34.90 -4.41
CA LEU B 655 -4.53 34.80 -3.57
C LEU B 655 -5.51 33.76 -4.08
N SER B 656 -5.59 33.60 -5.40
CA SER B 656 -6.53 32.63 -5.95
C SER B 656 -6.19 31.21 -5.59
N ARG B 657 -4.95 30.93 -5.22
CA ARG B 657 -4.53 29.59 -4.83
C ARG B 657 -4.41 29.41 -3.32
N ARG B 658 -4.90 30.36 -2.55
CA ARG B 658 -5.03 30.17 -1.12
C ARG B 658 -6.35 29.48 -0.80
N ASN B 659 -6.47 29.01 0.43
CA ASN B 659 -7.71 28.37 0.86
C ASN B 659 -8.89 29.32 0.71
N HIS B 660 -10.01 28.79 0.25
CA HIS B 660 -11.25 29.54 0.12
C HIS B 660 -12.18 29.07 1.23
N GLY B 661 -12.18 29.81 2.33
CA GLY B 661 -12.84 29.40 3.55
C GLY B 661 -14.30 29.78 3.57
N ARG B 662 -14.88 29.68 4.78
CA ARG B 662 -16.31 29.90 4.93
C ARG B 662 -16.68 31.36 4.73
N SER B 663 -15.93 32.27 5.34
CA SER B 663 -16.16 33.70 5.23
C SER B 663 -15.27 34.26 4.11
N ARG B 664 -15.90 34.84 3.10
CA ARG B 664 -15.19 35.22 1.88
C ARG B 664 -15.41 36.70 1.59
N ALA B 665 -14.46 37.27 0.85
CA ALA B 665 -14.56 38.65 0.39
C ALA B 665 -13.68 38.83 -0.83
N VAL B 666 -14.12 39.71 -1.73
CA VAL B 666 -13.40 40.01 -2.96
C VAL B 666 -13.27 41.52 -3.10
N VAL B 667 -12.08 41.97 -3.48
CA VAL B 667 -11.81 43.39 -3.72
C VAL B 667 -11.51 43.55 -5.20
N LEU B 668 -12.39 44.27 -5.90
CA LEU B 668 -12.23 44.51 -7.33
C LEU B 668 -11.40 45.78 -7.51
N ALA B 669 -10.19 45.63 -8.03
CA ALA B 669 -9.22 46.71 -8.11
C ALA B 669 -8.63 46.79 -9.49
N HIS B 670 -8.22 47.99 -9.88
CA HIS B 670 -7.51 48.21 -11.13
C HIS B 670 -6.02 48.45 -10.94
N ASP B 671 -5.62 49.11 -9.87
CA ASP B 671 -4.22 49.29 -9.54
C ASP B 671 -4.03 49.06 -8.06
N HIS B 672 -2.78 49.25 -7.60
CA HIS B 672 -2.47 48.99 -6.20
C HIS B 672 -3.28 49.89 -5.29
N ASP B 673 -3.38 51.18 -5.63
CA ASP B 673 -4.01 52.13 -4.72
C ASP B 673 -5.46 51.77 -4.46
N GLU B 674 -6.20 51.36 -5.50
CA GLU B 674 -7.57 50.95 -5.28
C GLU B 674 -7.64 49.71 -4.42
N ALA B 675 -6.66 48.83 -4.54
CA ALA B 675 -6.63 47.63 -3.71
C ALA B 675 -6.46 47.98 -2.24
N ILE B 676 -5.50 48.87 -1.95
CA ILE B 676 -5.25 49.24 -0.56
C ILE B 676 -6.47 49.94 0.01
N LYS B 677 -7.02 50.90 -0.73
CA LYS B 677 -8.16 51.65 -0.24
C LYS B 677 -9.38 50.77 -0.05
N GLY B 678 -9.46 49.66 -0.77
CA GLY B 678 -10.55 48.72 -0.61
C GLY B 678 -10.30 47.74 0.51
N LEU B 679 -9.06 47.26 0.63
CA LEU B 679 -8.75 46.32 1.70
C LEU B 679 -8.86 46.98 3.06
N ARG B 680 -8.44 48.24 3.17
CA ARG B 680 -8.57 48.95 4.44
C ARG B 680 -10.02 49.05 4.86
N ALA B 681 -10.90 49.36 3.93
CA ALA B 681 -12.32 49.43 4.27
C ALA B 681 -12.85 48.06 4.68
N LEU B 682 -12.40 47.00 4.01
CA LEU B 682 -12.84 45.66 4.39
C LEU B 682 -12.26 45.27 5.75
N ALA B 683 -11.05 45.72 6.06
CA ALA B 683 -10.47 45.44 7.37
C ALA B 683 -11.36 45.96 8.49
N GLU B 684 -12.00 47.10 8.26
CA GLU B 684 -13.07 47.58 9.11
C GLU B 684 -14.41 47.08 8.56
N GLY B 685 -15.50 47.50 9.19
CA GLY B 685 -16.77 47.09 8.65
C GLY B 685 -17.34 48.02 7.61
N LYS B 686 -16.56 48.99 7.15
CA LYS B 686 -17.04 50.00 6.21
C LYS B 686 -17.42 49.37 4.90
N GLN B 687 -18.70 49.40 4.55
CA GLN B 687 -19.11 48.95 3.24
C GLN B 687 -18.52 49.84 2.16
N HIS B 688 -18.08 49.24 1.06
CA HIS B 688 -17.40 49.94 0.01
C HIS B 688 -17.87 49.38 -1.32
N PRO B 689 -18.10 50.23 -2.32
CA PRO B 689 -18.63 49.72 -3.59
C PRO B 689 -17.66 48.83 -4.34
N SER B 690 -16.37 48.91 -4.04
CA SER B 690 -15.37 48.06 -4.68
C SER B 690 -15.05 46.82 -3.87
N VAL B 691 -15.91 46.45 -2.92
CA VAL B 691 -15.68 45.31 -2.05
C VAL B 691 -16.96 44.48 -1.99
N LEU B 692 -16.84 43.19 -2.25
CA LEU B 692 -17.93 42.25 -2.08
C LEU B 692 -17.62 41.35 -0.90
N SER B 693 -18.56 41.20 0.02
CA SER B 693 -18.30 40.47 1.25
C SER B 693 -19.55 39.74 1.69
N ALA B 694 -19.35 38.72 2.53
CA ALA B 694 -20.44 37.95 3.12
C ALA B 694 -19.88 37.15 4.28
N ASP B 695 -20.63 37.10 5.37
CA ASP B 695 -20.18 36.44 6.58
C ASP B 695 -20.23 34.93 6.49
N GLY B 696 -20.95 34.37 5.54
CA GLY B 696 -21.05 32.94 5.41
C GLY B 696 -21.72 32.53 4.12
N PRO B 697 -21.84 31.23 3.89
CA PRO B 697 -22.42 30.75 2.64
C PRO B 697 -23.94 30.74 2.69
N VAL B 698 -24.52 30.53 1.53
CA VAL B 698 -25.96 30.39 1.40
C VAL B 698 -26.32 28.91 1.46
N THR B 699 -27.57 28.64 1.80
CA THR B 699 -28.01 27.26 2.01
C THR B 699 -28.19 26.50 0.70
N ASN B 700 -28.79 27.13 -0.29
CA ASN B 700 -29.13 26.45 -1.53
C ASN B 700 -28.37 27.05 -2.69
N GLY B 701 -28.24 26.27 -3.76
CA GLY B 701 -27.52 26.71 -4.91
C GLY B 701 -28.29 27.74 -5.69
N PRO B 702 -27.66 28.27 -6.73
CA PRO B 702 -28.28 29.37 -7.49
C PRO B 702 -29.34 28.87 -8.44
N VAL B 703 -30.21 29.79 -8.82
CA VAL B 703 -31.22 29.55 -9.84
C VAL B 703 -30.88 30.42 -11.03
N TRP B 704 -30.76 29.80 -12.20
CA TRP B 704 -30.44 30.54 -13.42
C TRP B 704 -31.75 30.94 -14.09
N VAL B 705 -31.92 32.23 -14.32
CA VAL B 705 -33.15 32.76 -14.88
C VAL B 705 -32.89 33.09 -16.35
N LEU B 706 -33.53 32.34 -17.24
CA LEU B 706 -33.35 32.52 -18.68
C LEU B 706 -34.54 33.29 -19.24
N ALA B 707 -34.54 34.59 -18.98
CA ALA B 707 -35.49 35.50 -19.60
C ALA B 707 -34.84 36.10 -20.85
N GLY B 708 -35.31 37.24 -21.32
CA GLY B 708 -34.64 37.87 -22.44
C GLY B 708 -35.53 38.70 -23.34
N PHE B 709 -36.83 38.66 -23.11
CA PHE B 709 -37.75 39.52 -23.85
C PHE B 709 -37.49 40.98 -23.52
N GLY B 710 -37.10 41.75 -24.52
CA GLY B 710 -36.86 43.17 -24.36
C GLY B 710 -35.47 43.55 -23.90
N ALA B 711 -34.52 42.63 -23.95
CA ALA B 711 -33.17 42.88 -23.47
C ALA B 711 -32.17 43.09 -24.60
N GLN B 712 -32.60 43.70 -25.70
CA GLN B 712 -31.75 43.92 -26.85
C GLN B 712 -31.24 45.36 -26.86
N HIS B 713 -30.00 45.53 -27.28
CA HIS B 713 -29.45 46.86 -27.51
C HIS B 713 -28.39 46.75 -28.60
N ARG B 714 -27.86 47.91 -28.99
CA ARG B 714 -27.12 48.02 -30.25
C ARG B 714 -25.96 47.04 -30.31
N LYS B 715 -24.96 47.21 -29.44
CA LYS B 715 -23.71 46.48 -29.55
C LYS B 715 -23.61 45.35 -28.53
N MET B 716 -24.73 44.71 -28.20
CA MET B 716 -24.70 43.65 -27.20
C MET B 716 -23.87 42.47 -27.69
N GLY B 717 -22.95 42.02 -26.84
CA GLY B 717 -22.15 40.86 -27.12
C GLY B 717 -20.89 41.12 -27.91
N LYS B 718 -20.69 42.34 -28.40
CA LYS B 718 -19.54 42.60 -29.27
C LYS B 718 -18.25 42.59 -28.47
N SER B 719 -18.18 43.37 -27.41
CA SER B 719 -16.92 43.53 -26.68
C SER B 719 -16.46 42.21 -26.13
N LEU B 720 -17.36 41.46 -25.49
CA LEU B 720 -16.97 40.19 -24.89
C LEU B 720 -16.50 39.21 -25.94
N TYR B 721 -17.10 39.25 -27.13
CA TYR B 721 -16.69 38.34 -28.20
C TYR B 721 -15.24 38.58 -28.60
N LEU B 722 -14.80 39.83 -28.59
CA LEU B 722 -13.44 40.14 -28.99
C LEU B 722 -12.43 39.92 -27.89
N ARG B 723 -12.86 39.96 -26.63
CA ARG B 723 -11.94 39.94 -25.50
C ARG B 723 -12.09 38.68 -24.66
N ASN B 724 -12.77 37.65 -25.16
CA ASN B 724 -12.88 36.40 -24.42
C ASN B 724 -13.02 35.26 -25.41
N GLU B 725 -12.03 34.37 -25.42
CA GLU B 725 -12.02 33.28 -26.39
C GLU B 725 -13.11 32.27 -26.10
N VAL B 726 -13.31 31.94 -24.83
CA VAL B 726 -14.32 30.93 -24.50
C VAL B 726 -15.69 31.40 -24.93
N PHE B 727 -16.00 32.67 -24.65
CA PHE B 727 -17.29 33.21 -25.06
C PHE B 727 -17.40 33.23 -26.58
N ALA B 728 -16.31 33.58 -27.27
CA ALA B 728 -16.35 33.62 -28.73
C ALA B 728 -16.50 32.22 -29.31
N GLU B 729 -15.87 31.23 -28.69
CA GLU B 729 -15.95 29.87 -29.20
C GLU B 729 -17.39 29.38 -29.27
N TRP B 730 -18.17 29.71 -28.24
CA TRP B 730 -19.53 29.21 -28.15
C TRP B 730 -20.47 29.96 -29.08
N ILE B 731 -20.20 31.25 -29.31
CA ILE B 731 -20.95 31.96 -30.33
C ILE B 731 -20.75 31.33 -31.70
N ASN B 732 -19.52 30.94 -32.01
CA ASN B 732 -19.25 30.34 -33.30
C ASN B 732 -20.00 29.02 -33.47
N LYS B 733 -20.07 28.22 -32.41
CA LYS B 733 -20.80 26.96 -32.50
C LYS B 733 -22.28 27.19 -32.72
N VAL B 734 -22.86 28.15 -32.02
CA VAL B 734 -24.28 28.43 -32.20
C VAL B 734 -24.53 29.04 -33.58
N ASP B 735 -23.59 29.86 -34.06
CA ASP B 735 -23.75 30.44 -35.39
C ASP B 735 -23.82 29.38 -36.46
N ALA B 736 -22.97 28.35 -36.37
CA ALA B 736 -22.96 27.31 -37.38
C ALA B 736 -24.30 26.59 -37.43
N LEU B 737 -24.85 26.24 -36.27
CA LEU B 737 -26.10 25.51 -36.24
C LEU B 737 -27.24 26.34 -36.80
N ILE B 738 -27.28 27.63 -36.47
CA ILE B 738 -28.35 28.48 -36.97
C ILE B 738 -28.22 28.63 -38.48
N GLN B 739 -26.99 28.67 -38.98
CA GLN B 739 -26.78 28.76 -40.41
C GLN B 739 -27.37 27.54 -41.12
N ASP B 740 -27.24 26.37 -40.52
CA ASP B 740 -27.84 25.17 -41.10
C ASP B 740 -29.36 25.26 -41.11
N GLU B 741 -29.94 25.78 -40.04
CA GLU B 741 -31.39 25.82 -39.93
C GLU B 741 -32.00 26.96 -40.74
N ARG B 742 -31.34 28.12 -40.77
CA ARG B 742 -31.93 29.29 -41.40
C ARG B 742 -31.19 29.75 -42.64
N GLY B 743 -29.86 29.68 -42.66
CA GLY B 743 -29.10 30.06 -43.82
C GLY B 743 -28.52 31.45 -43.76
N TYR B 744 -28.36 32.03 -42.58
CA TYR B 744 -27.68 33.30 -42.42
C TYR B 744 -26.95 33.28 -41.09
N SER B 745 -25.87 34.06 -41.02
CA SER B 745 -24.98 34.04 -39.87
C SER B 745 -25.33 35.21 -38.96
N ILE B 746 -25.60 34.90 -37.70
CA ILE B 746 -25.88 35.95 -36.73
C ILE B 746 -24.61 36.66 -36.31
N LEU B 747 -23.45 36.01 -36.42
CA LEU B 747 -22.20 36.65 -36.07
C LEU B 747 -21.99 37.91 -36.90
N GLU B 748 -22.48 37.92 -38.13
CA GLU B 748 -22.49 39.13 -38.93
C GLU B 748 -23.32 40.21 -38.24
N LEU B 749 -24.47 39.84 -37.70
CA LEU B 749 -25.33 40.80 -37.01
C LEU B 749 -24.65 41.34 -35.76
N ILE B 750 -23.97 40.48 -35.02
CA ILE B 750 -23.37 40.91 -33.76
C ILE B 750 -22.24 41.90 -34.03
N LEU B 751 -21.31 41.54 -34.92
CA LEU B 751 -20.13 42.37 -35.12
C LEU B 751 -20.46 43.68 -35.80
N ASP B 752 -21.58 43.76 -36.51
CA ASP B 752 -21.94 44.99 -37.18
C ASP B 752 -22.42 46.04 -36.18
N ASP B 753 -21.97 47.27 -36.39
CA ASP B 753 -22.32 48.37 -35.49
C ASP B 753 -23.51 49.18 -35.98
N ASN B 754 -23.98 48.92 -37.20
CA ASN B 754 -25.13 49.62 -37.75
C ASN B 754 -26.41 48.82 -37.62
N VAL B 755 -26.38 47.73 -36.85
CA VAL B 755 -27.54 46.86 -36.67
C VAL B 755 -28.17 47.25 -35.34
N ASP B 756 -29.23 48.03 -35.40
CA ASP B 756 -29.95 48.43 -34.19
C ASP B 756 -31.04 47.45 -33.80
N TYR B 757 -31.11 46.30 -34.48
CA TYR B 757 -32.12 45.28 -34.20
C TYR B 757 -33.53 45.87 -34.34
N THR B 758 -33.73 46.60 -35.42
CA THR B 758 -35.01 47.21 -35.74
C THR B 758 -35.32 46.93 -37.20
N ASP B 759 -36.60 47.03 -37.57
CA ASP B 759 -36.95 46.81 -38.97
C ASP B 759 -36.30 47.83 -39.88
N ALA B 760 -35.88 48.98 -39.35
CA ALA B 760 -35.20 49.98 -40.15
C ALA B 760 -33.84 49.49 -40.62
N THR B 761 -33.25 48.53 -39.91
CA THR B 761 -31.92 48.04 -40.25
C THR B 761 -31.83 46.51 -40.17
N CYS B 762 -32.95 45.81 -40.16
CA CYS B 762 -32.95 44.35 -40.14
C CYS B 762 -34.11 43.84 -40.98
N GLU B 763 -33.84 42.77 -41.74
CA GLU B 763 -34.86 42.21 -42.60
C GLU B 763 -35.95 41.49 -41.81
N TYR B 764 -35.57 40.80 -40.74
CA TYR B 764 -36.52 40.10 -39.87
C TYR B 764 -36.22 40.41 -38.42
N PRO B 765 -36.48 41.64 -37.98
CA PRO B 765 -36.11 42.00 -36.61
C PRO B 765 -36.80 41.13 -35.58
N ILE B 766 -38.04 40.70 -35.83
CA ILE B 766 -38.72 39.86 -34.86
C ILE B 766 -38.01 38.52 -34.72
N GLU B 767 -37.36 38.07 -35.78
CA GLU B 767 -36.75 36.75 -35.80
C GLU B 767 -35.29 36.77 -35.38
N VAL B 768 -34.50 37.71 -35.87
CA VAL B 768 -33.07 37.69 -35.58
C VAL B 768 -32.82 38.05 -34.13
N VAL B 769 -33.65 38.91 -33.54
CA VAL B 769 -33.44 39.33 -32.16
C VAL B 769 -33.51 38.13 -31.23
N GLN B 770 -34.50 37.25 -31.44
CA GLN B 770 -34.63 36.09 -30.59
C GLN B 770 -33.44 35.15 -30.74
N LEU B 771 -32.90 35.05 -31.96
CA LEU B 771 -31.77 34.14 -32.16
C LEU B 771 -30.49 34.69 -31.53
N VAL B 772 -30.27 36.00 -31.63
CA VAL B 772 -29.05 36.56 -31.07
C VAL B 772 -29.09 36.47 -29.54
N ILE B 773 -30.21 36.85 -28.94
CA ILE B 773 -30.33 36.76 -27.50
C ILE B 773 -30.16 35.32 -27.04
N PHE B 774 -30.72 34.37 -27.79
CA PHE B 774 -30.53 32.97 -27.48
C PHE B 774 -29.06 32.60 -27.53
N ALA B 775 -28.35 33.08 -28.55
CA ALA B 775 -26.93 32.74 -28.67
C ALA B 775 -26.13 33.27 -27.49
N ILE B 776 -26.42 34.50 -27.07
CA ILE B 776 -25.68 35.09 -25.96
C ILE B 776 -25.94 34.30 -24.68
N GLN B 777 -27.19 33.87 -24.47
CA GLN B 777 -27.49 33.12 -23.26
C GLN B 777 -26.68 31.82 -23.21
N ILE B 778 -26.59 31.11 -24.33
CA ILE B 778 -25.82 29.88 -24.36
C ILE B 778 -24.35 30.16 -24.07
N ALA B 779 -23.80 31.20 -24.70
CA ALA B 779 -22.39 31.49 -24.52
C ALA B 779 -22.09 31.92 -23.09
N LEU B 780 -22.93 32.78 -22.51
CA LEU B 780 -22.68 33.22 -21.15
C LEU B 780 -22.77 32.05 -20.18
N GLY B 781 -23.77 31.19 -20.36
CA GLY B 781 -23.90 30.05 -19.49
C GLY B 781 -22.75 29.08 -19.61
N GLU B 782 -22.21 28.94 -20.82
CA GLU B 782 -21.07 28.04 -20.98
C GLU B 782 -19.77 28.70 -20.57
N LEU B 783 -19.73 30.02 -20.53
CA LEU B 783 -18.57 30.70 -19.96
C LEU B 783 -18.54 30.54 -18.44
N LEU B 784 -19.71 30.61 -17.80
CA LEU B 784 -19.78 30.39 -16.36
C LEU B 784 -19.41 28.96 -16.02
N ARG B 785 -19.88 27.99 -16.80
CA ARG B 785 -19.52 26.61 -16.56
C ARG B 785 -18.03 26.39 -16.77
N HIS B 786 -17.42 27.12 -17.70
CA HIS B 786 -15.99 27.04 -17.88
C HIS B 786 -15.24 27.39 -16.60
N HIS B 787 -15.82 28.23 -15.76
CA HIS B 787 -15.18 28.67 -14.53
C HIS B 787 -15.67 27.90 -13.32
N GLY B 788 -16.47 26.86 -13.52
CA GLY B 788 -16.89 26.00 -12.45
C GLY B 788 -18.26 26.27 -11.90
N ALA B 789 -19.02 27.18 -12.50
CA ALA B 789 -20.35 27.48 -12.03
C ALA B 789 -21.35 26.47 -12.60
N LYS B 790 -22.35 26.12 -11.79
CA LYS B 790 -23.37 25.20 -12.23
C LYS B 790 -24.66 25.54 -11.53
N PRO B 791 -25.78 25.57 -12.24
CA PRO B 791 -27.05 25.93 -11.62
C PRO B 791 -27.62 24.79 -10.79
N ALA B 792 -28.28 25.17 -9.70
CA ALA B 792 -29.04 24.21 -8.92
C ALA B 792 -30.46 24.04 -9.45
N ALA B 793 -30.96 25.01 -10.19
CA ALA B 793 -32.27 24.92 -10.82
C ALA B 793 -32.32 25.97 -11.92
N VAL B 794 -33.28 25.81 -12.81
CA VAL B 794 -33.40 26.67 -13.98
C VAL B 794 -34.86 27.10 -14.15
N VAL B 795 -35.05 28.31 -14.65
CA VAL B 795 -36.38 28.81 -14.97
C VAL B 795 -36.25 29.74 -16.17
N GLY B 796 -37.23 29.68 -17.08
CA GLY B 796 -37.20 30.48 -18.28
C GLY B 796 -38.48 31.28 -18.44
N GLN B 797 -38.43 32.25 -19.35
CA GLN B 797 -39.55 33.16 -19.57
C GLN B 797 -39.75 33.39 -21.07
N SER B 798 -40.54 32.51 -21.70
CA SER B 798 -41.15 32.73 -23.00
C SER B 798 -40.20 32.70 -24.19
N LEU B 799 -38.91 32.84 -23.96
CA LEU B 799 -37.95 32.53 -25.00
C LEU B 799 -36.71 31.85 -24.46
N GLY B 800 -36.41 31.98 -23.19
CA GLY B 800 -35.30 31.28 -22.63
C GLY B 800 -35.60 29.84 -22.31
N GLU B 801 -36.85 29.42 -22.55
CA GLU B 801 -37.19 28.01 -22.39
C GLU B 801 -36.35 27.13 -23.30
N ALA B 802 -35.87 27.68 -24.41
CA ALA B 802 -34.98 26.92 -25.26
C ALA B 802 -33.62 26.76 -24.59
N ALA B 803 -33.05 27.86 -24.11
CA ALA B 803 -31.79 27.78 -23.38
C ALA B 803 -31.98 27.07 -22.05
N ALA B 804 -33.11 27.32 -21.38
CA ALA B 804 -33.39 26.64 -20.12
C ALA B 804 -33.39 25.13 -20.29
N SER B 805 -34.01 24.65 -21.38
CA SER B 805 -34.02 23.21 -21.63
C SER B 805 -32.62 22.67 -21.82
N TYR B 806 -31.75 23.45 -22.46
CA TYR B 806 -30.38 22.99 -22.68
C TYR B 806 -29.62 22.90 -21.36
N PHE B 807 -29.64 23.97 -20.57
CA PHE B 807 -28.88 23.97 -19.32
C PHE B 807 -29.44 22.99 -18.30
N ALA B 808 -30.69 22.59 -18.45
CA ALA B 808 -31.27 21.61 -17.54
C ALA B 808 -31.06 20.18 -17.99
N GLY B 809 -30.48 19.97 -19.17
CA GLY B 809 -30.20 18.63 -19.63
C GLY B 809 -31.32 17.95 -20.37
N GLY B 810 -32.39 18.67 -20.70
CA GLY B 810 -33.52 18.08 -21.38
C GLY B 810 -33.28 17.90 -22.86
N LEU B 811 -32.68 18.91 -23.50
CA LEU B 811 -32.40 18.89 -24.92
C LEU B 811 -30.93 19.16 -25.16
N SER B 812 -30.39 18.56 -26.21
CA SER B 812 -29.03 18.88 -26.60
C SER B 812 -28.99 20.26 -27.24
N LEU B 813 -27.79 20.79 -27.38
CA LEU B 813 -27.64 22.14 -27.93
C LEU B 813 -28.17 22.20 -29.34
N ALA B 814 -27.96 21.13 -30.12
CA ALA B 814 -28.46 21.11 -31.48
C ALA B 814 -29.98 21.11 -31.50
N ASP B 815 -30.60 20.22 -30.73
CA ASP B 815 -32.05 20.13 -30.73
C ASP B 815 -32.67 21.39 -30.13
N ALA B 816 -32.06 21.95 -29.09
CA ALA B 816 -32.56 23.19 -28.53
C ALA B 816 -32.50 24.31 -29.55
N THR B 817 -31.46 24.32 -30.39
CA THR B 817 -31.35 25.34 -31.41
C THR B 817 -32.50 25.23 -32.41
N ARG B 818 -33.02 24.02 -32.62
CA ARG B 818 -34.12 23.86 -33.56
C ARG B 818 -35.40 24.49 -33.02
N THR B 819 -35.65 24.34 -31.72
CA THR B 819 -36.85 24.88 -31.12
C THR B 819 -36.93 26.39 -31.29
N ILE B 820 -35.84 27.08 -30.96
CA ILE B 820 -35.81 28.52 -31.09
C ILE B 820 -35.82 28.93 -32.56
N CYS B 821 -35.07 28.21 -33.41
CA CYS B 821 -35.05 28.57 -34.82
C CYS B 821 -36.44 28.46 -35.43
N SER B 822 -37.13 27.35 -35.14
CA SER B 822 -38.47 27.18 -35.68
C SER B 822 -39.43 28.20 -35.09
N ARG B 823 -39.35 28.41 -33.78
CA ARG B 823 -40.24 29.37 -33.11
C ARG B 823 -40.00 30.79 -33.59
N SER B 824 -38.76 31.12 -33.96
CA SER B 824 -38.43 32.48 -34.30
C SER B 824 -39.03 32.87 -35.65
N HIS B 825 -38.75 32.10 -36.69
CA HIS B 825 -39.17 32.52 -38.03
C HIS B 825 -40.66 32.35 -38.22
N LEU B 826 -41.25 31.34 -37.60
CA LEU B 826 -42.70 31.18 -37.69
C LEU B 826 -43.42 32.39 -37.13
N MET B 827 -42.87 33.01 -36.09
CA MET B 827 -43.42 34.29 -35.65
C MET B 827 -43.07 35.40 -36.63
N GLY B 828 -42.02 35.22 -37.42
CA GLY B 828 -41.63 36.20 -38.41
C GLY B 828 -42.67 36.34 -39.50
N GLU B 829 -43.02 35.22 -40.16
CA GLU B 829 -44.02 35.30 -41.22
C GLU B 829 -45.42 35.46 -40.64
N GLY B 830 -45.68 34.92 -39.45
CA GLY B 830 -46.99 35.07 -38.85
C GLY B 830 -47.38 36.52 -38.67
N GLU B 831 -46.42 37.36 -38.29
CA GLU B 831 -46.69 38.78 -38.12
C GLU B 831 -46.99 39.45 -39.45
N ALA B 832 -46.20 39.14 -40.48
CA ALA B 832 -46.37 39.78 -41.77
C ALA B 832 -47.69 39.41 -42.43
N MET B 833 -48.09 38.14 -42.33
CA MET B 833 -49.26 37.66 -43.06
C MET B 833 -50.56 38.34 -42.64
N LEU B 834 -50.59 39.05 -41.51
CA LEU B 834 -51.82 39.67 -41.05
C LEU B 834 -51.69 41.19 -41.07
N PHE B 835 -52.82 41.85 -41.32
CA PHE B 835 -52.88 43.31 -41.38
C PHE B 835 -54.23 43.80 -40.89
N GLY B 836 -54.25 45.00 -40.33
CA GLY B 836 -55.50 45.64 -39.98
C GLY B 836 -56.09 45.23 -38.65
N GLU B 837 -57.30 44.65 -38.69
CA GLU B 837 -58.03 44.31 -37.49
C GLU B 837 -57.63 42.96 -36.92
N TYR B 838 -56.95 42.13 -37.69
CA TYR B 838 -56.51 40.83 -37.19
C TYR B 838 -55.29 40.95 -36.29
N ILE B 839 -54.87 42.16 -35.96
CA ILE B 839 -53.69 42.36 -35.13
C ILE B 839 -54.08 42.25 -33.67
N ARG B 840 -53.12 41.82 -32.84
CA ARG B 840 -53.30 41.71 -31.40
C ARG B 840 -52.18 42.47 -30.73
N LEU B 841 -52.51 43.28 -29.73
CA LEU B 841 -51.51 44.06 -29.04
C LEU B 841 -51.17 43.41 -27.70
N MET B 842 -50.08 43.90 -27.11
CA MET B 842 -49.60 43.40 -25.83
C MET B 842 -49.39 44.58 -24.89
N ALA B 843 -49.73 44.39 -23.62
CA ALA B 843 -49.67 45.50 -22.68
C ALA B 843 -49.38 44.97 -21.29
N LEU B 844 -49.00 45.89 -20.41
CA LEU B 844 -48.73 45.61 -19.02
C LEU B 844 -49.72 46.39 -18.15
N VAL B 845 -50.20 45.74 -17.09
CA VAL B 845 -51.19 46.34 -16.21
C VAL B 845 -50.81 46.02 -14.77
N GLU B 846 -51.31 46.84 -13.86
CA GLU B 846 -50.98 46.74 -12.45
C GLU B 846 -52.00 45.88 -11.72
N TYR B 847 -52.47 44.83 -12.39
CA TYR B 847 -53.44 43.91 -11.83
C TYR B 847 -52.76 42.61 -11.43
N SER B 848 -53.41 41.90 -10.52
CA SER B 848 -52.93 40.62 -10.03
C SER B 848 -53.68 39.49 -10.72
N ALA B 849 -53.13 38.28 -10.61
CA ALA B 849 -53.74 37.13 -11.28
C ALA B 849 -55.18 36.95 -10.83
N ASP B 850 -55.41 36.99 -9.51
CA ASP B 850 -56.77 36.88 -8.99
C ASP B 850 -57.62 38.06 -9.41
N GLU B 851 -57.01 39.24 -9.53
CA GLU B 851 -57.76 40.43 -9.87
C GLU B 851 -58.09 40.50 -11.36
N ILE B 852 -57.32 39.79 -12.20
CA ILE B 852 -57.71 39.65 -13.60
C ILE B 852 -58.98 38.83 -13.71
N LYS B 853 -59.14 37.84 -12.83
CA LYS B 853 -60.28 36.94 -12.90
C LYS B 853 -61.60 37.67 -12.88
N THR B 854 -61.64 38.86 -12.27
CA THR B 854 -62.86 39.65 -12.19
C THR B 854 -62.81 40.91 -13.04
N VAL B 855 -61.92 40.97 -14.03
CA VAL B 855 -61.84 42.11 -14.93
C VAL B 855 -61.98 41.71 -16.38
N PHE B 856 -61.79 40.43 -16.73
CA PHE B 856 -62.01 40.02 -18.10
C PHE B 856 -63.48 39.90 -18.45
N SER B 857 -64.39 40.00 -17.47
CA SER B 857 -65.79 40.11 -17.82
C SER B 857 -66.04 41.35 -18.67
N ASP B 858 -65.26 42.40 -18.42
CA ASP B 858 -65.34 43.61 -19.23
C ASP B 858 -64.95 43.32 -20.67
N TYR B 859 -63.89 42.56 -20.88
CA TYR B 859 -63.34 42.30 -22.20
C TYR B 859 -63.09 40.80 -22.30
N PRO B 860 -63.85 40.07 -23.09
CA PRO B 860 -63.66 38.61 -23.16
C PRO B 860 -62.52 38.20 -24.09
N ASP B 861 -62.21 39.03 -25.08
CA ASP B 861 -61.16 38.65 -26.02
C ASP B 861 -59.80 38.64 -25.35
N LEU B 862 -59.61 39.48 -24.34
CA LEU B 862 -58.31 39.60 -23.69
C LEU B 862 -57.93 38.30 -22.99
N GLU B 863 -56.63 38.04 -22.98
CA GLU B 863 -56.07 36.84 -22.38
C GLU B 863 -54.74 37.21 -21.73
N VAL B 864 -54.35 36.44 -20.73
CA VAL B 864 -53.11 36.68 -19.99
C VAL B 864 -51.94 36.01 -20.71
N CYS B 865 -50.85 36.76 -20.86
CA CYS B 865 -49.67 36.28 -21.54
C CYS B 865 -48.57 35.84 -20.58
N VAL B 866 -48.19 36.71 -19.65
CA VAL B 866 -47.11 36.43 -18.71
C VAL B 866 -47.55 36.88 -17.33
N TYR B 867 -47.38 36.01 -16.33
CA TYR B 867 -47.61 36.39 -14.94
C TYR B 867 -46.30 36.95 -14.42
N ALA B 868 -46.08 38.23 -14.71
CA ALA B 868 -44.78 38.85 -14.44
C ALA B 868 -44.49 38.93 -12.94
N ALA B 869 -45.40 39.51 -12.19
CA ALA B 869 -45.19 39.75 -10.77
C ALA B 869 -46.54 39.66 -10.09
N PRO B 870 -46.57 39.60 -8.76
CA PRO B 870 -47.89 39.50 -8.09
C PRO B 870 -48.80 40.67 -8.38
N THR B 871 -48.27 41.86 -8.60
CA THR B 871 -49.08 43.05 -8.89
C THR B 871 -48.91 43.53 -10.33
N GLN B 872 -48.34 42.72 -11.21
CA GLN B 872 -48.12 43.12 -12.59
C GLN B 872 -48.36 41.91 -13.49
N THR B 873 -49.04 42.14 -14.60
CA THR B 873 -49.39 41.05 -15.51
C THR B 873 -49.44 41.56 -16.93
N VAL B 874 -48.91 40.75 -17.85
CA VAL B 874 -48.88 41.07 -19.27
C VAL B 874 -50.09 40.43 -19.93
N ILE B 875 -50.90 41.25 -20.60
CA ILE B 875 -52.12 40.79 -21.23
C ILE B 875 -52.12 41.29 -22.67
N GLY B 876 -52.90 40.60 -23.50
CA GLY B 876 -52.95 40.94 -24.91
C GLY B 876 -54.27 40.55 -25.53
N GLY B 877 -54.55 41.17 -26.67
CA GLY B 877 -55.78 40.96 -27.38
C GLY B 877 -56.02 42.06 -28.39
N PRO B 878 -57.26 42.17 -28.87
CA PRO B 878 -57.58 43.19 -29.87
C PRO B 878 -57.26 44.58 -29.35
N PRO B 879 -56.77 45.47 -30.23
CA PRO B 879 -56.38 46.81 -29.77
C PRO B 879 -57.49 47.59 -29.10
N ASP B 880 -58.74 47.37 -29.52
CA ASP B 880 -59.85 48.13 -28.94
C ASP B 880 -60.06 47.77 -27.48
N GLN B 881 -59.72 46.54 -27.10
CA GLN B 881 -59.86 46.09 -25.73
C GLN B 881 -58.61 46.34 -24.90
N VAL B 882 -57.52 46.76 -25.54
CA VAL B 882 -56.30 47.03 -24.84
C VAL B 882 -56.04 48.53 -24.72
N ASP B 883 -56.42 49.32 -25.73
CA ASP B 883 -56.31 50.76 -25.61
C ASP B 883 -57.20 51.27 -24.48
N ALA B 884 -58.38 50.66 -24.33
CA ALA B 884 -59.33 51.11 -23.33
C ALA B 884 -58.99 50.59 -21.94
N ILE B 885 -58.62 49.31 -21.81
CA ILE B 885 -58.38 48.76 -20.49
C ILE B 885 -57.20 49.45 -19.81
N ILE B 886 -56.31 50.06 -20.58
CA ILE B 886 -55.30 50.91 -19.98
C ILE B 886 -55.95 52.06 -19.22
N ALA B 887 -57.02 52.62 -19.77
CA ALA B 887 -57.78 53.63 -19.03
C ALA B 887 -58.49 52.99 -17.84
N ARG B 888 -59.03 51.79 -18.04
CA ARG B 888 -59.66 51.05 -16.95
C ARG B 888 -58.70 50.92 -15.77
N ALA B 889 -57.43 50.63 -16.05
CA ALA B 889 -56.44 50.60 -14.97
C ALA B 889 -56.16 51.99 -14.44
N GLU B 890 -56.05 52.98 -15.32
CA GLU B 890 -55.79 54.34 -14.90
C GLU B 890 -56.93 54.91 -14.07
N SER B 891 -58.12 54.32 -14.14
CA SER B 891 -59.22 54.77 -13.31
C SER B 891 -58.88 54.64 -11.83
N GLU B 892 -58.28 53.52 -11.43
CA GLU B 892 -57.90 53.29 -10.05
C GLU B 892 -56.48 53.76 -9.74
N GLY B 893 -55.90 54.61 -10.59
CA GLY B 893 -54.54 55.07 -10.37
C GLY B 893 -53.52 53.97 -10.41
N LYS B 894 -53.69 53.00 -11.31
CA LYS B 894 -52.79 51.87 -11.43
C LYS B 894 -51.84 52.08 -12.61
N PHE B 895 -50.87 51.19 -12.71
CA PHE B 895 -49.86 51.31 -13.74
C PHE B 895 -50.29 50.54 -14.98
N ALA B 896 -49.91 51.08 -16.14
CA ALA B 896 -50.21 50.45 -17.41
C ALA B 896 -49.20 50.89 -18.44
N ARG B 897 -49.00 50.04 -19.45
CA ARG B 897 -48.09 50.34 -20.54
C ARG B 897 -48.41 49.42 -21.69
N LYS B 898 -48.19 49.92 -22.90
CA LYS B 898 -48.48 49.20 -24.13
C LYS B 898 -47.17 48.90 -24.83
N PHE B 899 -46.91 47.63 -25.08
CA PHE B 899 -45.70 47.25 -25.77
C PHE B 899 -45.74 47.73 -27.22
N GLN B 900 -44.55 47.82 -27.82
CA GLN B 900 -44.40 48.21 -29.22
C GLN B 900 -43.87 47.07 -30.09
N THR B 901 -44.06 45.83 -29.66
CA THR B 901 -43.76 44.66 -30.48
C THR B 901 -45.02 43.84 -30.66
N LYS B 902 -45.27 43.42 -31.90
CA LYS B 902 -46.54 42.80 -32.26
C LYS B 902 -46.41 41.31 -32.51
N GLY B 903 -45.33 40.69 -32.04
CA GLY B 903 -45.22 39.25 -32.15
C GLY B 903 -46.42 38.51 -31.57
N ALA B 904 -47.00 39.05 -30.50
CA ALA B 904 -48.23 38.55 -29.92
C ALA B 904 -48.13 37.05 -29.62
N SER B 905 -47.10 36.70 -28.85
CA SER B 905 -46.92 35.32 -28.46
C SER B 905 -47.81 34.99 -27.26
N HIS B 906 -48.03 33.69 -27.06
CA HIS B 906 -48.90 33.20 -25.99
C HIS B 906 -50.31 33.75 -26.14
N THR B 907 -50.70 34.05 -27.36
CA THR B 907 -52.02 34.57 -27.70
C THR B 907 -52.67 33.66 -28.72
N GLN B 908 -53.86 34.07 -29.17
CA GLN B 908 -54.59 33.27 -30.14
C GLN B 908 -53.96 33.37 -31.52
N GLN B 909 -53.09 34.35 -31.74
CA GLN B 909 -52.42 34.49 -33.03
C GLN B 909 -51.54 33.30 -33.36
N MET B 910 -51.19 32.50 -32.36
CA MET B 910 -50.28 31.38 -32.59
C MET B 910 -51.01 30.11 -32.98
N ASP B 911 -52.34 30.15 -33.02
CA ASP B 911 -53.11 28.97 -33.41
C ASP B 911 -52.78 28.48 -34.82
N PRO B 912 -52.70 29.34 -35.85
CA PRO B 912 -52.30 28.83 -37.17
C PRO B 912 -50.88 28.29 -37.21
N LEU B 913 -50.03 28.71 -36.30
CA LEU B 913 -48.63 28.32 -36.35
C LEU B 913 -48.35 26.99 -35.66
N LEU B 914 -49.26 26.52 -34.82
CA LEU B 914 -49.01 25.31 -34.05
C LEU B 914 -48.77 24.10 -34.95
N GLY B 915 -49.49 24.01 -36.07
CA GLY B 915 -49.31 22.87 -36.94
C GLY B 915 -47.90 22.80 -37.52
N GLU B 916 -47.39 23.92 -38.01
CA GLU B 916 -46.05 23.91 -38.59
C GLU B 916 -44.99 23.63 -37.53
N LEU B 917 -45.20 24.11 -36.31
CA LEU B 917 -44.22 23.91 -35.26
C LEU B 917 -44.04 22.43 -34.95
N ALA B 918 -45.14 21.67 -34.97
CA ALA B 918 -45.02 20.23 -34.75
C ALA B 918 -44.25 19.56 -35.86
N ALA B 919 -44.49 19.98 -37.10
CA ALA B 919 -43.76 19.41 -38.24
C ALA B 919 -42.27 19.72 -38.16
N GLU B 920 -41.93 20.99 -37.94
CA GLU B 920 -40.53 21.40 -37.95
C GLU B 920 -39.76 20.81 -36.78
N LEU B 921 -40.41 20.53 -35.67
CA LEU B 921 -39.74 20.04 -34.48
C LEU B 921 -39.78 18.52 -34.36
N GLN B 922 -40.36 17.84 -35.34
CA GLN B 922 -40.42 16.39 -35.31
C GLN B 922 -39.01 15.83 -35.50
N GLY B 923 -38.47 15.20 -34.46
CA GLY B 923 -37.16 14.61 -34.55
C GLY B 923 -36.26 14.97 -33.38
N ILE B 924 -36.76 15.77 -32.45
CA ILE B 924 -35.98 16.16 -31.29
C ILE B 924 -36.08 15.06 -30.24
N GLU B 925 -35.00 14.88 -29.49
CA GLU B 925 -34.91 13.77 -28.54
C GLU B 925 -34.90 14.28 -27.11
N PRO B 926 -36.04 14.28 -26.42
CA PRO B 926 -36.03 14.70 -25.02
C PRO B 926 -35.22 13.73 -24.17
N LYS B 927 -34.64 14.26 -23.11
CA LYS B 927 -33.80 13.52 -22.18
C LYS B 927 -34.25 13.83 -20.76
N PRO B 928 -33.94 12.95 -19.80
CA PRO B 928 -34.25 13.27 -18.40
C PRO B 928 -33.51 14.51 -17.94
N LEU B 929 -33.96 15.06 -16.82
CA LEU B 929 -33.41 16.31 -16.31
C LEU B 929 -32.28 16.04 -15.34
N THR B 930 -31.20 16.81 -15.48
CA THR B 930 -30.06 16.72 -14.59
C THR B 930 -30.07 17.75 -13.48
N THR B 931 -30.92 18.78 -13.56
CA THR B 931 -31.03 19.79 -12.51
C THR B 931 -32.50 20.12 -12.32
N GLY B 932 -32.80 20.73 -11.17
CA GLY B 932 -34.18 21.12 -10.91
C GLY B 932 -34.69 22.01 -12.02
N TYR B 933 -36.01 22.02 -12.19
CA TYR B 933 -36.60 22.78 -13.29
C TYR B 933 -37.95 23.31 -12.86
N PHE B 934 -38.05 24.63 -12.73
CA PHE B 934 -39.31 25.29 -12.43
C PHE B 934 -39.96 25.68 -13.74
N SER B 935 -40.79 24.79 -14.28
CA SER B 935 -41.35 25.03 -15.60
C SER B 935 -42.43 26.08 -15.52
N THR B 936 -42.30 27.13 -16.32
CA THR B 936 -43.34 28.15 -16.41
C THR B 936 -44.46 27.74 -17.34
N VAL B 937 -44.20 26.80 -18.25
CA VAL B 937 -45.26 26.24 -19.07
C VAL B 937 -46.23 25.44 -18.23
N HIS B 938 -45.70 24.63 -17.32
CA HIS B 938 -46.53 23.79 -16.45
C HIS B 938 -46.80 24.49 -15.12
N GLU B 939 -47.44 25.65 -15.23
CA GLU B 939 -48.00 26.39 -14.09
C GLU B 939 -46.96 26.67 -13.00
N GLY B 940 -45.69 26.75 -13.37
CA GLY B 940 -44.68 27.12 -12.41
C GLY B 940 -44.39 26.06 -11.39
N THR B 941 -44.70 24.80 -11.69
CA THR B 941 -44.44 23.70 -10.78
C THR B 941 -42.99 23.29 -10.85
N PHE B 942 -42.53 22.61 -9.79
CA PHE B 942 -41.16 22.18 -9.68
C PHE B 942 -41.02 20.74 -10.15
N ILE B 943 -39.97 20.48 -10.92
CA ILE B 943 -39.68 19.16 -11.45
C ILE B 943 -38.34 18.72 -10.90
N ARG B 944 -38.33 17.61 -10.17
CA ARG B 944 -37.10 17.14 -9.56
C ARG B 944 -36.12 16.62 -10.61
N PRO B 945 -34.83 16.70 -10.35
CA PRO B 945 -33.84 16.16 -11.28
C PRO B 945 -34.00 14.65 -11.44
N GLY B 946 -33.69 14.17 -12.62
CA GLY B 946 -33.76 12.74 -12.89
C GLY B 946 -35.12 12.23 -13.26
N SER B 947 -36.11 13.10 -13.41
CA SER B 947 -37.45 12.66 -13.75
C SER B 947 -37.54 12.36 -15.25
N ALA B 948 -38.73 11.96 -15.69
CA ALA B 948 -38.91 11.60 -17.08
C ALA B 948 -38.79 12.82 -17.98
N PRO B 949 -38.32 12.65 -19.21
CA PRO B 949 -38.22 13.77 -20.15
C PRO B 949 -39.55 14.51 -20.29
N ILE B 950 -39.46 15.83 -20.43
CA ILE B 950 -40.64 16.67 -20.57
C ILE B 950 -40.63 17.49 -21.85
N HIS B 951 -39.49 17.60 -22.52
CA HIS B 951 -39.34 18.56 -23.62
C HIS B 951 -39.70 17.89 -24.95
N ASP B 952 -40.94 17.42 -25.03
CA ASP B 952 -41.50 16.89 -26.25
C ASP B 952 -42.23 17.98 -27.01
N VAL B 953 -42.62 17.66 -28.24
CA VAL B 953 -43.22 18.66 -29.11
C VAL B 953 -44.47 19.26 -28.47
N ASP B 954 -45.23 18.43 -27.77
CA ASP B 954 -46.41 18.94 -27.06
C ASP B 954 -46.04 19.99 -26.03
N TYR B 955 -44.88 19.82 -25.38
CA TYR B 955 -44.41 20.84 -24.44
C TYR B 955 -44.17 22.16 -25.16
N TRP B 956 -43.56 22.11 -26.34
CA TRP B 956 -43.24 23.34 -27.05
C TRP B 956 -44.48 23.96 -27.66
N LYS B 957 -45.43 23.13 -28.09
CA LYS B 957 -46.70 23.66 -28.58
C LYS B 957 -47.40 24.45 -27.49
N LYS B 958 -47.44 23.89 -26.28
CA LYS B 958 -48.15 24.53 -25.18
C LYS B 958 -47.54 25.89 -24.85
N GLY B 959 -46.23 25.93 -24.64
CA GLY B 959 -45.57 27.15 -24.25
C GLY B 959 -45.75 28.29 -25.23
N LEU B 960 -45.78 27.98 -26.52
CA LEU B 960 -45.95 29.05 -27.50
C LEU B 960 -47.40 29.49 -27.63
N ARG B 961 -48.32 28.81 -26.97
CA ARG B 961 -49.74 29.11 -27.04
C ARG B 961 -50.31 29.69 -25.76
N HIS B 962 -49.94 29.16 -24.61
CA HIS B 962 -50.58 29.53 -23.36
C HIS B 962 -49.67 30.45 -22.55
N SER B 963 -50.16 30.81 -21.37
CA SER B 963 -49.54 31.84 -20.55
C SER B 963 -48.22 31.33 -19.96
N VAL B 964 -47.49 32.26 -19.38
CA VAL B 964 -46.20 32.01 -18.74
C VAL B 964 -46.39 32.23 -17.26
N TYR B 965 -46.20 31.18 -16.47
CA TYR B 965 -46.35 31.27 -15.03
C TYR B 965 -45.00 31.61 -14.41
N PHE B 966 -44.59 32.85 -14.62
CA PHE B 966 -43.30 33.29 -14.12
C PHE B 966 -43.32 33.56 -12.62
N THR B 967 -44.29 34.34 -12.16
CA THR B 967 -44.31 34.68 -10.74
C THR B 967 -44.56 33.43 -9.90
N GLN B 968 -45.42 32.52 -10.38
CA GLN B 968 -45.65 31.29 -9.63
C GLN B 968 -44.38 30.45 -9.55
N GLY B 969 -43.66 30.34 -10.66
CA GLY B 969 -42.42 29.57 -10.64
C GLY B 969 -41.38 30.15 -9.69
N ILE B 970 -41.25 31.47 -9.70
CA ILE B 970 -40.29 32.12 -8.80
C ILE B 970 -40.67 31.83 -7.36
N ARG B 971 -41.93 32.09 -7.00
CA ARG B 971 -42.35 31.88 -5.62
C ARG B 971 -42.15 30.44 -5.19
N ASN B 972 -42.39 29.49 -6.09
CA ASN B 972 -42.14 28.09 -5.75
C ASN B 972 -40.67 27.88 -5.45
N ALA B 973 -39.80 28.57 -6.15
CA ALA B 973 -38.37 28.43 -5.88
C ALA B 973 -38.03 29.02 -4.52
N VAL B 974 -38.63 30.14 -4.16
CA VAL B 974 -38.38 30.73 -2.85
C VAL B 974 -38.85 29.79 -1.75
N ASP B 975 -40.00 29.14 -1.95
CA ASP B 975 -40.46 28.18 -0.97
C ASP B 975 -39.52 26.99 -0.84
N ASN B 976 -38.87 26.60 -1.93
CA ASN B 976 -37.87 25.53 -1.84
C ASN B 976 -36.60 25.99 -1.15
N GLY B 977 -36.47 27.26 -0.84
CA GLY B 977 -35.34 27.75 -0.09
C GLY B 977 -34.28 28.44 -0.91
N HIS B 978 -34.54 28.70 -2.17
CA HIS B 978 -33.57 29.35 -3.03
C HIS B 978 -33.56 30.85 -2.76
N THR B 979 -32.38 31.44 -2.76
CA THR B 979 -32.23 32.86 -2.49
C THR B 979 -31.36 33.58 -3.49
N THR B 980 -30.59 32.88 -4.31
CA THR B 980 -29.71 33.49 -5.29
C THR B 980 -30.31 33.27 -6.67
N PHE B 981 -30.44 34.36 -7.42
CA PHE B 981 -31.01 34.32 -8.75
C PHE B 981 -30.06 34.99 -9.72
N LEU B 982 -29.62 34.24 -10.72
CA LEU B 982 -28.65 34.71 -11.70
C LEU B 982 -29.34 34.91 -13.04
N GLU B 983 -29.14 36.09 -13.62
CA GLU B 983 -29.81 36.48 -14.85
C GLU B 983 -28.84 36.45 -16.02
N LEU B 984 -29.05 35.51 -16.92
CA LEU B 984 -28.24 35.37 -18.13
C LEU B 984 -28.98 36.10 -19.23
N ALA B 985 -28.49 37.28 -19.61
CA ALA B 985 -29.12 38.07 -20.66
C ALA B 985 -28.18 39.21 -21.02
N PRO B 986 -28.35 39.81 -22.19
CA PRO B 986 -27.54 40.97 -22.55
C PRO B 986 -27.85 42.19 -21.71
N ASN B 987 -28.96 42.19 -20.98
CA ASN B 987 -29.35 43.32 -20.16
C ASN B 987 -30.31 42.81 -19.10
N PRO B 988 -30.14 43.20 -17.84
CA PRO B 988 -31.03 42.71 -16.79
C PRO B 988 -32.38 43.38 -16.84
N VAL B 989 -33.38 42.66 -17.32
CA VAL B 989 -34.73 43.19 -17.44
C VAL B 989 -35.66 42.41 -16.53
N ALA B 990 -35.30 41.17 -16.23
CA ALA B 990 -36.14 40.32 -15.40
C ALA B 990 -35.74 40.33 -13.93
N LEU B 991 -34.54 40.80 -13.61
CA LEU B 991 -34.14 40.84 -12.21
C LEU B 991 -35.02 41.78 -11.39
N MET B 992 -35.50 42.86 -12.00
CA MET B 992 -36.44 43.71 -11.29
C MET B 992 -37.76 43.01 -11.05
N GLN B 993 -38.15 42.12 -11.96
CA GLN B 993 -39.39 41.38 -11.78
C GLN B 993 -39.22 40.30 -10.73
N VAL B 994 -38.06 39.64 -10.71
CA VAL B 994 -37.80 38.64 -9.69
C VAL B 994 -37.71 39.27 -8.32
N GLY B 995 -37.18 40.49 -8.25
CA GLY B 995 -37.12 41.19 -6.98
C GLY B 995 -38.47 41.40 -6.36
N LEU B 996 -39.47 41.71 -7.17
CA LEU B 996 -40.82 41.94 -6.65
C LEU B 996 -41.41 40.66 -6.08
N THR B 997 -41.21 39.53 -6.77
CA THR B 997 -41.79 38.29 -6.28
C THR B 997 -41.15 37.84 -4.98
N THR B 998 -39.83 38.01 -4.85
CA THR B 998 -39.15 37.55 -3.65
C THR B 998 -39.59 38.38 -2.44
N ALA B 999 -39.69 39.70 -2.60
CA ALA B 999 -40.16 40.52 -1.49
C ALA B 999 -41.54 40.10 -1.05
N SER B 1000 -42.43 39.89 -2.03
CA SER B 1000 -43.80 39.44 -1.73
C SER B 1000 -43.81 38.09 -1.02
N ALA B 1001 -42.79 37.27 -1.25
CA ALA B 1001 -42.71 35.97 -0.62
C ALA B 1001 -42.02 36.01 0.74
N GLY B 1002 -41.61 37.18 1.19
CA GLY B 1002 -40.95 37.31 2.48
C GLY B 1002 -39.47 37.00 2.38
N LEU B 1003 -38.79 37.70 1.48
CA LEU B 1003 -37.36 37.54 1.28
C LEU B 1003 -36.84 38.90 0.86
N HIS B 1004 -36.30 39.66 1.81
CA HIS B 1004 -35.79 41.00 1.53
C HIS B 1004 -34.28 41.05 1.42
N ASP B 1005 -33.63 39.90 1.24
CA ASP B 1005 -32.18 39.87 1.11
C ASP B 1005 -31.75 38.91 0.01
N ALA B 1006 -32.59 38.72 -1.00
CA ALA B 1006 -32.25 37.78 -2.07
C ALA B 1006 -31.04 38.27 -2.84
N GLN B 1007 -30.29 37.33 -3.37
CA GLN B 1007 -29.13 37.64 -4.19
C GLN B 1007 -29.55 37.68 -5.65
N LEU B 1008 -29.46 38.85 -6.26
CA LEU B 1008 -29.90 39.05 -7.64
C LEU B 1008 -28.68 39.52 -8.40
N ILE B 1009 -28.15 38.66 -9.25
CA ILE B 1009 -26.87 38.88 -9.91
C ILE B 1009 -27.12 39.05 -11.40
N ALA B 1010 -26.69 40.18 -11.94
CA ALA B 1010 -26.72 40.42 -13.37
C ALA B 1010 -25.41 39.99 -13.99
N THR B 1011 -25.43 39.79 -15.31
CA THR B 1011 -24.27 39.35 -16.06
C THR B 1011 -23.76 40.42 -17.00
N LEU B 1012 -24.60 40.92 -17.89
CA LEU B 1012 -24.21 42.01 -18.78
C LEU B 1012 -25.25 43.09 -18.68
N ALA B 1013 -24.83 44.32 -18.97
CA ALA B 1013 -25.72 45.46 -18.88
C ALA B 1013 -25.27 46.51 -19.87
N ARG B 1014 -26.26 47.14 -20.52
CA ARG B 1014 -25.97 48.27 -21.37
C ARG B 1014 -25.25 49.36 -20.59
N LYS B 1015 -24.31 50.03 -21.25
CA LYS B 1015 -23.52 51.13 -20.70
C LYS B 1015 -22.50 50.68 -19.68
N GLN B 1016 -22.27 49.37 -19.55
CA GLN B 1016 -21.28 48.84 -18.62
C GLN B 1016 -20.33 47.91 -19.34
N ASP B 1017 -19.06 47.98 -18.97
CA ASP B 1017 -18.08 47.11 -19.59
C ASP B 1017 -18.48 45.65 -19.40
N GLU B 1018 -18.15 44.83 -20.39
CA GLU B 1018 -18.64 43.46 -20.39
C GLU B 1018 -17.68 42.52 -19.67
N VAL B 1019 -16.38 42.67 -19.88
CA VAL B 1019 -15.42 41.84 -19.18
C VAL B 1019 -15.52 42.10 -17.67
N GLU B 1020 -15.60 43.37 -17.29
CA GLU B 1020 -15.74 43.69 -15.87
C GLU B 1020 -17.05 43.16 -15.31
N SER B 1021 -18.13 43.23 -16.10
CA SER B 1021 -19.42 42.77 -15.61
C SER B 1021 -19.39 41.28 -15.32
N MET B 1022 -18.73 40.51 -16.16
CA MET B 1022 -18.68 39.07 -15.92
C MET B 1022 -17.78 38.73 -14.74
N ILE B 1023 -16.69 39.47 -14.55
CA ILE B 1023 -15.86 39.24 -13.38
C ILE B 1023 -16.65 39.55 -12.12
N SER B 1024 -17.39 40.66 -12.13
CA SER B 1024 -18.19 41.01 -10.95
C SER B 1024 -19.24 39.96 -10.67
N ALA B 1025 -19.86 39.42 -11.72
CA ALA B 1025 -20.88 38.39 -11.54
C ALA B 1025 -20.27 37.14 -10.92
N MET B 1026 -19.14 36.71 -11.45
CA MET B 1026 -18.48 35.52 -10.91
C MET B 1026 -18.01 35.75 -9.48
N ALA B 1027 -17.52 36.96 -9.18
CA ALA B 1027 -17.08 37.26 -7.82
C ALA B 1027 -18.22 37.12 -6.84
N GLN B 1028 -19.42 37.57 -7.22
CA GLN B 1028 -20.55 37.50 -6.30
C GLN B 1028 -20.92 36.05 -6.00
N LEU B 1029 -20.89 35.18 -7.00
CA LEU B 1029 -21.19 33.78 -6.76
C LEU B 1029 -20.20 33.18 -5.79
N TYR B 1030 -18.93 33.53 -5.93
CA TYR B 1030 -17.89 33.01 -5.05
C TYR B 1030 -18.10 33.47 -3.62
N VAL B 1031 -18.45 34.74 -3.43
CA VAL B 1031 -18.59 35.30 -2.09
C VAL B 1031 -19.70 34.62 -1.31
N HIS B 1032 -20.73 34.14 -1.99
CA HIS B 1032 -21.83 33.50 -1.29
C HIS B 1032 -21.69 31.99 -1.21
N GLY B 1033 -20.57 31.44 -1.65
CA GLY B 1033 -20.29 30.05 -1.45
C GLY B 1033 -20.68 29.12 -2.56
N HIS B 1034 -21.17 29.65 -3.67
CA HIS B 1034 -21.59 28.81 -4.78
C HIS B 1034 -20.38 28.27 -5.53
N ASP B 1035 -20.60 27.19 -6.26
CA ASP B 1035 -19.53 26.52 -6.99
C ASP B 1035 -18.87 27.47 -7.96
N LEU B 1036 -17.57 27.67 -7.78
CA LEU B 1036 -16.78 28.49 -8.70
C LEU B 1036 -15.30 28.31 -8.42
N ASP B 1037 -14.53 27.92 -9.43
CA ASP B 1037 -13.09 27.73 -9.26
C ASP B 1037 -12.45 29.08 -9.50
N PHE B 1038 -12.01 29.72 -8.42
CA PHE B 1038 -11.41 31.04 -8.56
C PHE B 1038 -10.07 30.97 -9.28
N ARG B 1039 -9.39 29.83 -9.22
CA ARG B 1039 -8.10 29.70 -9.90
C ARG B 1039 -8.23 29.85 -11.40
N THR B 1040 -9.41 29.58 -11.97
CA THR B 1040 -9.60 29.71 -13.40
C THR B 1040 -9.53 31.16 -13.88
N LEU B 1041 -9.75 32.12 -12.99
CA LEU B 1041 -9.69 33.51 -13.38
C LEU B 1041 -8.26 34.00 -13.58
N PHE B 1042 -7.27 33.20 -13.23
CA PHE B 1042 -5.86 33.59 -13.35
C PHE B 1042 -5.09 32.48 -14.06
N PRO B 1043 -5.37 32.25 -15.33
CA PRO B 1043 -4.65 31.20 -16.06
C PRO B 1043 -3.17 31.54 -16.23
N ARG B 1044 -2.33 30.53 -16.02
CA ARG B 1044 -0.89 30.69 -16.14
C ARG B 1044 -0.52 31.01 -17.58
N ARG B 1045 0.25 32.08 -17.76
CA ARG B 1045 0.65 32.51 -19.09
C ARG B 1045 2.09 32.13 -19.43
N SER B 1046 2.88 31.75 -18.45
CA SER B 1046 4.28 31.37 -18.62
C SER B 1046 4.47 29.90 -18.24
N LYS B 1047 5.64 29.37 -18.60
CA LYS B 1047 5.97 27.99 -18.29
C LYS B 1047 6.46 27.78 -16.86
N LEU B 1053 7.66 34.73 -11.99
CA LEU B 1053 6.96 35.90 -11.49
C LEU B 1053 5.45 35.77 -11.60
N ASP B 1054 4.94 34.59 -11.96
CA ASP B 1054 3.49 34.41 -12.03
C ASP B 1054 2.86 34.62 -10.68
N PHE B 1055 3.60 34.39 -9.61
CA PHE B 1055 3.11 34.44 -8.25
C PHE B 1055 3.85 35.50 -7.45
N ALA B 1056 3.13 36.10 -6.53
CA ALA B 1056 3.71 37.11 -5.65
C ALA B 1056 3.94 36.51 -4.27
N ASN B 1057 4.79 37.17 -3.50
CA ASN B 1057 5.14 36.70 -2.17
C ASN B 1057 4.25 37.37 -1.12
N ILE B 1058 2.98 37.03 -1.18
CA ILE B 1058 1.98 37.60 -0.29
C ILE B 1058 2.18 37.02 1.11
N PRO B 1059 1.69 37.69 2.16
CA PRO B 1059 1.91 37.18 3.51
C PRO B 1059 1.23 35.84 3.70
N PRO B 1060 1.78 34.98 4.52
CA PRO B 1060 1.16 33.68 4.76
C PRO B 1060 0.07 33.75 5.81
N THR B 1061 -0.75 32.71 5.82
CA THR B 1061 -1.81 32.60 6.81
C THR B 1061 -1.23 32.63 8.22
N ARG B 1062 -1.85 33.44 9.08
CA ARG B 1062 -1.36 33.65 10.43
C ARG B 1062 -2.23 32.88 11.42
N PHE B 1063 -1.59 32.38 12.47
CA PHE B 1063 -2.27 31.61 13.50
C PHE B 1063 -2.18 32.35 14.82
N LYS B 1064 -3.19 32.16 15.64
CA LYS B 1064 -3.26 32.75 16.97
C LYS B 1064 -3.03 31.62 17.96
N ARG B 1065 -1.79 31.41 18.33
CA ARG B 1065 -1.42 30.30 19.19
C ARG B 1065 -1.74 30.58 20.65
N LYS B 1066 -2.31 29.59 21.31
CA LYS B 1066 -2.60 29.63 22.73
C LYS B 1066 -1.94 28.46 23.42
N GLU B 1067 -1.68 28.62 24.71
CA GLU B 1067 -0.99 27.61 25.49
C GLU B 1067 -1.94 26.52 25.92
N HIS B 1068 -1.68 25.29 25.48
CA HIS B 1068 -2.45 24.12 25.88
C HIS B 1068 -1.50 23.04 26.36
N TRP B 1069 -1.73 22.55 27.56
CA TRP B 1069 -0.85 21.57 28.19
C TRP B 1069 -1.61 20.90 29.31
N LEU B 1070 -1.00 19.85 29.85
CA LEU B 1070 -1.57 19.15 30.99
C LEU B 1070 -0.82 19.48 32.26
N PRO B 1071 -1.51 19.83 33.34
CA PRO B 1071 -0.85 20.07 34.63
C PRO B 1071 -0.59 18.74 35.32
N ALA B 1072 0.68 18.42 35.53
CA ALA B 1072 1.05 17.10 36.05
C ALA B 1072 2.26 17.22 36.96
N HIS B 1073 2.41 16.23 37.84
CA HIS B 1073 3.55 16.17 38.74
C HIS B 1073 3.92 14.71 38.97
N PHE B 1074 5.14 14.51 39.47
CA PHE B 1074 5.73 13.18 39.65
C PHE B 1074 5.83 12.46 38.32
C1 UNL C . -10.70 0.72 17.58
O2 UNL C . -11.56 1.62 17.51
C2 UNL C . -10.04 0.48 18.95
C3 UNL C . -8.92 1.50 19.15
C4 UNL C . -8.15 1.33 20.46
C5 UNL C . -7.10 2.44 20.50
C6 UNL C . -6.52 2.60 21.90
C7 UNL C . -5.39 3.62 21.85
C8 UNL C . -4.89 3.94 23.26
C9 UNL C . -3.77 4.98 23.18
C10 UNL C . -3.21 5.25 24.57
C11 UNL C . -3.92 6.39 25.29
C12 UNL C . -3.35 6.47 26.70
C13 UNL C . -4.44 6.13 27.70
C14 UNL C . -4.92 7.38 28.43
C15 UNL C . -6.34 7.12 28.92
C16 UNL C . -6.60 7.81 30.24
C17 UNL C . -8.11 7.79 30.51
C18 UNL C . -8.37 7.79 32.01
C1 UNL D . 16.09 5.45 16.05
O2 UNL D . 16.97 4.59 16.27
C2 UNL D . 15.50 6.17 17.26
C3 UNL D . 14.43 5.31 17.91
C4 UNL D . 13.74 5.96 19.11
C5 UNL D . 12.73 4.95 19.64
C6 UNL D . 12.23 5.33 21.03
C7 UNL D . 11.14 4.36 21.45
C8 UNL D . 10.73 4.59 22.89
C9 UNL D . 9.63 3.60 23.28
C10 UNL D . 9.17 3.88 24.71
C11 UNL D . 9.95 3.09 25.77
C12 UNL D . 9.47 3.57 27.13
C13 UNL D . 10.61 4.27 27.85
C14 UNL D . 11.16 3.40 28.97
C15 UNL D . 12.60 3.84 29.23
C16 UNL D . 12.96 3.71 30.70
C17 UNL D . 14.49 3.83 30.84
C18 UNL D . 14.83 4.41 32.20
#